data_1SVM
#
_entry.id   1SVM
#
_cell.length_a   125.021
_cell.length_b   89.377
_cell.length_c   148.506
_cell.angle_alpha   90.00
_cell.angle_beta   91.31
_cell.angle_gamma   90.00
#
_symmetry.space_group_name_H-M   'P 1 21 1'
#
loop_
_entity.id
_entity.type
_entity.pdbx_description
1 polymer 'large T antigen'
2 non-polymer 'ZINC ION'
3 non-polymer 'MAGNESIUM ION'
4 non-polymer "ADENOSINE-5'-TRIPHOSPHATE"
5 water water
#
_entity_poly.entity_id   1
_entity_poly.type   'polypeptide(L)'
_entity_poly.pdbx_seq_one_letter_code
;GLKEHDFNPEEAEETKQVSWKLVTEYAMETKCDDVLLLLGMYLEFQYSFEMCLKCIKKEQPSHYKYHEKHYANAAIFADS
KNQKTICQQAVDTVLAKKRVDSLQLTREQMLTNRFNDLLDRMDIMFGSTGSADIEEWMAGVAWLHCLLPKMDSVVYDFLK
CMVYNIPKKRYWLFKGPIDSGKTTLAAALLELCGGKALNVNLPLDRLNFELGVAIDQFLVVFEDVKGTGGESRDLPSGQG
INNLDNLRDYLDGSVKVNLEKKHLNKRTQIFPPGIVTMNEYSVPKTLQARFVKQIDFRPKDYLKHCLERSEFLLEKRIIQ
SGIALLLMLIWYRPVAEFAQSIQSRIVEWKERLDKEFSLSVYQKMKFNVAMGIGVLD
;
_entity_poly.pdbx_strand_id   A,B,C,D,E,F
#
loop_
_chem_comp.id
_chem_comp.type
_chem_comp.name
_chem_comp.formula
ATP non-polymer ADENOSINE-5'-TRIPHOSPHATE 'C10 H16 N5 O13 P3'
MG non-polymer 'MAGNESIUM ION' 'Mg 2'
ZN non-polymer 'ZINC ION' 'Zn 2'
#
# COMPACT_ATOMS: atom_id res chain seq x y z
N LYS A 16 37.16 8.38 -18.88
CA LYS A 16 36.22 8.57 -20.01
C LYS A 16 34.81 8.13 -19.61
N GLN A 17 34.51 6.85 -19.82
CA GLN A 17 33.20 6.31 -19.46
C GLN A 17 33.36 5.23 -18.40
N VAL A 18 32.46 5.23 -17.43
CA VAL A 18 32.52 4.24 -16.35
C VAL A 18 32.18 2.84 -16.88
N SER A 19 32.86 1.84 -16.35
CA SER A 19 32.59 0.46 -16.75
C SER A 19 31.63 -0.14 -15.73
N TRP A 20 30.38 -0.35 -16.15
CA TRP A 20 29.37 -0.94 -15.28
C TRP A 20 29.79 -2.36 -14.95
N LYS A 21 30.36 -3.03 -15.95
CA LYS A 21 30.82 -4.41 -15.81
C LYS A 21 31.82 -4.60 -14.68
N LEU A 22 32.73 -3.64 -14.50
CA LEU A 22 33.72 -3.72 -13.43
C LEU A 22 33.09 -3.58 -12.06
N VAL A 23 32.09 -2.70 -11.95
CA VAL A 23 31.41 -2.52 -10.68
C VAL A 23 30.69 -3.84 -10.38
N THR A 24 30.06 -4.40 -11.39
CA THR A 24 29.34 -5.67 -11.23
C THR A 24 30.31 -6.76 -10.79
N GLU A 25 31.49 -6.80 -11.41
CA GLU A 25 32.51 -7.80 -11.06
C GLU A 25 32.90 -7.67 -9.58
N TYR A 26 33.09 -6.44 -9.11
CA TYR A 26 33.45 -6.22 -7.70
C TYR A 26 32.34 -6.75 -6.78
N ALA A 27 31.09 -6.44 -7.12
CA ALA A 27 29.96 -6.87 -6.31
C ALA A 27 29.88 -8.41 -6.28
N MET A 28 30.10 -9.04 -7.42
CA MET A 28 30.06 -10.50 -7.52
C MET A 28 31.16 -11.13 -6.66
N GLU A 29 32.36 -10.58 -6.75
CA GLU A 29 33.48 -11.10 -5.98
C GLU A 29 33.31 -10.95 -4.48
N THR A 30 32.65 -9.87 -4.06
CA THR A 30 32.43 -9.63 -2.64
C THR A 30 31.03 -10.10 -2.24
N LYS A 31 30.31 -10.68 -3.20
CA LYS A 31 28.94 -11.16 -2.97
C LYS A 31 28.08 -10.09 -2.31
N CYS A 32 28.25 -8.85 -2.76
CA CYS A 32 27.52 -7.74 -2.20
C CYS A 32 26.13 -7.57 -2.83
N ASP A 33 25.10 -7.77 -2.04
CA ASP A 33 23.73 -7.66 -2.53
C ASP A 33 23.02 -6.46 -1.90
N ASP A 34 23.81 -5.54 -1.36
CA ASP A 34 23.29 -4.34 -0.72
C ASP A 34 23.73 -3.14 -1.55
N VAL A 35 22.78 -2.47 -2.20
CA VAL A 35 23.11 -1.33 -3.06
C VAL A 35 23.86 -0.22 -2.36
N LEU A 36 23.40 0.18 -1.16
CA LEU A 36 24.07 1.25 -0.43
C LEU A 36 25.47 0.85 -0.02
N LEU A 37 25.64 -0.40 0.41
CA LEU A 37 26.95 -0.87 0.81
C LEU A 37 27.89 -0.87 -0.39
N LEU A 38 27.39 -1.33 -1.55
CA LEU A 38 28.20 -1.36 -2.77
C LEU A 38 28.63 0.06 -3.13
N LEU A 39 27.66 0.97 -3.15
CA LEU A 39 27.95 2.36 -3.47
C LEU A 39 29.03 2.93 -2.54
N GLY A 40 28.88 2.70 -1.24
CA GLY A 40 29.84 3.20 -0.28
C GLY A 40 31.23 2.59 -0.46
N MET A 41 31.27 1.29 -0.72
CA MET A 41 32.53 0.59 -0.90
C MET A 41 33.25 1.05 -2.16
N TYR A 42 32.52 1.15 -3.28
CA TYR A 42 33.17 1.55 -4.52
C TYR A 42 33.68 2.98 -4.47
N LEU A 43 32.95 3.85 -3.78
CA LEU A 43 33.38 5.24 -3.69
C LEU A 43 34.72 5.36 -2.94
N GLU A 44 35.01 4.38 -2.09
CA GLU A 44 36.28 4.40 -1.35
C GLU A 44 37.47 4.15 -2.27
N PHE A 45 37.21 3.58 -3.45
CA PHE A 45 38.28 3.29 -4.39
C PHE A 45 38.67 4.47 -5.27
N GLN A 46 37.88 5.55 -5.22
CA GLN A 46 38.15 6.73 -6.06
C GLN A 46 39.44 7.45 -5.70
N TYR A 47 39.92 7.26 -4.47
CA TYR A 47 41.14 7.91 -4.02
C TYR A 47 42.37 7.04 -4.29
N SER A 48 43.52 7.70 -4.47
CA SER A 48 44.79 7.02 -4.74
C SER A 48 44.99 5.78 -3.88
N PHE A 49 45.36 4.66 -4.51
CA PHE A 49 45.60 3.42 -3.75
C PHE A 49 47.01 3.41 -3.15
N GLU A 50 47.90 4.22 -3.71
CA GLU A 50 49.27 4.30 -3.22
C GLU A 50 49.38 5.10 -1.93
N MET A 51 48.37 5.91 -1.65
CA MET A 51 48.36 6.71 -0.44
C MET A 51 47.07 6.42 0.32
N CYS A 52 46.74 5.13 0.42
CA CYS A 52 45.54 4.70 1.10
C CYS A 52 45.80 4.06 2.46
N LEU A 53 45.29 4.70 3.50
CA LEU A 53 45.45 4.18 4.85
C LEU A 53 44.72 2.86 5.05
N LYS A 54 43.51 2.76 4.49
CA LYS A 54 42.72 1.54 4.62
C LYS A 54 43.49 0.36 4.04
N CYS A 55 44.19 0.59 2.93
CA CYS A 55 44.96 -0.48 2.31
C CYS A 55 46.19 -0.87 3.14
N ILE A 56 46.85 0.12 3.73
CA ILE A 56 48.03 -0.16 4.53
C ILE A 56 47.71 -0.85 5.85
N LYS A 57 46.60 -0.47 6.47
CA LYS A 57 46.20 -1.08 7.74
C LYS A 57 45.58 -2.46 7.54
N LYS A 58 45.36 -2.84 6.28
CA LYS A 58 44.76 -4.13 5.94
C LYS A 58 43.59 -4.45 6.88
N GLU A 59 42.64 -3.54 6.96
CA GLU A 59 41.48 -3.72 7.84
C GLU A 59 40.29 -4.47 7.24
N GLN A 60 40.01 -4.24 5.97
CA GLN A 60 38.87 -4.89 5.32
C GLN A 60 39.26 -5.52 3.98
N PRO A 61 39.31 -6.86 3.92
CA PRO A 61 39.68 -7.54 2.67
C PRO A 61 38.81 -7.12 1.49
N SER A 62 37.53 -6.83 1.75
CA SER A 62 36.63 -6.42 0.67
C SER A 62 37.08 -5.06 0.12
N HIS A 63 38.01 -4.42 0.83
CA HIS A 63 38.53 -3.15 0.35
C HIS A 63 39.94 -3.31 -0.23
N TYR A 64 40.89 -3.67 0.64
CA TYR A 64 42.29 -3.75 0.22
C TYR A 64 42.66 -4.75 -0.86
N LYS A 65 41.85 -5.79 -1.04
CA LYS A 65 42.15 -6.76 -2.09
C LYS A 65 41.66 -6.27 -3.45
N TYR A 66 40.89 -5.19 -3.45
CA TYR A 66 40.34 -4.67 -4.71
C TYR A 66 40.64 -3.23 -5.11
N HIS A 67 41.10 -2.41 -4.17
CA HIS A 67 41.36 -1.00 -4.45
C HIS A 67 42.20 -0.71 -5.69
N GLU A 68 43.39 -1.28 -5.77
CA GLU A 68 44.27 -1.02 -6.90
C GLU A 68 43.64 -1.37 -8.24
N LYS A 69 43.06 -2.56 -8.33
CA LYS A 69 42.40 -2.98 -9.56
C LYS A 69 41.23 -2.08 -9.97
N HIS A 70 40.50 -1.55 -9.00
CA HIS A 70 39.35 -0.70 -9.30
C HIS A 70 39.55 0.81 -9.24
N TYR A 71 40.73 1.24 -8.82
CA TYR A 71 41.03 2.67 -8.70
C TYR A 71 40.64 3.50 -9.92
N ALA A 72 41.13 3.11 -11.10
CA ALA A 72 40.83 3.86 -12.33
C ALA A 72 39.34 3.99 -12.62
N ASN A 73 38.62 2.87 -12.54
CA ASN A 73 37.18 2.90 -12.80
C ASN A 73 36.44 3.70 -11.73
N ALA A 74 36.84 3.55 -10.47
CA ALA A 74 36.20 4.27 -9.38
C ALA A 74 36.37 5.78 -9.49
N ALA A 75 37.54 6.20 -9.98
CA ALA A 75 37.79 7.62 -10.14
C ALA A 75 36.73 8.19 -11.09
N ILE A 76 36.48 7.46 -12.17
CA ILE A 76 35.49 7.88 -13.16
C ILE A 76 34.07 7.74 -12.58
N PHE A 77 33.84 6.66 -11.84
CA PHE A 77 32.56 6.41 -11.20
C PHE A 77 32.18 7.60 -10.32
N ALA A 78 33.19 8.15 -9.62
CA ALA A 78 32.98 9.28 -8.73
C ALA A 78 32.42 10.51 -9.45
N ASP A 79 32.63 10.57 -10.76
CA ASP A 79 32.13 11.70 -11.55
C ASP A 79 30.80 11.38 -12.23
N SER A 80 30.37 10.13 -12.14
CA SER A 80 29.13 9.71 -12.77
C SER A 80 27.87 10.29 -12.16
N LYS A 81 26.84 10.43 -12.99
CA LYS A 81 25.54 10.95 -12.58
C LYS A 81 24.54 9.81 -12.43
N ASN A 82 25.01 8.58 -12.57
CA ASN A 82 24.13 7.41 -12.47
C ASN A 82 24.65 6.36 -11.49
N GLN A 83 25.36 6.82 -10.47
CA GLN A 83 25.95 5.94 -9.48
C GLN A 83 25.02 4.86 -8.90
N LYS A 84 23.85 5.26 -8.42
CA LYS A 84 22.93 4.29 -7.83
C LYS A 84 22.44 3.28 -8.86
N THR A 85 22.13 3.76 -10.07
CA THR A 85 21.65 2.88 -11.13
C THR A 85 22.72 1.83 -11.48
N ILE A 86 23.97 2.24 -11.51
CA ILE A 86 25.06 1.30 -11.81
C ILE A 86 25.13 0.23 -10.72
N CYS A 87 25.10 0.67 -9.47
CA CYS A 87 25.16 -0.25 -8.34
C CYS A 87 23.95 -1.19 -8.31
N GLN A 88 22.81 -0.70 -8.75
CA GLN A 88 21.58 -1.49 -8.78
C GLN A 88 21.72 -2.66 -9.75
N GLN A 89 22.28 -2.42 -10.93
CA GLN A 89 22.46 -3.49 -11.90
C GLN A 89 23.45 -4.52 -11.33
N ALA A 90 24.50 -4.03 -10.69
CA ALA A 90 25.50 -4.91 -10.09
C ALA A 90 24.84 -5.83 -9.05
N VAL A 91 24.05 -5.25 -8.15
CA VAL A 91 23.38 -6.04 -7.13
C VAL A 91 22.39 -7.03 -7.75
N ASP A 92 21.68 -6.62 -8.79
CA ASP A 92 20.74 -7.52 -9.45
C ASP A 92 21.48 -8.73 -10.01
N THR A 93 22.71 -8.50 -10.47
CA THR A 93 23.54 -9.58 -11.01
C THR A 93 23.89 -10.56 -9.91
N VAL A 94 24.17 -10.03 -8.72
CA VAL A 94 24.51 -10.87 -7.58
C VAL A 94 23.28 -11.68 -7.16
N LEU A 95 22.13 -11.03 -7.14
CA LEU A 95 20.88 -11.69 -6.77
C LEU A 95 20.53 -12.77 -7.80
N ALA A 96 20.82 -12.47 -9.07
CA ALA A 96 20.57 -13.41 -10.16
C ALA A 96 21.44 -14.66 -9.99
N LYS A 97 22.71 -14.44 -9.64
CA LYS A 97 23.63 -15.56 -9.44
C LYS A 97 23.09 -16.43 -8.29
N LYS A 98 22.63 -15.79 -7.23
CA LYS A 98 22.08 -16.54 -6.10
C LYS A 98 20.86 -17.36 -6.52
N ARG A 99 20.02 -16.79 -7.38
CA ARG A 99 18.84 -17.49 -7.84
C ARG A 99 19.24 -18.71 -8.67
N VAL A 100 20.19 -18.53 -9.58
CA VAL A 100 20.66 -19.64 -10.41
C VAL A 100 21.20 -20.77 -9.54
N ASP A 101 22.08 -20.41 -8.60
CA ASP A 101 22.69 -21.39 -7.70
C ASP A 101 21.67 -22.15 -6.87
N SER A 102 20.61 -21.46 -6.43
CA SER A 102 19.59 -22.09 -5.61
C SER A 102 18.85 -23.17 -6.40
N LEU A 103 18.79 -22.99 -7.71
CA LEU A 103 18.10 -23.93 -8.59
C LEU A 103 19.01 -24.97 -9.23
N GLN A 104 20.29 -24.66 -9.38
CA GLN A 104 21.18 -25.60 -10.05
C GLN A 104 22.27 -26.31 -9.25
N LEU A 105 22.56 -25.81 -8.06
CA LEU A 105 23.57 -26.44 -7.23
C LEU A 105 22.93 -27.49 -6.32
N THR A 106 23.67 -28.53 -5.96
CA THR A 106 23.14 -29.53 -5.05
C THR A 106 23.19 -28.80 -3.70
N ARG A 107 22.42 -29.24 -2.72
CA ARG A 107 22.45 -28.55 -1.44
C ARG A 107 23.79 -28.74 -0.74
N GLU A 108 24.46 -29.85 -1.06
CA GLU A 108 25.78 -30.10 -0.47
C GLU A 108 26.76 -29.06 -0.99
N GLN A 109 26.71 -28.78 -2.29
CA GLN A 109 27.61 -27.79 -2.88
C GLN A 109 27.35 -26.41 -2.28
N MET A 110 26.08 -26.12 -1.99
CA MET A 110 25.72 -24.84 -1.38
C MET A 110 26.43 -24.71 -0.02
N LEU A 111 26.37 -25.77 0.77
CA LEU A 111 26.97 -25.80 2.10
C LEU A 111 28.50 -25.68 1.96
N THR A 112 29.04 -26.37 0.97
CA THR A 112 30.49 -26.35 0.74
C THR A 112 30.94 -24.93 0.42
N ASN A 113 30.18 -24.24 -0.44
CA ASN A 113 30.52 -22.86 -0.78
C ASN A 113 30.49 -22.01 0.50
N ARG A 114 29.49 -22.24 1.34
CA ARG A 114 29.38 -21.51 2.60
C ARG A 114 30.59 -21.79 3.50
N PHE A 115 30.94 -23.07 3.64
CA PHE A 115 32.08 -23.44 4.48
C PHE A 115 33.36 -22.78 3.96
N ASN A 116 33.53 -22.74 2.65
CA ASN A 116 34.71 -22.10 2.08
C ASN A 116 34.78 -20.61 2.40
N ASP A 117 33.63 -19.93 2.40
CA ASP A 117 33.63 -18.51 2.73
C ASP A 117 33.97 -18.32 4.20
N LEU A 118 33.48 -19.21 5.07
CA LEU A 118 33.78 -19.11 6.49
C LEU A 118 35.27 -19.38 6.71
N LEU A 119 35.81 -20.35 5.98
CA LEU A 119 37.22 -20.69 6.12
C LEU A 119 38.10 -19.52 5.67
N ASP A 120 37.64 -18.76 4.68
CA ASP A 120 38.38 -17.61 4.20
C ASP A 120 38.46 -16.58 5.31
N ARG A 121 37.36 -16.40 6.03
CA ARG A 121 37.32 -15.45 7.13
C ARG A 121 38.26 -15.94 8.23
N MET A 122 38.23 -17.24 8.49
CA MET A 122 39.07 -17.83 9.52
C MET A 122 40.56 -17.70 9.19
N ASP A 123 40.89 -17.78 7.91
CA ASP A 123 42.29 -17.65 7.50
C ASP A 123 42.81 -16.28 7.90
N ILE A 124 41.94 -15.28 7.77
CA ILE A 124 42.32 -13.91 8.10
C ILE A 124 42.28 -13.58 9.58
N MET A 125 41.19 -13.92 10.26
CA MET A 125 41.06 -13.60 11.68
C MET A 125 42.11 -14.28 12.55
N PHE A 126 42.53 -15.48 12.18
CA PHE A 126 43.54 -16.19 12.94
C PHE A 126 44.90 -16.05 12.27
N GLY A 127 44.98 -15.12 11.32
CA GLY A 127 46.21 -14.88 10.59
C GLY A 127 46.99 -13.67 11.07
N SER A 128 48.14 -13.43 10.46
CA SER A 128 49.01 -12.31 10.82
C SER A 128 48.30 -10.96 10.89
N THR A 129 47.40 -10.68 9.96
CA THR A 129 46.69 -9.41 9.95
C THR A 129 45.32 -9.50 10.62
N GLY A 130 45.10 -10.59 11.35
CA GLY A 130 43.84 -10.79 12.03
C GLY A 130 43.90 -10.33 13.48
N SER A 131 42.75 -10.33 14.16
CA SER A 131 42.69 -9.91 15.55
C SER A 131 42.00 -10.93 16.45
N ALA A 132 41.75 -12.12 15.92
CA ALA A 132 41.10 -13.16 16.72
C ALA A 132 42.13 -14.05 17.40
N ASP A 133 41.77 -14.55 18.58
CA ASP A 133 42.65 -15.42 19.35
C ASP A 133 42.10 -16.85 19.23
N ILE A 134 42.81 -17.70 18.50
CA ILE A 134 42.38 -19.08 18.29
C ILE A 134 42.13 -19.84 19.59
N GLU A 135 42.84 -19.47 20.64
CA GLU A 135 42.65 -20.13 21.93
C GLU A 135 41.29 -19.78 22.51
N GLU A 136 40.90 -18.51 22.35
CA GLU A 136 39.61 -18.04 22.84
C GLU A 136 38.47 -18.72 22.09
N TRP A 137 38.66 -18.96 20.79
CA TRP A 137 37.61 -19.61 20.01
C TRP A 137 37.51 -21.09 20.37
N MET A 138 38.65 -21.72 20.65
CA MET A 138 38.63 -23.14 21.03
C MET A 138 37.91 -23.26 22.36
N ALA A 139 38.05 -22.24 23.21
CA ALA A 139 37.38 -22.25 24.50
C ALA A 139 35.86 -22.24 24.22
N GLY A 140 35.47 -21.53 23.17
CA GLY A 140 34.07 -21.46 22.79
C GLY A 140 33.58 -22.83 22.36
N VAL A 141 34.42 -23.56 21.65
CA VAL A 141 34.07 -24.91 21.20
C VAL A 141 33.84 -25.79 22.42
N ALA A 142 34.70 -25.61 23.42
CA ALA A 142 34.62 -26.38 24.65
C ALA A 142 33.28 -26.12 25.37
N TRP A 143 32.92 -24.84 25.51
CA TRP A 143 31.68 -24.48 26.19
C TRP A 143 30.47 -25.06 25.46
N LEU A 144 30.44 -24.91 24.14
CA LEU A 144 29.35 -25.41 23.34
C LEU A 144 29.24 -26.93 23.44
N HIS A 145 30.39 -27.60 23.48
CA HIS A 145 30.37 -29.05 23.57
C HIS A 145 29.83 -29.53 24.93
N CYS A 146 29.58 -28.58 25.84
CA CYS A 146 29.05 -28.91 27.15
C CYS A 146 27.58 -28.50 27.25
N LEU A 147 27.08 -27.85 26.19
CA LEU A 147 25.70 -27.37 26.18
C LEU A 147 24.67 -28.48 25.94
N LEU A 148 25.03 -29.44 25.09
CA LEU A 148 24.18 -30.58 24.77
C LEU A 148 25.06 -31.83 24.67
N PRO A 149 24.48 -33.01 24.92
CA PRO A 149 25.24 -34.26 24.82
C PRO A 149 25.60 -34.50 23.35
N LYS A 150 26.77 -35.09 23.12
CA LYS A 150 27.21 -35.39 21.74
C LYS A 150 26.98 -34.20 20.82
N MET A 151 27.32 -33.01 21.29
CA MET A 151 27.12 -31.78 20.52
C MET A 151 27.62 -31.84 19.08
N ASP A 152 28.83 -32.33 18.86
CA ASP A 152 29.35 -32.39 17.50
C ASP A 152 28.47 -33.28 16.61
N SER A 153 27.86 -34.30 17.19
CA SER A 153 27.00 -35.19 16.42
C SER A 153 25.67 -34.50 16.14
N VAL A 154 25.21 -33.70 17.08
CA VAL A 154 23.97 -32.94 16.91
C VAL A 154 24.15 -32.01 15.70
N VAL A 155 25.28 -31.30 15.69
CA VAL A 155 25.57 -30.37 14.59
C VAL A 155 25.67 -31.12 13.27
N TYR A 156 26.40 -32.23 13.26
CA TYR A 156 26.55 -33.03 12.05
C TYR A 156 25.19 -33.51 11.54
N ASP A 157 24.37 -34.04 12.44
CA ASP A 157 23.05 -34.52 12.06
C ASP A 157 22.19 -33.38 11.52
N PHE A 158 22.30 -32.21 12.13
CA PHE A 158 21.51 -31.07 11.65
C PHE A 158 21.89 -30.73 10.21
N LEU A 159 23.19 -30.70 9.93
CA LEU A 159 23.68 -30.41 8.59
C LEU A 159 23.14 -31.42 7.58
N LYS A 160 23.15 -32.69 7.95
CA LYS A 160 22.63 -33.73 7.07
C LYS A 160 21.15 -33.49 6.80
N CYS A 161 20.42 -33.10 7.83
CA CYS A 161 19.00 -32.83 7.70
C CYS A 161 18.75 -31.66 6.75
N MET A 162 19.53 -30.60 6.91
CA MET A 162 19.38 -29.40 6.07
C MET A 162 19.77 -29.70 4.62
N VAL A 163 20.79 -30.53 4.43
CA VAL A 163 21.23 -30.88 3.09
C VAL A 163 20.25 -31.81 2.40
N TYR A 164 19.82 -32.86 3.08
CA TYR A 164 18.87 -33.81 2.50
C TYR A 164 17.54 -33.16 2.17
N ASN A 165 17.10 -32.22 3.01
CA ASN A 165 15.86 -31.49 2.75
C ASN A 165 14.71 -32.44 2.42
N ILE A 166 14.50 -33.44 3.27
CA ILE A 166 13.44 -34.42 3.03
C ILE A 166 12.06 -33.89 3.36
N PRO A 167 11.11 -34.02 2.41
CA PRO A 167 9.74 -33.54 2.63
C PRO A 167 9.24 -33.97 4.01
N LYS A 168 8.69 -33.01 4.75
CA LYS A 168 8.14 -33.23 6.08
C LYS A 168 9.11 -33.75 7.15
N LYS A 169 10.40 -33.71 6.86
CA LYS A 169 11.43 -34.13 7.82
C LYS A 169 12.55 -33.08 7.71
N ARG A 170 12.12 -31.82 7.65
CA ARG A 170 12.99 -30.66 7.47
C ARG A 170 13.20 -29.71 8.66
N TYR A 171 12.37 -29.81 9.69
CA TYR A 171 12.52 -28.90 10.81
C TYR A 171 12.85 -29.52 12.15
N TRP A 172 13.73 -28.84 12.89
CA TRP A 172 14.14 -29.26 14.21
C TRP A 172 13.53 -28.25 15.17
N LEU A 173 13.03 -28.72 16.31
CA LEU A 173 12.44 -27.82 17.30
C LEU A 173 13.33 -27.71 18.54
N PHE A 174 13.75 -26.49 18.86
CA PHE A 174 14.56 -26.23 20.05
C PHE A 174 13.57 -25.73 21.09
N LYS A 175 13.43 -26.48 22.18
CA LYS A 175 12.47 -26.12 23.23
C LYS A 175 13.11 -26.09 24.62
N GLY A 176 12.70 -25.14 25.43
CA GLY A 176 13.26 -25.03 26.76
C GLY A 176 12.98 -23.70 27.43
N PRO A 177 13.32 -23.58 28.72
CA PRO A 177 13.13 -22.37 29.53
C PRO A 177 14.05 -21.23 29.09
N ILE A 178 13.82 -20.07 29.68
CA ILE A 178 14.62 -18.89 29.40
C ILE A 178 16.10 -19.21 29.67
N ASP A 179 16.97 -18.65 28.84
CA ASP A 179 18.42 -18.85 28.94
C ASP A 179 18.90 -20.29 29.07
N SER A 180 18.44 -21.14 28.16
CA SER A 180 18.85 -22.53 28.16
C SER A 180 19.77 -22.83 26.97
N GLY A 181 19.97 -21.83 26.11
CA GLY A 181 20.86 -21.99 24.97
C GLY A 181 20.24 -22.16 23.59
N LYS A 182 18.93 -22.02 23.48
CA LYS A 182 18.23 -22.19 22.21
C LYS A 182 18.73 -21.23 21.13
N THR A 183 18.67 -19.94 21.43
CA THR A 183 19.10 -18.90 20.51
C THR A 183 20.60 -18.96 20.24
N THR A 184 21.38 -19.25 21.28
CA THR A 184 22.82 -19.34 21.12
C THR A 184 23.17 -20.36 20.03
N LEU A 185 22.61 -21.56 20.14
CA LEU A 185 22.89 -22.62 19.16
C LEU A 185 22.24 -22.35 17.80
N ALA A 186 21.01 -21.86 17.80
CA ALA A 186 20.31 -21.56 16.54
C ALA A 186 21.06 -20.49 15.76
N ALA A 187 21.51 -19.45 16.45
CA ALA A 187 22.22 -18.37 15.81
C ALA A 187 23.51 -18.90 15.18
N ALA A 188 24.19 -19.79 15.90
CA ALA A 188 25.43 -20.36 15.39
C ALA A 188 25.19 -21.23 14.17
N LEU A 189 24.15 -22.07 14.24
CA LEU A 189 23.83 -22.94 13.11
C LEU A 189 23.41 -22.08 11.92
N LEU A 190 22.72 -20.98 12.21
CA LEU A 190 22.26 -20.06 11.17
C LEU A 190 23.47 -19.52 10.42
N GLU A 191 24.47 -19.04 11.16
CA GLU A 191 25.67 -18.52 10.55
C GLU A 191 26.50 -19.62 9.86
N LEU A 192 26.51 -20.80 10.45
CA LEU A 192 27.25 -21.94 9.89
C LEU A 192 26.77 -22.30 8.48
N CYS A 193 25.46 -22.27 8.28
CA CYS A 193 24.85 -22.64 7.00
C CYS A 193 24.42 -21.48 6.11
N GLY A 194 24.21 -20.31 6.71
CA GLY A 194 23.74 -19.18 5.93
C GLY A 194 22.22 -19.28 5.91
N GLY A 195 21.53 -18.14 5.95
CA GLY A 195 20.07 -18.18 5.95
C GLY A 195 19.52 -16.95 6.64
N LYS A 196 18.28 -17.02 7.11
CA LYS A 196 17.66 -15.88 7.78
C LYS A 196 16.85 -16.29 9.00
N ALA A 197 16.66 -15.36 9.93
CA ALA A 197 15.87 -15.60 11.12
C ALA A 197 14.57 -14.82 10.90
N LEU A 198 13.43 -15.49 11.05
CA LEU A 198 12.15 -14.85 10.81
C LEU A 198 11.35 -14.70 12.09
N ASN A 199 10.59 -13.61 12.19
CA ASN A 199 9.77 -13.36 13.37
C ASN A 199 8.30 -13.50 12.97
N VAL A 200 7.66 -14.58 13.42
CA VAL A 200 6.25 -14.76 13.10
C VAL A 200 5.35 -14.44 14.28
N ASN A 201 5.85 -13.61 15.18
CA ASN A 201 5.09 -13.19 16.36
C ASN A 201 4.35 -11.89 16.09
N LEU A 202 4.69 -11.25 14.98
CA LEU A 202 4.06 -9.99 14.59
C LEU A 202 2.73 -10.27 13.88
N PRO A 203 1.94 -9.23 13.59
CA PRO A 203 0.65 -9.40 12.91
C PRO A 203 0.78 -10.09 11.56
N LEU A 204 -0.19 -10.93 11.24
CA LEU A 204 -0.18 -11.68 9.99
C LEU A 204 -0.26 -10.81 8.73
N ASP A 205 -0.67 -9.55 8.89
CA ASP A 205 -0.77 -8.66 7.74
C ASP A 205 0.60 -8.20 7.27
N ARG A 206 1.62 -8.51 8.07
CA ARG A 206 3.00 -8.17 7.76
C ARG A 206 3.79 -9.48 7.69
N LEU A 207 3.08 -10.57 7.94
CA LEU A 207 3.67 -11.90 7.93
C LEU A 207 4.20 -12.26 6.55
N ASN A 208 3.35 -12.14 5.53
CA ASN A 208 3.73 -12.46 4.16
C ASN A 208 5.01 -11.76 3.71
N PHE A 209 5.25 -10.56 4.21
CA PHE A 209 6.46 -9.85 3.83
C PHE A 209 7.65 -10.43 4.58
N GLU A 210 7.42 -10.84 5.82
CA GLU A 210 8.48 -11.44 6.61
C GLU A 210 8.87 -12.77 5.99
N LEU A 211 7.86 -13.51 5.50
CA LEU A 211 8.12 -14.80 4.88
C LEU A 211 8.90 -14.63 3.58
N GLY A 212 8.68 -13.52 2.89
CA GLY A 212 9.39 -13.27 1.64
C GLY A 212 10.90 -13.19 1.81
N VAL A 213 11.34 -12.94 3.04
CA VAL A 213 12.77 -12.84 3.34
C VAL A 213 13.48 -14.17 3.11
N ALA A 214 12.73 -15.27 3.15
CA ALA A 214 13.29 -16.60 2.96
C ALA A 214 13.67 -16.94 1.52
N ILE A 215 13.19 -16.13 0.57
CA ILE A 215 13.48 -16.38 -0.84
C ILE A 215 14.96 -16.65 -1.08
N ASP A 216 15.24 -17.79 -1.73
CA ASP A 216 16.60 -18.22 -2.06
C ASP A 216 17.53 -18.51 -0.87
N GLN A 217 16.97 -18.63 0.33
CA GLN A 217 17.79 -18.90 1.51
C GLN A 217 18.01 -20.40 1.71
N PHE A 218 19.15 -20.77 2.28
CA PHE A 218 19.48 -22.18 2.51
C PHE A 218 18.60 -22.74 3.63
N LEU A 219 18.43 -21.94 4.68
CA LEU A 219 17.59 -22.34 5.80
C LEU A 219 16.99 -21.14 6.50
N VAL A 220 15.98 -21.40 7.32
CA VAL A 220 15.30 -20.35 8.06
C VAL A 220 15.17 -20.73 9.54
N VAL A 221 15.20 -19.72 10.41
CA VAL A 221 15.03 -19.96 11.83
C VAL A 221 13.86 -19.13 12.33
N PHE A 222 12.83 -19.80 12.84
CA PHE A 222 11.68 -19.10 13.41
C PHE A 222 12.02 -18.93 14.89
N GLU A 223 12.55 -17.75 15.23
CA GLU A 223 12.97 -17.45 16.60
C GLU A 223 11.87 -17.09 17.59
N ASP A 224 11.99 -17.67 18.77
CA ASP A 224 11.08 -17.41 19.88
C ASP A 224 9.59 -17.36 19.54
N VAL A 225 9.09 -18.43 18.93
CA VAL A 225 7.68 -18.48 18.58
C VAL A 225 6.84 -18.60 19.85
N LYS A 226 5.88 -17.71 20.01
CA LYS A 226 5.03 -17.69 21.19
C LYS A 226 3.72 -18.46 21.02
N GLY A 227 3.36 -19.24 22.04
CA GLY A 227 2.13 -20.02 21.98
C GLY A 227 1.04 -19.44 22.88
N THR A 228 -0.03 -20.20 23.05
CA THR A 228 -1.15 -19.76 23.89
C THR A 228 -1.34 -20.67 25.10
N GLY A 229 -0.95 -21.94 24.94
CA GLY A 229 -1.10 -22.89 26.03
C GLY A 229 0.11 -22.91 26.94
N GLY A 230 0.15 -21.98 27.90
CA GLY A 230 1.26 -21.91 28.82
C GLY A 230 1.33 -20.60 29.59
N GLU A 231 0.24 -19.84 29.55
CA GLU A 231 0.17 -18.56 30.24
C GLU A 231 0.15 -18.75 31.75
N SER A 232 0.39 -19.98 32.20
CA SER A 232 0.40 -20.28 33.62
C SER A 232 1.82 -20.21 34.16
N ARG A 233 2.77 -20.75 33.40
CA ARG A 233 4.18 -20.73 33.80
C ARG A 233 4.81 -19.37 33.54
N ASP A 234 4.04 -18.32 33.77
CA ASP A 234 4.51 -16.94 33.58
C ASP A 234 4.95 -16.70 32.14
N LEU A 235 4.42 -17.50 31.22
CA LEU A 235 4.75 -17.36 29.80
C LEU A 235 3.62 -16.64 29.06
N PRO A 236 3.91 -15.44 28.53
CA PRO A 236 2.91 -14.65 27.80
C PRO A 236 2.31 -15.44 26.65
N SER A 237 1.16 -14.98 26.16
CA SER A 237 0.51 -15.64 25.05
C SER A 237 0.81 -14.91 23.75
N GLY A 238 0.84 -15.66 22.65
CA GLY A 238 1.12 -15.09 21.35
C GLY A 238 0.50 -15.94 20.26
N GLN A 239 0.56 -15.45 19.02
CA GLN A 239 -0.02 -16.16 17.88
C GLN A 239 1.02 -16.87 17.02
N GLY A 240 2.26 -16.89 17.49
CA GLY A 240 3.33 -17.53 16.73
C GLY A 240 3.07 -18.98 16.38
N ILE A 241 2.69 -19.77 17.37
CA ILE A 241 2.43 -21.18 17.15
C ILE A 241 1.24 -21.34 16.19
N ASN A 242 0.20 -20.54 16.41
CA ASN A 242 -0.96 -20.60 15.54
C ASN A 242 -0.57 -20.24 14.11
N ASN A 243 0.31 -19.26 13.97
CA ASN A 243 0.76 -18.85 12.65
C ASN A 243 1.52 -19.98 11.92
N LEU A 244 2.40 -20.66 12.64
CA LEU A 244 3.16 -21.75 12.02
C LEU A 244 2.23 -22.89 11.60
N ASP A 245 1.21 -23.16 12.40
CA ASP A 245 0.27 -24.22 12.06
C ASP A 245 -0.53 -23.88 10.81
N ASN A 246 -0.56 -22.61 10.45
CA ASN A 246 -1.27 -22.17 9.24
C ASN A 246 -0.30 -22.16 8.06
N LEU A 247 0.93 -22.61 8.32
CA LEU A 247 1.97 -22.66 7.29
C LEU A 247 2.50 -24.08 7.13
N ARG A 248 1.64 -25.08 7.28
CA ARG A 248 2.06 -26.48 7.15
C ARG A 248 2.68 -26.71 5.78
N ASP A 249 2.14 -25.98 4.81
CA ASP A 249 2.57 -26.02 3.42
C ASP A 249 4.05 -25.59 3.35
N TYR A 250 4.40 -24.59 4.16
CA TYR A 250 5.76 -24.07 4.18
C TYR A 250 6.73 -25.04 4.85
N LEU A 251 6.37 -25.52 6.04
CA LEU A 251 7.24 -26.44 6.78
C LEU A 251 7.45 -27.79 6.10
N ASP A 252 6.42 -28.31 5.43
CA ASP A 252 6.52 -29.61 4.76
C ASP A 252 7.54 -29.59 3.62
N GLY A 253 7.53 -28.52 2.84
CA GLY A 253 8.46 -28.44 1.72
C GLY A 253 8.20 -29.48 0.64
N SER A 254 6.94 -29.91 0.47
CA SER A 254 6.58 -30.87 -0.56
C SER A 254 6.13 -30.11 -1.79
N VAL A 255 5.27 -29.12 -1.58
CA VAL A 255 4.79 -28.28 -2.66
C VAL A 255 5.49 -26.91 -2.57
N LYS A 256 5.63 -26.24 -3.70
CA LYS A 256 6.26 -24.92 -3.70
C LYS A 256 5.25 -23.90 -3.20
N VAL A 257 5.71 -22.95 -2.37
CA VAL A 257 4.83 -21.91 -1.87
C VAL A 257 5.14 -20.63 -2.62
N ASN A 258 4.28 -19.62 -2.47
CA ASN A 258 4.45 -18.37 -3.20
C ASN A 258 4.91 -17.23 -2.30
N LEU A 259 6.20 -16.92 -2.40
CA LEU A 259 6.81 -15.88 -1.59
C LEU A 259 6.89 -14.55 -2.32
N GLU A 260 6.68 -13.47 -1.58
CA GLU A 260 6.70 -12.13 -2.16
C GLU A 260 7.70 -11.20 -1.50
N LYS A 261 8.37 -10.39 -2.31
CA LYS A 261 9.34 -9.42 -1.83
C LYS A 261 9.28 -8.20 -2.74
N LYS A 262 9.40 -7.02 -2.14
CA LYS A 262 9.35 -5.76 -2.88
C LYS A 262 7.96 -5.54 -3.47
N HIS A 263 6.94 -5.87 -2.68
CA HIS A 263 5.55 -5.70 -3.07
C HIS A 263 5.19 -6.40 -4.38
N LEU A 264 5.34 -7.72 -4.42
CA LEU A 264 5.02 -8.51 -5.61
C LEU A 264 5.50 -9.95 -5.47
N ASN A 265 4.58 -10.90 -5.66
CA ASN A 265 4.93 -12.32 -5.56
C ASN A 265 5.79 -12.72 -6.76
N LYS A 266 7.10 -12.68 -6.58
CA LYS A 266 8.03 -13.04 -7.64
C LYS A 266 8.90 -14.23 -7.28
N ARG A 267 8.32 -15.21 -6.58
CA ARG A 267 9.08 -16.39 -6.20
C ARG A 267 8.26 -17.58 -5.68
N THR A 268 8.04 -18.55 -6.55
CA THR A 268 7.33 -19.76 -6.18
C THR A 268 8.46 -20.78 -6.00
N GLN A 269 8.62 -21.27 -4.77
CA GLN A 269 9.70 -22.20 -4.49
C GLN A 269 9.39 -23.07 -3.28
N ILE A 270 10.19 -24.11 -3.08
CA ILE A 270 10.05 -24.97 -1.91
C ILE A 270 10.55 -24.06 -0.77
N PHE A 271 9.79 -23.95 0.32
CA PHE A 271 10.22 -23.10 1.43
C PHE A 271 11.44 -23.77 2.05
N PRO A 272 12.41 -22.97 2.55
CA PRO A 272 13.62 -23.56 3.15
C PRO A 272 13.35 -24.37 4.41
N PRO A 273 14.24 -25.36 4.70
CA PRO A 273 14.10 -26.20 5.88
C PRO A 273 14.63 -25.35 7.05
N GLY A 274 14.63 -25.86 8.27
CA GLY A 274 15.16 -25.02 9.33
C GLY A 274 14.89 -25.37 10.78
N ILE A 275 14.88 -24.32 11.60
CA ILE A 275 14.69 -24.44 13.04
C ILE A 275 13.55 -23.59 13.60
N VAL A 276 12.97 -24.07 14.69
CA VAL A 276 11.93 -23.32 15.39
C VAL A 276 12.39 -23.36 16.87
N THR A 277 12.49 -22.19 17.51
CA THR A 277 12.87 -22.15 18.92
C THR A 277 11.68 -21.59 19.69
N MET A 278 11.44 -22.10 20.89
CA MET A 278 10.31 -21.63 21.68
C MET A 278 10.45 -22.02 23.14
N ASN A 279 9.67 -21.37 23.99
CA ASN A 279 9.67 -21.70 25.40
C ASN A 279 8.72 -22.91 25.51
N GLU A 280 8.45 -23.36 26.73
CA GLU A 280 7.61 -24.53 26.90
C GLU A 280 6.11 -24.38 26.71
N TYR A 281 5.69 -24.00 25.51
CA TYR A 281 4.27 -23.86 25.20
C TYR A 281 3.79 -25.20 24.63
N SER A 282 2.48 -25.34 24.50
CA SER A 282 1.89 -26.55 23.95
C SER A 282 2.00 -26.53 22.43
N VAL A 283 2.34 -27.66 21.83
CA VAL A 283 2.46 -27.75 20.38
C VAL A 283 1.45 -28.73 19.82
N PRO A 284 0.58 -28.28 18.92
CA PRO A 284 -0.46 -29.09 18.28
C PRO A 284 0.14 -30.28 17.52
N LYS A 285 -0.59 -31.40 17.50
CA LYS A 285 -0.14 -32.61 16.81
C LYS A 285 0.18 -32.33 15.35
N THR A 286 -0.64 -31.50 14.72
CA THR A 286 -0.46 -31.17 13.32
C THR A 286 0.87 -30.49 13.08
N LEU A 287 1.25 -29.59 13.99
CA LEU A 287 2.52 -28.89 13.87
C LEU A 287 3.68 -29.80 14.26
N GLN A 288 3.53 -30.55 15.34
CA GLN A 288 4.58 -31.45 15.81
C GLN A 288 4.99 -32.43 14.70
N ALA A 289 4.04 -32.85 13.88
CA ALA A 289 4.33 -33.80 12.81
C ALA A 289 5.29 -33.20 11.77
N ARG A 290 5.51 -31.90 11.81
CA ARG A 290 6.41 -31.25 10.87
C ARG A 290 7.84 -31.20 11.45
N PHE A 291 7.97 -31.50 12.74
CA PHE A 291 9.27 -31.49 13.42
C PHE A 291 9.89 -32.89 13.47
N VAL A 292 10.94 -33.10 12.68
CA VAL A 292 11.58 -34.40 12.63
C VAL A 292 12.42 -34.68 13.89
N LYS A 293 12.79 -33.62 14.60
CA LYS A 293 13.56 -33.79 15.84
C LYS A 293 13.30 -32.64 16.81
N GLN A 294 13.18 -32.98 18.09
CA GLN A 294 12.98 -31.98 19.12
C GLN A 294 14.11 -32.09 20.14
N ILE A 295 14.78 -30.98 20.39
CA ILE A 295 15.87 -30.94 21.35
C ILE A 295 15.40 -30.10 22.54
N ASP A 296 15.51 -30.66 23.74
CA ASP A 296 15.10 -29.94 24.93
C ASP A 296 16.32 -29.35 25.63
N PHE A 297 16.38 -28.03 25.70
CA PHE A 297 17.50 -27.34 26.33
C PHE A 297 17.27 -27.17 27.83
N ARG A 298 18.34 -27.27 28.60
CA ARG A 298 18.25 -27.16 30.05
C ARG A 298 19.32 -26.23 30.62
N PRO A 299 18.91 -25.28 31.45
CA PRO A 299 19.87 -24.35 32.04
C PRO A 299 20.82 -25.16 32.93
N LYS A 300 22.10 -24.83 32.88
CA LYS A 300 23.11 -25.52 33.69
C LYS A 300 23.90 -24.47 34.45
N ASP A 301 23.82 -24.52 35.78
CA ASP A 301 24.52 -23.57 36.62
C ASP A 301 26.00 -23.40 36.29
N TYR A 302 26.68 -24.51 36.00
CA TYR A 302 28.10 -24.42 35.69
C TYR A 302 28.38 -23.70 34.36
N LEU A 303 27.46 -23.81 33.42
CA LEU A 303 27.65 -23.13 32.13
C LEU A 303 27.57 -21.63 32.38
N LYS A 304 26.67 -21.25 33.26
CA LYS A 304 26.48 -19.85 33.62
C LYS A 304 27.67 -19.35 34.44
N HIS A 305 28.10 -20.13 35.43
CA HIS A 305 29.23 -19.72 36.26
C HIS A 305 30.51 -19.60 35.45
N CYS A 306 30.66 -20.46 34.44
CA CYS A 306 31.83 -20.44 33.58
C CYS A 306 31.89 -19.16 32.76
N LEU A 307 30.76 -18.79 32.16
CA LEU A 307 30.69 -17.58 31.34
C LEU A 307 31.02 -16.32 32.14
N GLU A 308 30.57 -16.29 33.39
CA GLU A 308 30.84 -15.14 34.25
C GLU A 308 32.35 -14.99 34.46
N ARG A 309 33.07 -16.09 34.27
CA ARG A 309 34.52 -16.07 34.44
C ARG A 309 35.21 -16.23 33.09
N SER A 310 34.41 -16.19 32.01
CA SER A 310 34.90 -16.31 30.64
C SER A 310 34.10 -15.35 29.76
N GLU A 311 34.03 -14.09 30.20
CA GLU A 311 33.27 -13.05 29.51
C GLU A 311 33.56 -12.86 28.02
N PHE A 312 34.81 -13.05 27.61
CA PHE A 312 35.17 -12.88 26.20
C PHE A 312 34.29 -13.74 25.28
N LEU A 313 33.76 -14.84 25.81
CA LEU A 313 32.92 -15.73 25.02
C LEU A 313 31.63 -15.04 24.59
N LEU A 314 31.15 -14.10 25.39
CA LEU A 314 29.94 -13.36 25.08
C LEU A 314 30.27 -12.01 24.47
N GLU A 315 31.32 -11.35 24.98
CA GLU A 315 31.72 -10.05 24.47
C GLU A 315 32.21 -10.11 23.03
N LYS A 316 32.83 -11.23 22.67
CA LYS A 316 33.32 -11.41 21.31
C LYS A 316 32.38 -12.30 20.49
N ARG A 317 31.19 -12.54 21.02
CA ARG A 317 30.18 -13.37 20.34
C ARG A 317 30.76 -14.64 19.75
N ILE A 318 31.48 -15.39 20.58
CA ILE A 318 32.10 -16.63 20.14
C ILE A 318 31.17 -17.85 20.21
N ILE A 319 30.52 -18.04 21.35
CA ILE A 319 29.65 -19.22 21.48
C ILE A 319 28.42 -19.20 20.59
N GLN A 320 28.13 -18.05 19.98
CA GLN A 320 26.97 -17.94 19.10
C GLN A 320 27.42 -17.93 17.63
N SER A 321 28.71 -18.15 17.40
CA SER A 321 29.26 -18.11 16.06
C SER A 321 29.28 -19.40 15.23
N GLY A 322 29.00 -19.26 13.95
CA GLY A 322 29.03 -20.41 13.06
C GLY A 322 30.47 -20.88 12.93
N ILE A 323 31.41 -19.98 13.19
CA ILE A 323 32.83 -20.31 13.10
C ILE A 323 33.24 -21.21 14.27
N ALA A 324 32.58 -21.05 15.40
CA ALA A 324 32.88 -21.88 16.56
C ALA A 324 32.40 -23.29 16.25
N LEU A 325 31.27 -23.41 15.57
CA LEU A 325 30.73 -24.71 15.21
C LEU A 325 31.59 -25.34 14.11
N LEU A 326 32.11 -24.52 13.20
CA LEU A 326 32.94 -25.06 12.13
C LEU A 326 34.26 -25.58 12.73
N LEU A 327 34.78 -24.87 13.71
CA LEU A 327 36.01 -25.29 14.38
C LEU A 327 35.71 -26.61 15.10
N MET A 328 34.51 -26.73 15.67
CA MET A 328 34.11 -27.95 16.36
C MET A 328 34.09 -29.13 15.38
N LEU A 329 33.48 -28.94 14.22
CA LEU A 329 33.41 -30.00 13.22
C LEU A 329 34.81 -30.43 12.78
N ILE A 330 35.69 -29.46 12.61
CA ILE A 330 37.06 -29.72 12.18
C ILE A 330 37.80 -30.56 13.21
N TRP A 331 37.58 -30.24 14.49
CA TRP A 331 38.22 -30.93 15.59
C TRP A 331 37.67 -32.33 15.86
N TYR A 332 36.35 -32.50 15.75
CA TYR A 332 35.74 -33.79 16.03
C TYR A 332 35.49 -34.74 14.87
N ARG A 333 35.07 -34.20 13.74
CA ARG A 333 34.71 -35.02 12.58
C ARG A 333 35.82 -35.50 11.66
N PRO A 334 35.73 -36.77 11.20
CA PRO A 334 36.71 -37.37 10.30
C PRO A 334 36.64 -36.72 8.93
N VAL A 335 37.80 -36.49 8.33
CA VAL A 335 37.91 -35.84 7.03
C VAL A 335 36.92 -36.38 5.99
N ALA A 336 36.69 -37.69 6.03
CA ALA A 336 35.80 -38.36 5.10
C ALA A 336 34.36 -37.82 5.06
N GLU A 337 33.89 -37.24 6.16
CA GLU A 337 32.52 -36.73 6.19
C GLU A 337 32.35 -35.40 5.44
N PHE A 338 33.45 -34.69 5.18
CA PHE A 338 33.38 -33.43 4.48
C PHE A 338 33.39 -33.63 2.96
N ALA A 339 32.79 -32.69 2.23
CA ALA A 339 32.75 -32.76 0.77
C ALA A 339 34.18 -32.91 0.24
N GLN A 340 34.35 -33.81 -0.70
CA GLN A 340 35.66 -34.09 -1.29
C GLN A 340 36.45 -32.84 -1.73
N SER A 341 35.75 -31.87 -2.32
CA SER A 341 36.41 -30.65 -2.80
C SER A 341 37.09 -29.80 -1.72
N ILE A 342 36.64 -29.91 -0.47
CA ILE A 342 37.23 -29.13 0.60
C ILE A 342 37.98 -29.96 1.65
N GLN A 343 38.06 -31.26 1.43
CA GLN A 343 38.75 -32.13 2.38
C GLN A 343 40.20 -31.72 2.63
N SER A 344 40.89 -31.33 1.58
CA SER A 344 42.29 -30.91 1.71
C SER A 344 42.41 -29.71 2.64
N ARG A 345 41.50 -28.76 2.47
CA ARG A 345 41.50 -27.56 3.29
C ARG A 345 41.19 -27.90 4.74
N ILE A 346 40.30 -28.86 4.96
CA ILE A 346 39.94 -29.26 6.31
C ILE A 346 41.18 -29.87 6.97
N VAL A 347 41.85 -30.77 6.25
CA VAL A 347 43.05 -31.42 6.75
C VAL A 347 44.03 -30.34 7.20
N GLU A 348 44.16 -29.31 6.37
CA GLU A 348 45.03 -28.19 6.66
C GLU A 348 44.69 -27.61 8.03
N TRP A 349 43.40 -27.46 8.31
CA TRP A 349 42.97 -26.91 9.59
C TRP A 349 43.12 -27.88 10.76
N LYS A 350 42.88 -29.17 10.50
CA LYS A 350 43.02 -30.18 11.55
C LYS A 350 44.46 -30.16 12.07
N GLU A 351 45.41 -29.97 11.17
CA GLU A 351 46.82 -29.94 11.55
C GLU A 351 47.13 -28.67 12.34
N ARG A 352 46.60 -27.53 11.88
CA ARG A 352 46.84 -26.26 12.55
C ARG A 352 46.31 -26.35 13.98
N LEU A 353 45.16 -27.02 14.15
CA LEU A 353 44.55 -27.18 15.46
C LEU A 353 45.35 -28.13 16.36
N ASP A 354 45.82 -29.24 15.78
CA ASP A 354 46.62 -30.18 16.55
C ASP A 354 47.91 -29.50 17.01
N LYS A 355 48.53 -28.78 16.09
CA LYS A 355 49.78 -28.09 16.40
C LYS A 355 49.61 -27.09 17.52
N GLU A 356 48.43 -26.48 17.62
CA GLU A 356 48.19 -25.49 18.66
C GLU A 356 47.51 -25.99 19.92
N PHE A 357 46.77 -27.10 19.83
CA PHE A 357 46.09 -27.62 21.01
C PHE A 357 46.24 -29.12 21.17
N SER A 358 46.71 -29.54 22.34
CA SER A 358 46.87 -30.96 22.63
C SER A 358 45.52 -31.40 23.21
N LEU A 359 45.26 -32.70 23.21
CA LEU A 359 44.02 -33.21 23.75
C LEU A 359 43.84 -32.77 25.20
N SER A 360 44.92 -32.83 25.96
CA SER A 360 44.89 -32.43 27.36
C SER A 360 44.48 -30.98 27.52
N VAL A 361 45.07 -30.10 26.74
CA VAL A 361 44.74 -28.68 26.84
C VAL A 361 43.25 -28.49 26.56
N TYR A 362 42.76 -29.08 25.47
CA TYR A 362 41.36 -28.95 25.13
C TYR A 362 40.48 -29.58 26.20
N GLN A 363 40.83 -30.79 26.63
CA GLN A 363 40.06 -31.49 27.66
C GLN A 363 40.02 -30.71 28.96
N LYS A 364 41.07 -29.94 29.23
CA LYS A 364 41.13 -29.14 30.44
C LYS A 364 40.06 -28.06 30.33
N MET A 365 39.93 -27.48 29.13
CA MET A 365 38.93 -26.44 28.90
C MET A 365 37.54 -26.97 29.23
N LYS A 366 37.21 -28.16 28.72
CA LYS A 366 35.89 -28.74 29.01
C LYS A 366 35.74 -29.01 30.50
N PHE A 367 36.84 -29.38 31.14
CA PHE A 367 36.82 -29.65 32.58
C PHE A 367 36.45 -28.37 33.31
N ASN A 368 37.12 -27.28 32.98
CA ASN A 368 36.86 -25.99 33.61
C ASN A 368 35.40 -25.59 33.45
N VAL A 369 34.83 -25.87 32.28
CA VAL A 369 33.43 -25.55 32.01
C VAL A 369 32.54 -26.31 32.99
N ALA A 370 32.79 -27.61 33.10
CA ALA A 370 32.02 -28.48 34.00
C ALA A 370 32.11 -28.00 35.43
N MET A 371 33.25 -27.41 35.79
CA MET A 371 33.45 -26.90 37.14
C MET A 371 32.93 -25.48 37.24
N GLY A 372 32.68 -24.86 36.08
CA GLY A 372 32.18 -23.50 36.03
C GLY A 372 33.16 -22.49 36.62
N ILE A 373 34.43 -22.59 36.25
CA ILE A 373 35.45 -21.70 36.80
C ILE A 373 36.18 -20.81 35.80
N GLY A 374 35.92 -20.97 34.51
CA GLY A 374 36.61 -20.16 33.53
C GLY A 374 37.38 -21.09 32.62
N VAL A 375 36.92 -21.20 31.38
CA VAL A 375 37.51 -22.09 30.39
C VAL A 375 39.02 -22.08 30.27
N LEU A 376 39.64 -20.91 30.37
CA LEU A 376 41.09 -20.83 30.23
C LEU A 376 41.90 -20.89 31.52
N ASP A 377 41.38 -21.55 32.54
CA ASP A 377 42.10 -21.67 33.81
C ASP A 377 42.95 -22.94 33.85
N LYS B 16 27.64 -4.16 -32.23
CA LYS B 16 27.87 -3.03 -31.28
C LYS B 16 26.79 -3.01 -30.19
N GLN B 17 25.56 -3.36 -30.55
CA GLN B 17 24.48 -3.37 -29.59
C GLN B 17 23.83 -4.73 -29.43
N VAL B 18 23.33 -4.99 -28.23
CA VAL B 18 22.68 -6.27 -27.91
C VAL B 18 21.40 -6.48 -28.68
N SER B 19 21.13 -7.73 -29.05
CA SER B 19 19.90 -8.06 -29.73
C SER B 19 18.90 -8.46 -28.65
N TRP B 20 17.88 -7.63 -28.45
CA TRP B 20 16.86 -7.93 -27.46
C TRP B 20 16.10 -9.18 -27.89
N LYS B 21 15.85 -9.31 -29.18
CA LYS B 21 15.11 -10.47 -29.69
C LYS B 21 15.78 -11.79 -29.35
N LEU B 22 17.11 -11.82 -29.35
CA LEU B 22 17.82 -13.07 -29.02
C LEU B 22 17.61 -13.46 -27.57
N VAL B 23 17.65 -12.48 -26.67
CA VAL B 23 17.44 -12.77 -25.25
C VAL B 23 16.02 -13.32 -25.12
N THR B 24 15.09 -12.72 -25.85
CA THR B 24 13.69 -13.16 -25.82
C THR B 24 13.56 -14.59 -26.34
N GLU B 25 14.26 -14.92 -27.41
CA GLU B 25 14.21 -16.28 -27.95
C GLU B 25 14.72 -17.28 -26.92
N TYR B 26 15.79 -16.93 -26.22
CA TYR B 26 16.33 -17.81 -25.19
C TYR B 26 15.28 -18.00 -24.09
N ALA B 27 14.63 -16.91 -23.69
CA ALA B 27 13.61 -16.99 -22.63
C ALA B 27 12.47 -17.89 -23.08
N MET B 28 12.01 -17.71 -24.32
CA MET B 28 10.91 -18.51 -24.85
C MET B 28 11.28 -19.98 -24.95
N GLU B 29 12.46 -20.27 -25.49
CA GLU B 29 12.89 -21.65 -25.62
C GLU B 29 13.07 -22.37 -24.29
N THR B 30 13.41 -21.60 -23.25
CA THR B 30 13.59 -22.18 -21.93
C THR B 30 12.35 -21.97 -21.05
N LYS B 31 11.33 -21.33 -21.61
CA LYS B 31 10.09 -21.06 -20.88
C LYS B 31 10.38 -20.34 -19.56
N CYS B 32 11.34 -19.42 -19.58
CA CYS B 32 11.73 -18.70 -18.38
C CYS B 32 10.92 -17.44 -18.15
N ASP B 33 10.12 -17.42 -17.07
CA ASP B 33 9.34 -16.23 -16.76
C ASP B 33 9.78 -15.58 -15.45
N ASP B 34 11.02 -15.86 -15.04
CA ASP B 34 11.63 -15.32 -13.83
C ASP B 34 12.72 -14.35 -14.31
N VAL B 35 12.54 -13.05 -14.11
CA VAL B 35 13.53 -12.07 -14.56
C VAL B 35 14.95 -12.30 -14.03
N LEU B 36 15.08 -12.59 -12.73
CA LEU B 36 16.41 -12.82 -12.15
C LEU B 36 17.06 -14.10 -12.65
N LEU B 37 16.26 -15.14 -12.84
CA LEU B 37 16.79 -16.41 -13.33
C LEU B 37 17.31 -16.18 -14.75
N LEU B 38 16.54 -15.46 -15.56
CA LEU B 38 16.92 -15.19 -16.95
C LEU B 38 18.22 -14.42 -16.99
N LEU B 39 18.30 -13.35 -16.21
CA LEU B 39 19.50 -12.52 -16.12
C LEU B 39 20.72 -13.37 -15.75
N GLY B 40 20.58 -14.15 -14.69
CA GLY B 40 21.68 -14.98 -14.22
C GLY B 40 22.12 -15.99 -15.26
N MET B 41 21.16 -16.56 -15.98
CA MET B 41 21.48 -17.55 -17.00
C MET B 41 22.14 -16.96 -18.23
N TYR B 42 21.66 -15.82 -18.69
CA TYR B 42 22.25 -15.22 -19.88
C TYR B 42 23.66 -14.73 -19.61
N LEU B 43 23.89 -14.23 -18.39
CA LEU B 43 25.22 -13.74 -18.04
C LEU B 43 26.26 -14.87 -18.06
N GLU B 44 25.81 -16.12 -17.91
CA GLU B 44 26.77 -17.23 -17.96
C GLU B 44 27.28 -17.42 -19.39
N PHE B 45 26.54 -16.92 -20.37
CA PHE B 45 26.94 -17.10 -21.77
C PHE B 45 28.02 -16.11 -22.24
N GLN B 46 28.35 -15.14 -21.40
CA GLN B 46 29.33 -14.14 -21.78
C GLN B 46 30.75 -14.70 -21.84
N TYR B 47 30.98 -15.83 -21.16
CA TYR B 47 32.31 -16.44 -21.14
C TYR B 47 32.56 -17.36 -22.33
N SER B 48 33.83 -17.53 -22.67
CA SER B 48 34.19 -18.39 -23.80
C SER B 48 33.60 -19.78 -23.59
N PHE B 49 33.02 -20.34 -24.64
CA PHE B 49 32.40 -21.66 -24.56
C PHE B 49 33.34 -22.80 -24.93
N GLU B 50 34.41 -22.48 -25.66
CA GLU B 50 35.40 -23.46 -26.12
C GLU B 50 35.75 -24.52 -25.07
N MET B 51 36.17 -24.06 -23.90
CA MET B 51 36.56 -24.93 -22.80
C MET B 51 35.52 -24.93 -21.68
N CYS B 52 34.28 -24.54 -21.98
CA CYS B 52 33.26 -24.51 -20.95
C CYS B 52 32.92 -25.90 -20.43
N LEU B 53 33.23 -26.15 -19.16
CA LEU B 53 32.94 -27.45 -18.56
C LEU B 53 31.44 -27.65 -18.34
N LYS B 54 30.72 -26.57 -18.11
CA LYS B 54 29.26 -26.67 -17.92
C LYS B 54 28.71 -27.28 -19.20
N CYS B 55 29.22 -26.80 -20.32
CA CYS B 55 28.80 -27.30 -21.62
C CYS B 55 29.25 -28.73 -21.91
N ILE B 56 30.57 -28.97 -21.86
CA ILE B 56 31.09 -30.30 -22.17
C ILE B 56 30.56 -31.39 -21.26
N LYS B 57 30.38 -31.09 -19.97
CA LYS B 57 29.87 -32.07 -19.03
C LYS B 57 28.34 -32.08 -19.05
N LYS B 58 27.76 -31.27 -19.93
CA LYS B 58 26.31 -31.18 -20.08
C LYS B 58 25.54 -31.24 -18.77
N GLU B 59 25.80 -30.27 -17.88
CA GLU B 59 25.17 -30.22 -16.57
C GLU B 59 23.73 -29.70 -16.55
N GLN B 60 23.45 -28.67 -17.35
CA GLN B 60 22.12 -28.08 -17.40
C GLN B 60 21.72 -27.77 -18.84
N PRO B 61 20.65 -28.41 -19.34
CA PRO B 61 20.17 -28.19 -20.71
C PRO B 61 19.93 -26.70 -21.00
N SER B 62 19.43 -25.98 -19.99
CA SER B 62 19.15 -24.55 -20.13
C SER B 62 20.43 -23.77 -20.40
N HIS B 63 21.56 -24.42 -20.18
CA HIS B 63 22.84 -23.81 -20.41
C HIS B 63 23.56 -24.36 -21.65
N TYR B 64 23.90 -25.65 -21.63
CA TYR B 64 24.65 -26.23 -22.73
C TYR B 64 24.01 -26.24 -24.11
N LYS B 65 22.68 -26.24 -24.19
CA LYS B 65 22.07 -26.22 -25.49
C LYS B 65 22.06 -24.81 -26.08
N TYR B 66 22.45 -23.81 -25.29
CA TYR B 66 22.42 -22.43 -25.77
C TYR B 66 23.66 -21.56 -25.67
N HIS B 67 24.62 -21.94 -24.82
CA HIS B 67 25.82 -21.13 -24.63
C HIS B 67 26.49 -20.72 -25.94
N GLU B 68 26.92 -21.69 -26.73
CA GLU B 68 27.58 -21.40 -27.99
C GLU B 68 26.76 -20.45 -28.87
N LYS B 69 25.48 -20.76 -29.06
CA LYS B 69 24.64 -19.92 -29.90
C LYS B 69 24.44 -18.50 -29.39
N HIS B 70 24.43 -18.32 -28.08
CA HIS B 70 24.22 -17.00 -27.50
C HIS B 70 25.48 -16.28 -27.02
N TYR B 71 26.62 -16.92 -27.22
CA TYR B 71 27.88 -16.32 -26.78
C TYR B 71 28.11 -14.90 -27.27
N ALA B 72 28.04 -14.70 -28.59
CA ALA B 72 28.27 -13.39 -29.17
C ALA B 72 27.34 -12.31 -28.61
N ASN B 73 26.06 -12.61 -28.54
CA ASN B 73 25.08 -11.66 -28.01
C ASN B 73 25.30 -11.44 -26.52
N ALA B 74 25.65 -12.50 -25.80
CA ALA B 74 25.88 -12.42 -24.35
C ALA B 74 27.11 -11.59 -24.01
N ALA B 75 28.13 -11.67 -24.86
CA ALA B 75 29.35 -10.90 -24.63
C ALA B 75 29.01 -9.41 -24.67
N ILE B 76 28.13 -9.02 -25.60
CA ILE B 76 27.71 -7.62 -25.70
C ILE B 76 26.76 -7.28 -24.54
N PHE B 77 25.89 -8.23 -24.21
CA PHE B 77 24.92 -8.07 -23.12
C PHE B 77 25.65 -7.73 -21.81
N ALA B 78 26.80 -8.35 -21.60
CA ALA B 78 27.57 -8.13 -20.37
C ALA B 78 28.07 -6.69 -20.22
N ASP B 79 28.07 -5.96 -21.33
CA ASP B 79 28.51 -4.57 -21.32
C ASP B 79 27.33 -3.60 -21.44
N SER B 80 26.12 -4.13 -21.42
CA SER B 80 24.92 -3.31 -21.53
C SER B 80 24.60 -2.60 -20.22
N LYS B 81 23.93 -1.45 -20.34
CA LYS B 81 23.54 -0.66 -19.18
C LYS B 81 22.05 -0.85 -18.92
N ASN B 82 21.43 -1.77 -19.64
CA ASN B 82 19.99 -2.01 -19.49
C ASN B 82 19.64 -3.50 -19.40
N GLN B 83 20.51 -4.27 -18.74
CA GLN B 83 20.29 -5.71 -18.62
C GLN B 83 18.94 -6.14 -18.07
N LYS B 84 18.53 -5.51 -16.98
CA LYS B 84 17.26 -5.82 -16.35
C LYS B 84 16.09 -5.54 -17.30
N THR B 85 16.14 -4.38 -17.95
CA THR B 85 15.09 -4.00 -18.88
C THR B 85 14.97 -4.96 -20.07
N ILE B 86 16.12 -5.43 -20.57
CA ILE B 86 16.10 -6.34 -21.70
C ILE B 86 15.44 -7.66 -21.26
N CYS B 87 15.84 -8.17 -20.10
CA CYS B 87 15.24 -9.41 -19.64
C CYS B 87 13.76 -9.27 -19.27
N GLN B 88 13.32 -8.08 -18.86
CA GLN B 88 11.92 -7.88 -18.50
C GLN B 88 11.04 -8.03 -19.74
N GLN B 89 11.49 -7.48 -20.87
CA GLN B 89 10.74 -7.59 -22.10
C GLN B 89 10.68 -9.05 -22.53
N ALA B 90 11.78 -9.77 -22.30
CA ALA B 90 11.86 -11.19 -22.64
C ALA B 90 10.87 -11.97 -21.79
N VAL B 91 10.85 -11.72 -20.48
CA VAL B 91 9.92 -12.42 -19.61
C VAL B 91 8.47 -12.07 -19.95
N ASP B 92 8.23 -10.81 -20.29
CA ASP B 92 6.88 -10.40 -20.66
C ASP B 92 6.43 -11.15 -21.91
N THR B 93 7.36 -11.46 -22.82
CA THR B 93 7.00 -12.19 -24.02
C THR B 93 6.58 -13.62 -23.67
N VAL B 94 7.25 -14.20 -22.67
CA VAL B 94 6.95 -15.55 -22.21
C VAL B 94 5.56 -15.56 -21.55
N LEU B 95 5.30 -14.55 -20.73
CA LEU B 95 4.01 -14.42 -20.06
C LEU B 95 2.90 -14.18 -21.08
N ALA B 96 3.23 -13.44 -22.14
CA ALA B 96 2.23 -13.14 -23.19
C ALA B 96 1.85 -14.44 -23.91
N LYS B 97 2.84 -15.29 -24.14
CA LYS B 97 2.61 -16.57 -24.80
C LYS B 97 1.71 -17.44 -23.92
N LYS B 98 1.97 -17.47 -22.62
CA LYS B 98 1.16 -18.26 -21.71
C LYS B 98 -0.28 -17.73 -21.70
N ARG B 99 -0.42 -16.42 -21.83
CA ARG B 99 -1.74 -15.77 -21.85
C ARG B 99 -2.51 -16.20 -23.11
N VAL B 100 -1.85 -16.11 -24.26
CA VAL B 100 -2.50 -16.51 -25.51
C VAL B 100 -2.91 -17.99 -25.42
N ASP B 101 -1.99 -18.84 -25.00
CA ASP B 101 -2.27 -20.26 -24.88
C ASP B 101 -3.44 -20.57 -23.94
N SER B 102 -3.49 -19.88 -22.81
CA SER B 102 -4.57 -20.12 -21.85
C SER B 102 -5.93 -19.78 -22.44
N LEU B 103 -5.96 -18.86 -23.39
CA LEU B 103 -7.21 -18.46 -24.00
C LEU B 103 -7.50 -19.13 -25.34
N GLN B 104 -6.47 -19.66 -25.99
CA GLN B 104 -6.70 -20.24 -27.30
C GLN B 104 -6.51 -21.75 -27.47
N LEU B 105 -5.80 -22.40 -26.56
CA LEU B 105 -5.61 -23.84 -26.70
C LEU B 105 -6.76 -24.57 -26.00
N THR B 106 -7.02 -25.81 -26.41
CA THR B 106 -8.06 -26.58 -25.73
C THR B 106 -7.32 -27.02 -24.47
N ARG B 107 -8.05 -27.40 -23.42
CA ARG B 107 -7.37 -27.84 -22.20
C ARG B 107 -6.55 -29.11 -22.44
N GLU B 108 -6.97 -29.95 -23.39
CA GLU B 108 -6.18 -31.17 -23.64
C GLU B 108 -4.84 -30.81 -24.27
N GLN B 109 -4.84 -29.83 -25.17
CA GLN B 109 -3.61 -29.38 -25.81
C GLN B 109 -2.67 -28.82 -24.74
N MET B 110 -3.24 -28.14 -23.74
CA MET B 110 -2.44 -27.59 -22.65
C MET B 110 -1.74 -28.72 -21.89
N LEU B 111 -2.51 -29.75 -21.55
CA LEU B 111 -1.96 -30.90 -20.82
C LEU B 111 -0.93 -31.62 -21.67
N THR B 112 -1.21 -31.72 -22.97
CA THR B 112 -0.30 -32.38 -23.89
C THR B 112 1.04 -31.65 -23.93
N ASN B 113 1.00 -30.32 -23.95
CA ASN B 113 2.24 -29.55 -23.94
C ASN B 113 3.01 -29.80 -22.65
N ARG B 114 2.29 -29.89 -21.53
CA ARG B 114 2.92 -30.14 -20.24
C ARG B 114 3.60 -31.53 -20.27
N PHE B 115 2.88 -32.52 -20.78
CA PHE B 115 3.43 -33.87 -20.85
C PHE B 115 4.68 -33.91 -21.72
N ASN B 116 4.68 -33.16 -22.83
CA ASN B 116 5.85 -33.13 -23.67
C ASN B 116 7.04 -32.51 -22.94
N ASP B 117 6.77 -31.54 -22.07
CA ASP B 117 7.84 -30.91 -21.30
C ASP B 117 8.40 -31.88 -20.27
N LEU B 118 7.51 -32.67 -19.68
CA LEU B 118 7.94 -33.65 -18.68
C LEU B 118 8.74 -34.74 -19.39
N LEU B 119 8.29 -35.16 -20.57
CA LEU B 119 9.00 -36.20 -21.32
C LEU B 119 10.40 -35.75 -21.72
N ASP B 120 10.56 -34.46 -21.99
CA ASP B 120 11.88 -33.92 -22.37
C ASP B 120 12.80 -34.05 -21.17
N ARG B 121 12.27 -33.72 -20.01
CA ARG B 121 13.03 -33.81 -18.76
C ARG B 121 13.40 -35.27 -18.53
N MET B 122 12.46 -36.16 -18.82
CA MET B 122 12.68 -37.59 -18.64
C MET B 122 13.75 -38.12 -19.60
N ASP B 123 13.72 -37.66 -20.84
CA ASP B 123 14.71 -38.08 -21.83
C ASP B 123 16.11 -37.85 -21.27
N ILE B 124 16.30 -36.69 -20.65
CA ILE B 124 17.58 -36.31 -20.07
C ILE B 124 17.89 -37.07 -18.77
N MET B 125 16.97 -37.01 -17.81
CA MET B 125 17.14 -37.69 -16.52
C MET B 125 17.60 -39.13 -16.65
N PHE B 126 16.90 -39.87 -17.50
CA PHE B 126 17.18 -41.28 -17.71
C PHE B 126 18.08 -41.52 -18.91
N GLY B 127 18.72 -40.47 -19.38
CA GLY B 127 19.62 -40.57 -20.52
C GLY B 127 21.07 -40.66 -20.09
N SER B 128 21.98 -40.82 -21.06
CA SER B 128 23.41 -40.94 -20.76
C SER B 128 24.00 -39.77 -19.98
N THR B 129 23.40 -38.59 -20.11
CA THR B 129 23.92 -37.42 -19.40
C THR B 129 23.08 -37.10 -18.15
N GLY B 130 22.13 -37.98 -17.84
CA GLY B 130 21.29 -37.77 -16.67
C GLY B 130 21.83 -38.50 -15.46
N SER B 131 21.30 -38.19 -14.29
CA SER B 131 21.75 -38.84 -13.07
C SER B 131 20.63 -39.58 -12.34
N ALA B 132 19.51 -39.83 -13.03
CA ALA B 132 18.40 -40.53 -12.41
C ALA B 132 18.42 -42.01 -12.79
N ASP B 133 18.01 -42.85 -11.84
CA ASP B 133 17.97 -44.29 -12.04
C ASP B 133 16.52 -44.67 -12.29
N ILE B 134 16.21 -45.08 -13.53
CA ILE B 134 14.85 -45.45 -13.89
C ILE B 134 14.24 -46.52 -12.99
N GLU B 135 15.08 -47.36 -12.38
CA GLU B 135 14.60 -48.41 -11.49
C GLU B 135 14.05 -47.81 -10.20
N GLU B 136 14.71 -46.77 -9.70
CA GLU B 136 14.28 -46.11 -8.48
C GLU B 136 12.96 -45.38 -8.71
N TRP B 137 12.77 -44.88 -9.93
CA TRP B 137 11.53 -44.18 -10.24
C TRP B 137 10.37 -45.15 -10.43
N MET B 138 10.63 -46.31 -11.04
CA MET B 138 9.57 -47.29 -11.19
C MET B 138 9.17 -47.79 -9.81
N ALA B 139 10.13 -47.81 -8.88
CA ALA B 139 9.85 -48.23 -7.52
C ALA B 139 8.85 -47.24 -6.92
N GLY B 140 8.95 -45.98 -7.35
CA GLY B 140 8.05 -44.95 -6.86
C GLY B 140 6.65 -45.20 -7.41
N VAL B 141 6.58 -45.60 -8.68
CA VAL B 141 5.31 -45.92 -9.31
C VAL B 141 4.63 -47.05 -8.52
N ALA B 142 5.43 -48.05 -8.16
CA ALA B 142 4.93 -49.20 -7.40
C ALA B 142 4.34 -48.80 -6.06
N TRP B 143 5.07 -47.97 -5.31
CA TRP B 143 4.61 -47.52 -4.01
C TRP B 143 3.32 -46.71 -4.18
N LEU B 144 3.33 -45.76 -5.10
CA LEU B 144 2.15 -44.95 -5.34
C LEU B 144 0.95 -45.81 -5.75
N HIS B 145 1.21 -46.88 -6.50
CA HIS B 145 0.12 -47.75 -6.92
C HIS B 145 -0.49 -48.53 -5.75
N CYS B 146 0.15 -48.45 -4.59
CA CYS B 146 -0.37 -49.12 -3.40
C CYS B 146 -0.99 -48.10 -2.42
N LEU B 147 -0.97 -46.82 -2.78
CA LEU B 147 -1.52 -45.79 -1.91
C LEU B 147 -3.05 -45.69 -1.95
N LEU B 148 -3.63 -45.97 -3.11
CA LEU B 148 -5.09 -45.95 -3.29
C LEU B 148 -5.44 -47.08 -4.23
N PRO B 149 -6.67 -47.60 -4.14
CA PRO B 149 -7.09 -48.69 -5.02
C PRO B 149 -7.18 -48.14 -6.45
N LYS B 150 -6.86 -48.99 -7.43
CA LYS B 150 -6.90 -48.61 -8.85
C LYS B 150 -6.32 -47.21 -9.06
N MET B 151 -5.13 -46.99 -8.51
CA MET B 151 -4.47 -45.68 -8.61
C MET B 151 -4.35 -45.10 -10.02
N ASP B 152 -3.93 -45.90 -11.00
CA ASP B 152 -3.79 -45.34 -12.34
C ASP B 152 -5.11 -44.81 -12.88
N SER B 153 -6.22 -45.43 -12.49
CA SER B 153 -7.53 -44.98 -12.93
C SER B 153 -7.90 -43.71 -12.19
N VAL B 154 -7.50 -43.61 -10.93
CA VAL B 154 -7.78 -42.40 -10.16
C VAL B 154 -7.08 -41.23 -10.85
N VAL B 155 -5.81 -41.43 -11.19
CA VAL B 155 -5.05 -40.37 -11.86
C VAL B 155 -5.70 -40.03 -13.21
N TYR B 156 -6.03 -41.05 -13.99
CA TYR B 156 -6.66 -40.84 -15.27
C TYR B 156 -7.96 -40.05 -15.12
N ASP B 157 -8.81 -40.45 -14.19
CA ASP B 157 -10.07 -39.73 -13.97
C ASP B 157 -9.81 -38.31 -13.52
N PHE B 158 -8.77 -38.09 -12.74
CA PHE B 158 -8.47 -36.74 -12.27
C PHE B 158 -8.15 -35.87 -13.48
N LEU B 159 -7.29 -36.39 -14.36
CA LEU B 159 -6.90 -35.66 -15.57
C LEU B 159 -8.13 -35.31 -16.41
N LYS B 160 -9.05 -36.25 -16.55
CA LYS B 160 -10.25 -35.99 -17.33
C LYS B 160 -11.06 -34.88 -16.68
N CYS B 161 -11.15 -34.92 -15.36
CA CYS B 161 -11.88 -33.90 -14.63
C CYS B 161 -11.27 -32.52 -14.86
N MET B 162 -9.94 -32.45 -14.83
CA MET B 162 -9.24 -31.17 -15.02
C MET B 162 -9.36 -30.65 -16.44
N VAL B 163 -9.31 -31.56 -17.42
CA VAL B 163 -9.41 -31.15 -18.81
C VAL B 163 -10.82 -30.69 -19.14
N TYR B 164 -11.81 -31.50 -18.77
CA TYR B 164 -13.21 -31.15 -19.05
C TYR B 164 -13.59 -29.84 -18.37
N ASN B 165 -13.10 -29.63 -17.16
CA ASN B 165 -13.35 -28.36 -16.46
C ASN B 165 -14.85 -28.03 -16.44
N ILE B 166 -15.66 -29.00 -16.05
CA ILE B 166 -17.12 -28.83 -16.01
C ILE B 166 -17.60 -27.95 -14.86
N PRO B 167 -18.44 -26.93 -15.16
CA PRO B 167 -18.96 -26.04 -14.13
C PRO B 167 -19.45 -26.80 -12.89
N LYS B 168 -18.96 -26.38 -11.73
CA LYS B 168 -19.32 -26.96 -10.44
C LYS B 168 -18.99 -28.44 -10.26
N LYS B 169 -18.19 -29.00 -11.15
CA LYS B 169 -17.77 -30.40 -11.06
C LYS B 169 -16.28 -30.42 -11.36
N ARG B 170 -15.56 -29.46 -10.79
CA ARG B 170 -14.13 -29.26 -11.03
C ARG B 170 -13.16 -29.50 -9.90
N TYR B 171 -13.65 -29.73 -8.68
CA TYR B 171 -12.74 -29.94 -7.55
C TYR B 171 -12.85 -31.29 -6.87
N TRP B 172 -11.69 -31.85 -6.53
CA TRP B 172 -11.62 -33.12 -5.81
C TRP B 172 -11.13 -32.78 -4.40
N LEU B 173 -11.69 -33.45 -3.42
CA LEU B 173 -11.31 -33.24 -2.04
C LEU B 173 -10.52 -34.43 -1.53
N PHE B 174 -9.31 -34.16 -1.01
CA PHE B 174 -8.47 -35.20 -0.43
C PHE B 174 -8.64 -35.00 1.07
N LYS B 175 -9.20 -35.99 1.75
CA LYS B 175 -9.44 -35.86 3.18
C LYS B 175 -8.88 -37.06 3.92
N GLY B 176 -8.35 -36.83 5.11
CA GLY B 176 -7.79 -37.91 5.88
C GLY B 176 -6.88 -37.45 7.01
N PRO B 177 -6.41 -38.39 7.84
CA PRO B 177 -5.53 -38.12 8.98
C PRO B 177 -4.15 -37.67 8.54
N ILE B 178 -3.34 -37.26 9.51
CA ILE B 178 -1.97 -36.83 9.26
C ILE B 178 -1.16 -37.97 8.66
N ASP B 179 -0.35 -37.64 7.66
CA ASP B 179 0.50 -38.64 7.00
C ASP B 179 -0.27 -39.80 6.36
N SER B 180 -1.31 -39.48 5.60
CA SER B 180 -2.08 -40.52 4.92
C SER B 180 -1.82 -40.44 3.41
N GLY B 181 -0.99 -39.49 2.99
CA GLY B 181 -0.65 -39.36 1.58
C GLY B 181 -1.33 -38.28 0.75
N LYS B 182 -2.14 -37.44 1.39
CA LYS B 182 -2.86 -36.37 0.70
C LYS B 182 -1.95 -35.43 -0.07
N THR B 183 -1.00 -34.86 0.64
CA THR B 183 -0.05 -33.91 0.05
C THR B 183 0.84 -34.61 -0.97
N THR B 184 1.27 -35.83 -0.66
CA THR B 184 2.15 -36.57 -1.58
C THR B 184 1.49 -36.70 -2.95
N LEU B 185 0.23 -37.12 -2.99
CA LEU B 185 -0.46 -37.28 -4.28
C LEU B 185 -0.84 -35.95 -4.93
N ALA B 186 -1.24 -34.98 -4.12
CA ALA B 186 -1.62 -33.67 -4.66
C ALA B 186 -0.41 -32.97 -5.26
N ALA B 187 0.74 -33.10 -4.61
CA ALA B 187 1.97 -32.47 -5.10
C ALA B 187 2.35 -33.11 -6.43
N ALA B 188 2.22 -34.44 -6.53
CA ALA B 188 2.55 -35.17 -7.74
C ALA B 188 1.63 -34.77 -8.90
N LEU B 189 0.34 -34.61 -8.61
CA LEU B 189 -0.64 -34.23 -9.63
C LEU B 189 -0.43 -32.78 -10.07
N LEU B 190 -0.01 -31.93 -9.13
CA LEU B 190 0.23 -30.52 -9.44
C LEU B 190 1.37 -30.45 -10.46
N GLU B 191 2.44 -31.20 -10.20
CA GLU B 191 3.57 -31.20 -11.13
C GLU B 191 3.20 -31.86 -12.45
N LEU B 192 2.39 -32.90 -12.40
CA LEU B 192 1.97 -33.60 -13.61
C LEU B 192 1.23 -32.68 -14.59
N CYS B 193 0.34 -31.84 -14.08
CA CYS B 193 -0.44 -30.93 -14.92
C CYS B 193 0.09 -29.51 -14.98
N GLY B 194 0.84 -29.10 -13.96
CA GLY B 194 1.33 -27.74 -13.91
C GLY B 194 0.27 -26.92 -13.20
N GLY B 195 0.70 -25.97 -12.38
CA GLY B 195 -0.25 -25.14 -11.64
C GLY B 195 0.39 -24.56 -10.40
N LYS B 196 -0.42 -24.12 -9.44
CA LYS B 196 0.12 -23.53 -8.22
C LYS B 196 -0.63 -24.04 -6.98
N ALA B 197 0.06 -24.06 -5.85
CA ALA B 197 -0.56 -24.46 -4.59
C ALA B 197 -0.83 -23.16 -3.87
N LEU B 198 -2.03 -23.00 -3.33
CA LEU B 198 -2.39 -21.78 -2.63
C LEU B 198 -2.69 -22.05 -1.17
N ASN B 199 -2.27 -21.11 -0.32
CA ASN B 199 -2.49 -21.21 1.11
C ASN B 199 -3.59 -20.23 1.49
N VAL B 200 -4.75 -20.75 1.89
CA VAL B 200 -5.86 -19.89 2.25
C VAL B 200 -6.13 -19.89 3.76
N ASN B 201 -5.15 -20.32 4.54
CA ASN B 201 -5.29 -20.33 5.99
C ASN B 201 -4.88 -18.99 6.59
N LEU B 202 -4.21 -18.16 5.80
CA LEU B 202 -3.78 -16.85 6.25
C LEU B 202 -4.92 -15.83 6.17
N PRO B 203 -4.78 -14.68 6.85
CA PRO B 203 -5.81 -13.63 6.85
C PRO B 203 -6.33 -13.28 5.47
N LEU B 204 -7.64 -13.08 5.37
CA LEU B 204 -8.29 -12.75 4.11
C LEU B 204 -7.82 -11.39 3.57
N ASP B 205 -7.23 -10.58 4.44
CA ASP B 205 -6.74 -9.26 4.04
C ASP B 205 -5.71 -9.38 2.91
N ARG B 206 -4.86 -10.39 3.00
CA ARG B 206 -3.83 -10.62 1.99
C ARG B 206 -4.16 -11.89 1.21
N LEU B 207 -5.44 -12.22 1.18
CA LEU B 207 -5.93 -13.41 0.48
C LEU B 207 -5.98 -13.19 -1.03
N ASN B 208 -6.41 -12.00 -1.44
CA ASN B 208 -6.50 -11.67 -2.86
C ASN B 208 -5.12 -11.78 -3.52
N PHE B 209 -4.08 -11.46 -2.75
CA PHE B 209 -2.72 -11.53 -3.25
C PHE B 209 -2.40 -12.98 -3.62
N GLU B 210 -2.70 -13.89 -2.72
CA GLU B 210 -2.45 -15.31 -2.94
C GLU B 210 -3.31 -15.86 -4.09
N LEU B 211 -4.58 -15.47 -4.14
CA LEU B 211 -5.46 -15.95 -5.19
C LEU B 211 -4.96 -15.52 -6.57
N GLY B 212 -4.26 -14.39 -6.62
CA GLY B 212 -3.74 -13.90 -7.88
C GLY B 212 -2.69 -14.78 -8.53
N VAL B 213 -2.02 -15.63 -7.76
CA VAL B 213 -1.00 -16.49 -8.35
C VAL B 213 -1.64 -17.54 -9.28
N ALA B 214 -2.95 -17.73 -9.17
CA ALA B 214 -3.67 -18.69 -10.02
C ALA B 214 -3.87 -18.20 -11.45
N ILE B 215 -3.52 -16.95 -11.72
CA ILE B 215 -3.70 -16.42 -13.08
C ILE B 215 -3.00 -17.29 -14.12
N ASP B 216 -3.72 -17.62 -15.18
CA ASP B 216 -3.23 -18.44 -16.28
C ASP B 216 -2.76 -19.85 -15.88
N GLN B 217 -3.11 -20.31 -14.68
CA GLN B 217 -2.67 -21.64 -14.25
C GLN B 217 -3.66 -22.73 -14.69
N PHE B 218 -3.12 -23.91 -15.03
CA PHE B 218 -3.96 -25.02 -15.46
C PHE B 218 -4.83 -25.52 -14.31
N LEU B 219 -4.23 -25.63 -13.13
CA LEU B 219 -4.96 -26.06 -11.96
C LEU B 219 -4.35 -25.47 -10.70
N VAL B 220 -5.09 -25.58 -9.61
CA VAL B 220 -4.67 -25.06 -8.32
C VAL B 220 -4.95 -26.07 -7.21
N VAL B 221 -4.06 -26.12 -6.22
CA VAL B 221 -4.27 -26.99 -5.07
C VAL B 221 -4.33 -26.15 -3.80
N PHE B 222 -5.46 -26.21 -3.10
CA PHE B 222 -5.59 -25.50 -1.83
C PHE B 222 -5.08 -26.51 -0.80
N GLU B 223 -3.83 -26.33 -0.38
CA GLU B 223 -3.19 -27.24 0.56
C GLU B 223 -3.52 -27.06 2.05
N ASP B 224 -3.73 -28.21 2.70
CA ASP B 224 -4.02 -28.27 4.12
C ASP B 224 -4.92 -27.18 4.65
N VAL B 225 -6.18 -27.17 4.20
CA VAL B 225 -7.14 -26.18 4.62
C VAL B 225 -7.70 -26.54 6.00
N LYS B 226 -7.65 -25.58 6.92
CA LYS B 226 -8.11 -25.79 8.29
C LYS B 226 -9.55 -25.31 8.55
N GLY B 227 -10.31 -26.13 9.28
CA GLY B 227 -11.69 -25.78 9.60
C GLY B 227 -11.84 -25.46 11.06
N THR B 228 -13.05 -25.64 11.60
CA THR B 228 -13.27 -25.36 13.01
C THR B 228 -13.70 -26.57 13.84
N GLY B 229 -14.66 -27.33 13.33
CA GLY B 229 -15.10 -28.50 14.07
C GLY B 229 -14.07 -29.62 14.08
N GLY B 230 -13.10 -29.53 14.99
CA GLY B 230 -12.07 -30.55 15.05
C GLY B 230 -11.45 -30.76 16.41
N GLU B 231 -12.08 -30.24 17.46
CA GLU B 231 -11.56 -30.40 18.81
C GLU B 231 -11.48 -31.89 19.13
N SER B 232 -12.49 -32.63 18.69
CA SER B 232 -12.58 -34.07 18.91
C SER B 232 -11.33 -34.81 18.43
N ARG B 233 -10.81 -34.41 17.28
CA ARG B 233 -9.63 -35.04 16.70
C ARG B 233 -8.34 -34.30 17.01
N ASP B 234 -8.37 -33.44 18.03
CA ASP B 234 -7.19 -32.67 18.42
C ASP B 234 -6.68 -31.83 17.25
N LEU B 235 -7.62 -31.42 16.39
CA LEU B 235 -7.28 -30.60 15.23
C LEU B 235 -7.49 -29.12 15.55
N PRO B 236 -6.46 -28.30 15.34
CA PRO B 236 -6.51 -26.86 15.60
C PRO B 236 -7.49 -26.15 14.66
N SER B 237 -8.25 -25.19 15.19
CA SER B 237 -9.21 -24.46 14.38
C SER B 237 -8.52 -23.46 13.47
N GLY B 238 -9.19 -23.12 12.38
CA GLY B 238 -8.64 -22.15 11.43
C GLY B 238 -9.76 -21.56 10.58
N GLN B 239 -9.39 -20.64 9.69
CA GLN B 239 -10.34 -19.98 8.81
C GLN B 239 -10.34 -20.48 7.37
N GLY B 240 -9.47 -21.45 7.09
CA GLY B 240 -9.37 -22.00 5.75
C GLY B 240 -10.69 -22.41 5.10
N ILE B 241 -11.49 -23.21 5.81
CA ILE B 241 -12.78 -23.65 5.27
C ILE B 241 -13.73 -22.47 5.07
N ASN B 242 -13.87 -21.60 6.06
CA ASN B 242 -14.74 -20.44 5.92
C ASN B 242 -14.29 -19.60 4.72
N ASN B 243 -12.98 -19.49 4.55
CA ASN B 243 -12.42 -18.73 3.44
C ASN B 243 -12.85 -19.37 2.11
N LEU B 244 -12.71 -20.69 2.00
CA LEU B 244 -13.12 -21.36 0.77
C LEU B 244 -14.60 -21.18 0.52
N ASP B 245 -15.40 -21.21 1.59
CA ASP B 245 -16.84 -21.04 1.46
C ASP B 245 -17.24 -19.66 0.96
N ASN B 246 -16.32 -18.69 1.09
CA ASN B 246 -16.58 -17.34 0.61
C ASN B 246 -16.12 -17.21 -0.85
N LEU B 247 -15.57 -18.30 -1.38
CA LEU B 247 -15.08 -18.31 -2.75
C LEU B 247 -15.84 -19.28 -3.64
N ARG B 248 -17.16 -19.35 -3.46
CA ARG B 248 -17.99 -20.27 -4.25
C ARG B 248 -17.88 -20.02 -5.75
N ASP B 249 -17.87 -18.75 -6.15
CA ASP B 249 -17.78 -18.42 -7.57
C ASP B 249 -16.42 -18.81 -8.16
N TYR B 250 -15.42 -18.93 -7.29
CA TYR B 250 -14.09 -19.34 -7.74
C TYR B 250 -14.12 -20.85 -7.99
N LEU B 251 -14.63 -21.60 -7.04
CA LEU B 251 -14.69 -23.05 -7.15
C LEU B 251 -15.64 -23.54 -8.25
N ASP B 252 -16.78 -22.87 -8.40
CA ASP B 252 -17.76 -23.24 -9.42
C ASP B 252 -17.23 -23.17 -10.84
N GLY B 253 -16.48 -22.11 -11.15
CA GLY B 253 -15.95 -21.97 -12.49
C GLY B 253 -17.02 -21.65 -13.53
N SER B 254 -18.11 -21.02 -13.11
CA SER B 254 -19.18 -20.66 -14.04
C SER B 254 -18.99 -19.25 -14.57
N VAL B 255 -18.81 -18.29 -13.65
CA VAL B 255 -18.57 -16.91 -14.04
C VAL B 255 -17.09 -16.64 -13.87
N LYS B 256 -16.59 -15.64 -14.58
CA LYS B 256 -15.18 -15.29 -14.44
C LYS B 256 -15.02 -14.49 -13.15
N VAL B 257 -13.91 -14.71 -12.45
CA VAL B 257 -13.65 -13.97 -11.21
C VAL B 257 -12.54 -12.96 -11.51
N ASN B 258 -12.31 -12.04 -10.59
CA ASN B 258 -11.32 -10.99 -10.79
C ASN B 258 -10.08 -11.17 -9.94
N LEU B 259 -9.01 -11.62 -10.59
CA LEU B 259 -7.74 -11.90 -9.91
C LEU B 259 -6.73 -10.76 -10.12
N GLU B 260 -6.03 -10.40 -9.05
CA GLU B 260 -5.04 -9.34 -9.13
C GLU B 260 -3.66 -9.85 -8.73
N LYS B 261 -2.69 -9.68 -9.62
CA LYS B 261 -1.34 -10.11 -9.34
C LYS B 261 -0.51 -8.86 -9.09
N LYS B 262 -0.87 -8.15 -8.01
CA LYS B 262 -0.20 -6.92 -7.61
C LYS B 262 -0.54 -5.78 -8.57
N HIS B 263 0.01 -4.61 -8.28
CA HIS B 263 -0.23 -3.43 -9.10
C HIS B 263 0.43 -3.46 -10.47
N LEU B 264 0.18 -4.51 -11.24
CA LEU B 264 0.77 -4.60 -12.57
C LEU B 264 0.23 -5.74 -13.45
N ASN B 265 -0.69 -6.54 -12.92
CA ASN B 265 -1.23 -7.66 -13.70
C ASN B 265 -2.58 -8.15 -13.18
N LYS B 266 -3.65 -7.47 -13.56
CA LYS B 266 -4.99 -7.87 -13.15
C LYS B 266 -5.53 -8.85 -14.20
N ARG B 267 -6.60 -9.57 -13.87
CA ARG B 267 -7.13 -10.53 -14.83
C ARG B 267 -8.49 -11.13 -14.44
N THR B 268 -9.46 -10.99 -15.34
CA THR B 268 -10.78 -11.55 -15.13
C THR B 268 -10.81 -12.84 -15.92
N GLN B 269 -10.91 -13.97 -15.22
CA GLN B 269 -10.91 -15.27 -15.87
C GLN B 269 -11.66 -16.30 -15.05
N ILE B 270 -11.94 -17.45 -15.64
CA ILE B 270 -12.59 -18.52 -14.92
C ILE B 270 -11.48 -19.06 -14.01
N PHE B 271 -11.77 -19.21 -12.72
CA PHE B 271 -10.75 -19.70 -11.80
C PHE B 271 -10.35 -21.12 -12.21
N PRO B 272 -9.08 -21.50 -11.97
CA PRO B 272 -8.69 -22.86 -12.35
C PRO B 272 -9.36 -23.93 -11.50
N PRO B 273 -9.51 -25.15 -12.04
CA PRO B 273 -10.13 -26.25 -11.30
C PRO B 273 -8.98 -26.80 -10.44
N GLY B 274 -9.23 -27.83 -9.63
CA GLY B 274 -8.13 -28.32 -8.82
C GLY B 274 -8.44 -29.28 -7.68
N ILE B 275 -7.69 -29.12 -6.60
CA ILE B 275 -7.78 -29.98 -5.42
C ILE B 275 -7.78 -29.20 -4.11
N VAL B 276 -8.39 -29.80 -3.09
CA VAL B 276 -8.41 -29.24 -1.74
C VAL B 276 -8.00 -30.43 -0.86
N THR B 277 -7.01 -30.24 0.01
CA THR B 277 -6.58 -31.30 0.92
C THR B 277 -6.87 -30.82 2.35
N MET B 278 -7.30 -31.72 3.22
CA MET B 278 -7.62 -31.33 4.61
C MET B 278 -7.67 -32.50 5.59
N ASN B 279 -7.61 -32.17 6.88
CA ASN B 279 -7.63 -33.09 8.02
C ASN B 279 -8.94 -33.55 8.66
N GLU B 280 -9.95 -33.96 7.90
CA GLU B 280 -11.17 -34.43 8.54
C GLU B 280 -11.89 -33.40 9.41
N TYR B 281 -11.98 -32.17 8.93
CA TYR B 281 -12.71 -31.14 9.66
C TYR B 281 -14.13 -31.24 9.10
N SER B 282 -15.05 -30.47 9.65
CA SER B 282 -16.42 -30.50 9.14
C SER B 282 -16.46 -29.65 7.88
N VAL B 283 -17.22 -30.08 6.88
CA VAL B 283 -17.33 -29.33 5.63
C VAL B 283 -18.76 -28.92 5.34
N PRO B 284 -19.04 -27.61 5.34
CA PRO B 284 -20.37 -27.06 5.07
C PRO B 284 -20.96 -27.66 3.80
N LYS B 285 -22.26 -27.89 3.79
CA LYS B 285 -22.93 -28.48 2.63
C LYS B 285 -22.76 -27.59 1.40
N THR B 286 -22.66 -26.28 1.62
CA THR B 286 -22.49 -25.36 0.52
C THR B 286 -21.13 -25.58 -0.14
N LEU B 287 -20.12 -25.90 0.66
CA LEU B 287 -18.79 -26.14 0.13
C LEU B 287 -18.68 -27.53 -0.49
N GLN B 288 -19.29 -28.52 0.16
CA GLN B 288 -19.27 -29.89 -0.32
C GLN B 288 -19.89 -29.99 -1.72
N ALA B 289 -20.84 -29.10 -2.01
CA ALA B 289 -21.50 -29.08 -3.31
C ALA B 289 -20.53 -28.77 -4.46
N ARG B 290 -19.37 -28.21 -4.12
CA ARG B 290 -18.39 -27.87 -5.14
C ARG B 290 -17.38 -28.98 -5.41
N PHE B 291 -17.43 -30.04 -4.61
CA PHE B 291 -16.51 -31.16 -4.77
C PHE B 291 -17.17 -32.33 -5.51
N VAL B 292 -16.73 -32.61 -6.73
CA VAL B 292 -17.30 -33.72 -7.50
C VAL B 292 -16.92 -35.07 -6.90
N LYS B 293 -15.72 -35.13 -6.35
CA LYS B 293 -15.26 -36.37 -5.76
C LYS B 293 -14.47 -36.14 -4.48
N GLN B 294 -14.66 -37.03 -3.51
CA GLN B 294 -13.94 -36.95 -2.26
C GLN B 294 -13.20 -38.27 -2.07
N ILE B 295 -11.90 -38.20 -1.88
CA ILE B 295 -11.09 -39.39 -1.66
C ILE B 295 -10.59 -39.35 -0.23
N ASP B 296 -10.86 -40.41 0.52
CA ASP B 296 -10.44 -40.49 1.90
C ASP B 296 -9.17 -41.31 1.97
N PHE B 297 -8.08 -40.69 2.40
CA PHE B 297 -6.79 -41.36 2.50
C PHE B 297 -6.63 -42.04 3.86
N ARG B 298 -5.97 -43.18 3.86
CA ARG B 298 -5.75 -43.93 5.10
C ARG B 298 -4.30 -44.32 5.31
N PRO B 299 -3.79 -44.12 6.53
CA PRO B 299 -2.40 -44.50 6.81
C PRO B 299 -2.32 -46.02 6.66
N LYS B 300 -1.17 -46.52 6.22
CA LYS B 300 -0.97 -47.96 6.05
C LYS B 300 0.40 -48.32 6.59
N ASP B 301 0.44 -49.24 7.55
CA ASP B 301 1.71 -49.63 8.14
C ASP B 301 2.72 -50.12 7.13
N TYR B 302 2.29 -50.91 6.16
CA TYR B 302 3.24 -51.42 5.17
C TYR B 302 3.82 -50.33 4.28
N LEU B 303 3.03 -49.29 3.97
CA LEU B 303 3.53 -48.18 3.15
C LEU B 303 4.63 -47.50 3.95
N LYS B 304 4.39 -47.36 5.26
CA LYS B 304 5.34 -46.75 6.17
C LYS B 304 6.60 -47.58 6.31
N HIS B 305 6.45 -48.87 6.58
CA HIS B 305 7.60 -49.77 6.74
C HIS B 305 8.40 -49.86 5.44
N CYS B 306 7.71 -49.81 4.32
CA CYS B 306 8.39 -49.87 3.03
C CYS B 306 9.35 -48.68 2.89
N LEU B 307 8.82 -47.49 3.14
CA LEU B 307 9.61 -46.26 3.03
C LEU B 307 10.81 -46.25 3.98
N GLU B 308 10.64 -46.84 5.16
CA GLU B 308 11.73 -46.91 6.13
C GLU B 308 12.88 -47.67 5.51
N ARG B 309 12.56 -48.54 4.55
CA ARG B 309 13.57 -49.35 3.89
C ARG B 309 13.79 -48.95 2.43
N SER B 310 13.25 -47.81 2.05
CA SER B 310 13.37 -47.30 0.68
C SER B 310 13.48 -45.78 0.78
N GLU B 311 14.40 -45.33 1.63
CA GLU B 311 14.62 -43.91 1.88
C GLU B 311 14.76 -43.04 0.64
N PHE B 312 15.38 -43.58 -0.41
CA PHE B 312 15.56 -42.82 -1.65
C PHE B 312 14.26 -42.28 -2.23
N LEU B 313 13.15 -42.94 -1.95
CA LEU B 313 11.87 -42.47 -2.47
C LEU B 313 11.52 -41.09 -1.91
N LEU B 314 12.00 -40.80 -0.71
CA LEU B 314 11.75 -39.51 -0.09
C LEU B 314 12.91 -38.54 -0.33
N GLU B 315 14.13 -39.04 -0.13
CA GLU B 315 15.33 -38.23 -0.32
C GLU B 315 15.45 -37.69 -1.75
N LYS B 316 14.98 -38.47 -2.73
CA LYS B 316 15.05 -38.03 -4.11
C LYS B 316 13.70 -37.47 -4.57
N ARG B 317 12.76 -37.32 -3.63
CA ARG B 317 11.44 -36.78 -3.94
C ARG B 317 10.77 -37.44 -5.13
N ILE B 318 10.74 -38.76 -5.10
CA ILE B 318 10.15 -39.55 -6.17
C ILE B 318 8.65 -39.80 -6.05
N ILE B 319 8.17 -40.20 -4.86
CA ILE B 319 6.73 -40.49 -4.75
C ILE B 319 5.82 -39.27 -4.82
N GLN B 320 6.40 -38.08 -4.71
CA GLN B 320 5.61 -36.85 -4.80
C GLN B 320 5.82 -36.18 -6.16
N SER B 321 6.45 -36.89 -7.08
CA SER B 321 6.75 -36.34 -8.40
C SER B 321 5.73 -36.61 -9.50
N GLY B 322 5.52 -35.60 -10.34
CA GLY B 322 4.62 -35.74 -11.45
C GLY B 322 5.20 -36.71 -12.48
N ILE B 323 6.53 -36.86 -12.45
CA ILE B 323 7.21 -37.77 -13.38
C ILE B 323 6.86 -39.22 -13.03
N ALA B 324 6.70 -39.49 -11.74
CA ALA B 324 6.36 -40.83 -11.29
C ALA B 324 4.95 -41.14 -11.78
N LEU B 325 4.07 -40.16 -11.73
CA LEU B 325 2.70 -40.37 -12.21
C LEU B 325 2.67 -40.53 -13.72
N LEU B 326 3.51 -39.77 -14.43
CA LEU B 326 3.54 -39.88 -15.89
C LEU B 326 4.04 -41.28 -16.27
N LEU B 327 5.05 -41.78 -15.55
CA LEU B 327 5.57 -43.12 -15.80
C LEU B 327 4.45 -44.14 -15.50
N MET B 328 3.65 -43.87 -14.47
CA MET B 328 2.56 -44.77 -14.12
C MET B 328 1.55 -44.85 -15.27
N LEU B 329 1.19 -43.69 -15.83
CA LEU B 329 0.24 -43.64 -16.93
C LEU B 329 0.78 -44.35 -18.17
N ILE B 330 2.09 -44.22 -18.41
CA ILE B 330 2.74 -44.86 -19.55
C ILE B 330 2.73 -46.38 -19.39
N TRP B 331 2.97 -46.84 -18.17
CA TRP B 331 3.00 -48.27 -17.90
C TRP B 331 1.61 -48.91 -17.96
N TYR B 332 0.63 -48.28 -17.32
CA TYR B 332 -0.73 -48.81 -17.25
C TYR B 332 -1.75 -48.46 -18.32
N ARG B 333 -1.73 -47.22 -18.80
CA ARG B 333 -2.74 -46.78 -19.77
C ARG B 333 -2.52 -47.11 -21.24
N PRO B 334 -3.61 -47.39 -21.96
CA PRO B 334 -3.58 -47.72 -23.40
C PRO B 334 -3.18 -46.46 -24.17
N VAL B 335 -2.34 -46.63 -25.19
CA VAL B 335 -1.88 -45.50 -26.00
C VAL B 335 -3.05 -44.64 -26.49
N ALA B 336 -4.14 -45.30 -26.88
CA ALA B 336 -5.32 -44.63 -27.38
C ALA B 336 -5.86 -43.53 -26.47
N GLU B 337 -5.65 -43.64 -25.17
CA GLU B 337 -6.16 -42.64 -24.25
C GLU B 337 -5.38 -41.33 -24.28
N PHE B 338 -4.18 -41.36 -24.85
CA PHE B 338 -3.36 -40.16 -24.93
C PHE B 338 -3.73 -39.39 -26.20
N ALA B 339 -3.40 -38.10 -26.22
CA ALA B 339 -3.69 -37.26 -27.38
C ALA B 339 -2.93 -37.81 -28.58
N GLN B 340 -3.56 -37.74 -29.75
CA GLN B 340 -2.95 -38.22 -30.99
C GLN B 340 -1.52 -37.78 -31.25
N SER B 341 -1.23 -36.51 -31.03
CA SER B 341 0.11 -35.97 -31.29
C SER B 341 1.24 -36.48 -30.40
N ILE B 342 0.89 -37.01 -29.24
CA ILE B 342 1.92 -37.50 -28.32
C ILE B 342 2.03 -39.04 -28.29
N GLN B 343 1.03 -39.72 -28.83
CA GLN B 343 1.01 -41.18 -28.86
C GLN B 343 2.30 -41.84 -29.35
N SER B 344 2.86 -41.31 -30.44
CA SER B 344 4.08 -41.86 -30.99
C SER B 344 5.17 -41.87 -29.91
N ARG B 345 5.22 -40.79 -29.13
CA ARG B 345 6.21 -40.66 -28.08
C ARG B 345 5.91 -41.60 -26.91
N ILE B 346 4.63 -41.74 -26.58
CA ILE B 346 4.23 -42.62 -25.49
C ILE B 346 4.59 -44.07 -25.83
N VAL B 347 4.49 -44.43 -27.11
CA VAL B 347 4.83 -45.77 -27.56
C VAL B 347 6.31 -46.01 -27.31
N GLU B 348 7.14 -45.02 -27.63
CA GLU B 348 8.57 -45.15 -27.43
C GLU B 348 8.86 -45.45 -25.96
N TRP B 349 8.22 -44.71 -25.06
CA TRP B 349 8.44 -44.92 -23.62
C TRP B 349 7.89 -46.26 -23.14
N LYS B 350 6.80 -46.72 -23.73
CA LYS B 350 6.24 -48.01 -23.34
C LYS B 350 7.24 -49.11 -23.70
N GLU B 351 7.94 -48.92 -24.81
CA GLU B 351 8.93 -49.90 -25.26
C GLU B 351 10.15 -49.86 -24.35
N ARG B 352 10.53 -48.66 -23.92
CA ARG B 352 11.66 -48.46 -23.03
C ARG B 352 11.39 -49.13 -21.68
N LEU B 353 10.18 -48.92 -21.15
CA LEU B 353 9.82 -49.50 -19.86
C LEU B 353 9.76 -51.03 -19.95
N ASP B 354 9.21 -51.55 -21.04
CA ASP B 354 9.11 -53.00 -21.22
C ASP B 354 10.50 -53.60 -21.37
N LYS B 355 11.43 -52.84 -21.94
CA LYS B 355 12.79 -53.31 -22.13
C LYS B 355 13.54 -53.38 -20.81
N GLU B 356 13.21 -52.50 -19.89
CA GLU B 356 13.88 -52.47 -18.60
C GLU B 356 13.17 -53.23 -17.50
N PHE B 357 11.86 -53.38 -17.62
CA PHE B 357 11.10 -54.08 -16.60
C PHE B 357 10.09 -55.10 -17.12
N SER B 358 10.33 -56.36 -16.81
CA SER B 358 9.39 -57.41 -17.21
C SER B 358 8.24 -57.23 -16.23
N LEU B 359 7.09 -57.82 -16.53
CA LEU B 359 5.95 -57.70 -15.63
C LEU B 359 6.31 -58.20 -14.23
N SER B 360 6.94 -59.37 -14.14
CA SER B 360 7.30 -59.93 -12.84
C SER B 360 8.25 -59.03 -12.04
N VAL B 361 9.22 -58.41 -12.71
CA VAL B 361 10.16 -57.52 -12.04
C VAL B 361 9.43 -56.31 -11.44
N TYR B 362 8.45 -55.78 -12.17
CA TYR B 362 7.70 -54.65 -11.65
C TYR B 362 6.78 -55.14 -10.54
N GLN B 363 6.11 -56.26 -10.78
CA GLN B 363 5.19 -56.83 -9.80
C GLN B 363 5.93 -57.11 -8.49
N LYS B 364 7.21 -57.45 -8.60
CA LYS B 364 8.03 -57.73 -7.42
C LYS B 364 8.18 -56.48 -6.57
N MET B 365 8.17 -55.29 -7.19
CA MET B 365 8.29 -54.06 -6.43
C MET B 365 6.99 -53.85 -5.63
N LYS B 366 5.86 -54.07 -6.27
CA LYS B 366 4.56 -53.92 -5.63
C LYS B 366 4.44 -54.93 -4.48
N PHE B 367 5.02 -56.11 -4.68
CA PHE B 367 5.01 -57.17 -3.67
C PHE B 367 5.74 -56.67 -2.44
N ASN B 368 6.95 -56.15 -2.65
CA ASN B 368 7.75 -55.62 -1.55
C ASN B 368 7.02 -54.51 -0.80
N VAL B 369 6.33 -53.64 -1.54
CA VAL B 369 5.61 -52.55 -0.91
C VAL B 369 4.52 -53.14 0.00
N ALA B 370 3.70 -54.02 -0.57
CA ALA B 370 2.61 -54.67 0.17
C ALA B 370 3.10 -55.42 1.41
N MET B 371 4.30 -55.99 1.34
CA MET B 371 4.86 -56.73 2.45
C MET B 371 5.59 -55.82 3.43
N GLY B 372 5.70 -54.53 3.09
CA GLY B 372 6.36 -53.59 3.97
C GLY B 372 7.88 -53.67 4.02
N ILE B 373 8.50 -54.09 2.92
CA ILE B 373 9.96 -54.18 2.91
C ILE B 373 10.56 -53.27 1.82
N GLY B 374 11.89 -53.24 1.73
CA GLY B 374 12.55 -52.40 0.73
C GLY B 374 12.02 -52.68 -0.67
N VAL B 375 11.50 -51.65 -1.31
CA VAL B 375 10.94 -51.80 -2.65
C VAL B 375 11.87 -52.49 -3.65
N LEU B 376 13.17 -52.28 -3.51
CA LEU B 376 14.11 -52.89 -4.44
C LEU B 376 14.77 -54.17 -3.92
N ASP B 377 14.12 -54.84 -2.98
CA ASP B 377 14.66 -56.08 -2.42
C ASP B 377 14.41 -57.27 -3.36
N THR C 15 12.98 3.97 -42.70
CA THR C 15 14.04 3.63 -41.70
C THR C 15 13.64 2.39 -40.92
N LYS C 16 12.52 1.78 -41.34
CA LYS C 16 12.00 0.59 -40.69
C LYS C 16 11.64 0.88 -39.24
N GLN C 17 10.62 1.70 -39.05
CA GLN C 17 10.15 2.07 -37.73
C GLN C 17 8.76 1.50 -37.51
N VAL C 18 8.54 0.87 -36.36
CA VAL C 18 7.24 0.27 -36.06
C VAL C 18 6.14 1.33 -35.97
N SER C 19 4.97 0.99 -36.50
CA SER C 19 3.83 1.90 -36.47
C SER C 19 2.98 1.60 -35.24
N TRP C 20 2.96 2.54 -34.31
CA TRP C 20 2.19 2.37 -33.08
C TRP C 20 0.70 2.38 -33.42
N LYS C 21 0.36 3.19 -34.41
CA LYS C 21 -1.02 3.33 -34.87
C LYS C 21 -1.59 2.01 -35.38
N LEU C 22 -0.76 1.21 -36.05
CA LEU C 22 -1.21 -0.07 -36.57
C LEU C 22 -1.51 -1.08 -35.46
N VAL C 23 -0.68 -1.08 -34.41
CA VAL C 23 -0.93 -1.99 -33.30
C VAL C 23 -2.24 -1.58 -32.64
N THR C 24 -2.43 -0.27 -32.50
CA THR C 24 -3.64 0.27 -31.89
C THR C 24 -4.87 -0.13 -32.71
N GLU C 25 -4.76 -0.05 -34.02
CA GLU C 25 -5.86 -0.43 -34.90
C GLU C 25 -6.22 -1.90 -34.67
N TYR C 26 -5.20 -2.74 -34.55
CA TYR C 26 -5.43 -4.17 -34.31
C TYR C 26 -6.15 -4.38 -32.98
N ALA C 27 -5.70 -3.68 -31.94
CA ALA C 27 -6.32 -3.80 -30.62
C ALA C 27 -7.78 -3.35 -30.67
N MET C 28 -8.03 -2.24 -31.37
CA MET C 28 -9.38 -1.72 -31.50
C MET C 28 -10.30 -2.71 -32.21
N GLU C 29 -9.85 -3.24 -33.33
CA GLU C 29 -10.67 -4.17 -34.10
C GLU C 29 -10.97 -5.47 -33.37
N THR C 30 -10.06 -5.87 -32.48
CA THR C 30 -10.24 -7.10 -31.71
C THR C 30 -10.71 -6.79 -30.31
N LYS C 31 -10.99 -5.51 -30.05
CA LYS C 31 -11.43 -5.05 -28.75
C LYS C 31 -10.58 -5.69 -27.65
N CYS C 32 -9.27 -5.62 -27.84
CA CYS C 32 -8.34 -6.19 -26.87
C CYS C 32 -7.88 -5.15 -25.86
N ASP C 33 -8.28 -5.35 -24.61
CA ASP C 33 -7.91 -4.43 -23.54
C ASP C 33 -6.97 -5.10 -22.55
N ASP C 34 -6.28 -6.14 -23.02
CA ASP C 34 -5.33 -6.91 -22.22
C ASP C 34 -3.94 -6.75 -22.83
N VAL C 35 -3.06 -6.01 -22.18
CA VAL C 35 -1.73 -5.77 -22.71
C VAL C 35 -0.94 -7.04 -23.06
N LEU C 36 -0.91 -8.02 -22.17
CA LEU C 36 -0.16 -9.25 -22.44
C LEU C 36 -0.77 -10.03 -23.59
N LEU C 37 -2.10 -10.11 -23.62
CA LEU C 37 -2.77 -10.80 -24.70
C LEU C 37 -2.42 -10.11 -26.01
N LEU C 38 -2.47 -8.78 -26.03
CA LEU C 38 -2.15 -8.00 -27.22
C LEU C 38 -0.73 -8.29 -27.69
N LEU C 39 0.21 -8.25 -26.75
CA LEU C 39 1.60 -8.52 -27.04
C LEU C 39 1.79 -9.93 -27.64
N GLY C 40 1.15 -10.91 -27.01
CA GLY C 40 1.26 -12.27 -27.50
C GLY C 40 0.69 -12.43 -28.90
N MET C 41 -0.48 -11.85 -29.13
CA MET C 41 -1.13 -11.94 -30.44
C MET C 41 -0.32 -11.26 -31.53
N TYR C 42 0.12 -10.03 -31.30
CA TYR C 42 0.87 -9.33 -32.32
C TYR C 42 2.17 -10.04 -32.68
N LEU C 43 2.85 -10.61 -31.69
CA LEU C 43 4.10 -11.30 -31.95
C LEU C 43 3.89 -12.52 -32.87
N GLU C 44 2.66 -13.02 -32.94
CA GLU C 44 2.38 -14.15 -33.81
C GLU C 44 2.43 -13.72 -35.29
N PHE C 45 2.13 -12.46 -35.56
CA PHE C 45 2.15 -11.95 -36.93
C PHE C 45 3.58 -11.70 -37.41
N GLN C 46 4.52 -12.05 -36.54
CA GLN C 46 5.95 -11.87 -36.79
C GLN C 46 6.48 -12.75 -37.93
N TYR C 47 5.91 -13.94 -38.03
CA TYR C 47 6.35 -14.91 -39.04
C TYR C 47 5.58 -14.79 -40.36
N SER C 48 6.17 -15.36 -41.41
CA SER C 48 5.59 -15.35 -42.74
C SER C 48 4.11 -15.70 -42.74
N PHE C 49 3.36 -15.00 -43.58
CA PHE C 49 1.92 -15.22 -43.71
C PHE C 49 1.64 -16.40 -44.64
N GLU C 50 2.55 -16.65 -45.58
CA GLU C 50 2.39 -17.74 -46.54
C GLU C 50 2.41 -19.13 -45.90
N MET C 51 3.49 -19.44 -45.18
CA MET C 51 3.62 -20.74 -44.54
C MET C 51 3.07 -20.72 -43.12
N CYS C 52 1.84 -20.21 -42.96
CA CYS C 52 1.23 -20.14 -41.63
C CYS C 52 0.04 -21.08 -41.48
N LEU C 53 0.23 -22.13 -40.70
CA LEU C 53 -0.83 -23.11 -40.46
C LEU C 53 -2.00 -22.45 -39.75
N LYS C 54 -1.69 -21.54 -38.82
CA LYS C 54 -2.72 -20.83 -38.08
C LYS C 54 -3.78 -20.24 -38.99
N CYS C 55 -3.33 -19.52 -40.02
CA CYS C 55 -4.25 -18.89 -40.97
C CYS C 55 -4.98 -19.92 -41.85
N ILE C 56 -4.21 -20.72 -42.56
CA ILE C 56 -4.79 -21.72 -43.46
C ILE C 56 -5.81 -22.62 -42.76
N LYS C 57 -5.56 -22.93 -41.49
CA LYS C 57 -6.47 -23.79 -40.74
C LYS C 57 -7.47 -22.96 -39.95
N LYS C 58 -7.45 -21.64 -40.16
CA LYS C 58 -8.34 -20.72 -39.47
C LYS C 58 -8.08 -20.71 -37.96
N GLU C 59 -8.86 -21.49 -37.20
CA GLU C 59 -8.68 -21.56 -35.75
C GLU C 59 -9.13 -20.32 -34.99
N GLN C 60 -8.39 -19.22 -35.12
CA GLN C 60 -8.73 -17.99 -34.42
C GLN C 60 -8.88 -16.78 -35.34
N PRO C 61 -10.09 -16.19 -35.41
CA PRO C 61 -10.33 -15.03 -36.26
C PRO C 61 -9.41 -13.87 -35.88
N SER C 62 -9.21 -13.67 -34.58
CA SER C 62 -8.36 -12.59 -34.10
C SER C 62 -6.95 -12.74 -34.66
N HIS C 63 -6.67 -13.90 -35.26
CA HIS C 63 -5.36 -14.11 -35.86
C HIS C 63 -5.40 -14.09 -37.39
N TYR C 64 -6.05 -15.10 -37.98
CA TYR C 64 -6.09 -15.20 -39.43
C TYR C 64 -6.69 -14.03 -40.19
N LYS C 65 -7.59 -13.27 -39.56
CA LYS C 65 -8.18 -12.12 -40.24
C LYS C 65 -7.28 -10.90 -40.22
N TYR C 66 -6.10 -11.01 -39.60
CA TYR C 66 -5.21 -9.86 -39.53
C TYR C 66 -3.74 -10.13 -39.80
N HIS C 67 -3.32 -11.40 -39.76
CA HIS C 67 -1.92 -11.74 -39.97
C HIS C 67 -1.27 -11.13 -41.20
N GLU C 68 -1.94 -11.26 -42.35
CA GLU C 68 -1.39 -10.72 -43.59
C GLU C 68 -1.20 -9.21 -43.55
N LYS C 69 -2.23 -8.50 -43.12
CA LYS C 69 -2.19 -7.04 -43.03
C LYS C 69 -1.14 -6.50 -42.06
N HIS C 70 -0.85 -7.25 -41.01
CA HIS C 70 0.11 -6.79 -40.00
C HIS C 70 1.50 -7.43 -40.03
N TYR C 71 1.70 -8.34 -40.97
CA TYR C 71 2.99 -9.01 -41.09
C TYR C 71 4.19 -8.05 -41.09
N ALA C 72 4.17 -7.08 -41.99
CA ALA C 72 5.27 -6.12 -42.11
C ALA C 72 5.52 -5.33 -40.83
N ASN C 73 4.47 -4.79 -40.23
CA ASN C 73 4.62 -4.03 -39.01
C ASN C 73 5.08 -4.93 -37.86
N ALA C 74 4.53 -6.15 -37.80
CA ALA C 74 4.89 -7.11 -36.77
C ALA C 74 6.35 -7.52 -36.88
N ALA C 75 6.84 -7.64 -38.11
CA ALA C 75 8.23 -8.01 -38.32
C ALA C 75 9.13 -6.99 -37.64
N ILE C 76 8.78 -5.71 -37.79
CA ILE C 76 9.54 -4.63 -37.17
C ILE C 76 9.32 -4.64 -35.67
N PHE C 77 8.06 -4.81 -35.26
CA PHE C 77 7.68 -4.84 -33.86
C PHE C 77 8.53 -5.85 -33.09
N ALA C 78 8.81 -6.99 -33.72
CA ALA C 78 9.59 -8.05 -33.10
C ALA C 78 11.01 -7.59 -32.73
N ASP C 79 11.48 -6.52 -33.36
CA ASP C 79 12.81 -6.00 -33.08
C ASP C 79 12.82 -4.77 -32.18
N SER C 80 11.65 -4.26 -31.86
CA SER C 80 11.53 -3.07 -31.00
C SER C 80 11.96 -3.34 -29.56
N LYS C 81 12.39 -2.29 -28.87
CA LYS C 81 12.81 -2.39 -27.48
C LYS C 81 11.72 -1.77 -26.60
N ASN C 82 10.58 -1.45 -27.20
CA ASN C 82 9.48 -0.82 -26.47
C ASN C 82 8.16 -1.53 -26.71
N GLN C 83 8.19 -2.85 -26.83
CA GLN C 83 6.98 -3.61 -27.10
C GLN C 83 5.83 -3.40 -26.14
N LYS C 84 6.08 -3.52 -24.84
CA LYS C 84 5.01 -3.36 -23.87
C LYS C 84 4.44 -1.94 -23.87
N THR C 85 5.31 -0.95 -24.01
CA THR C 85 4.87 0.45 -24.03
C THR C 85 3.92 0.67 -25.22
N ILE C 86 4.28 0.13 -26.37
CA ILE C 86 3.45 0.27 -27.56
C ILE C 86 2.08 -0.37 -27.34
N CYS C 87 2.09 -1.56 -26.75
CA CYS C 87 0.85 -2.28 -26.48
C CYS C 87 0.02 -1.53 -25.44
N GLN C 88 0.69 -0.88 -24.49
CA GLN C 88 -0.01 -0.12 -23.47
C GLN C 88 -0.84 1.00 -24.08
N GLN C 89 -0.26 1.75 -25.01
CA GLN C 89 -0.99 2.83 -25.64
C GLN C 89 -2.15 2.28 -26.47
N ALA C 90 -1.95 1.11 -27.07
CA ALA C 90 -3.00 0.48 -27.86
C ALA C 90 -4.16 0.12 -26.94
N VAL C 91 -3.83 -0.50 -25.80
CA VAL C 91 -4.85 -0.90 -24.84
C VAL C 91 -5.57 0.31 -24.24
N ASP C 92 -4.84 1.39 -23.99
CA ASP C 92 -5.45 2.60 -23.43
C ASP C 92 -6.48 3.20 -24.38
N THR C 93 -6.21 3.06 -25.68
CA THR C 93 -7.10 3.56 -26.72
C THR C 93 -8.41 2.77 -26.70
N VAL C 94 -8.31 1.47 -26.46
CA VAL C 94 -9.48 0.61 -26.39
C VAL C 94 -10.27 0.98 -25.12
N LEU C 95 -9.56 1.18 -24.03
CA LEU C 95 -10.18 1.57 -22.77
C LEU C 95 -10.85 2.94 -22.91
N ALA C 96 -10.22 3.84 -23.66
CA ALA C 96 -10.75 5.18 -23.88
C ALA C 96 -12.05 5.12 -24.67
N LYS C 97 -12.09 4.23 -25.66
CA LYS C 97 -13.29 4.08 -26.47
C LYS C 97 -14.43 3.55 -25.60
N LYS C 98 -14.12 2.59 -24.72
CA LYS C 98 -15.14 2.04 -23.82
C LYS C 98 -15.70 3.15 -22.94
N ARG C 99 -14.82 4.02 -22.46
CA ARG C 99 -15.21 5.14 -21.61
C ARG C 99 -16.15 6.10 -22.35
N VAL C 100 -15.78 6.47 -23.57
CA VAL C 100 -16.61 7.36 -24.37
C VAL C 100 -18.00 6.74 -24.59
N ASP C 101 -18.03 5.48 -25.01
CA ASP C 101 -19.30 4.78 -25.24
C ASP C 101 -20.18 4.71 -23.99
N SER C 102 -19.59 4.42 -22.84
CA SER C 102 -20.38 4.32 -21.61
C SER C 102 -21.03 5.64 -21.26
N LEU C 103 -20.42 6.74 -21.68
CA LEU C 103 -20.94 8.07 -21.40
C LEU C 103 -21.80 8.66 -22.52
N GLN C 104 -21.61 8.19 -23.74
CA GLN C 104 -22.35 8.76 -24.86
C GLN C 104 -23.36 7.91 -25.62
N LEU C 105 -23.34 6.59 -25.43
CA LEU C 105 -24.31 5.74 -26.13
C LEU C 105 -25.55 5.52 -25.25
N THR C 106 -26.70 5.27 -25.87
CA THR C 106 -27.89 4.99 -25.08
C THR C 106 -27.63 3.58 -24.59
N ARG C 107 -28.27 3.17 -23.49
CA ARG C 107 -28.03 1.82 -23.00
C ARG C 107 -28.54 0.79 -24.01
N GLU C 108 -29.52 1.17 -24.83
CA GLU C 108 -30.01 0.23 -25.83
C GLU C 108 -28.95 0.01 -26.90
N GLN C 109 -28.26 1.08 -27.30
CA GLN C 109 -27.20 0.98 -28.30
C GLN C 109 -26.09 0.07 -27.75
N MET C 110 -25.81 0.19 -26.45
CA MET C 110 -24.79 -0.64 -25.82
C MET C 110 -25.14 -2.13 -25.97
N LEU C 111 -26.38 -2.47 -25.62
CA LEU C 111 -26.83 -3.86 -25.71
C LEU C 111 -26.78 -4.33 -27.16
N THR C 112 -27.18 -3.45 -28.07
CA THR C 112 -27.17 -3.79 -29.49
C THR C 112 -25.77 -4.09 -29.98
N ASN C 113 -24.78 -3.34 -29.49
CA ASN C 113 -23.40 -3.59 -29.88
C ASN C 113 -22.98 -4.96 -29.34
N ARG C 114 -23.39 -5.26 -28.12
CA ARG C 114 -23.06 -6.55 -27.52
C ARG C 114 -23.71 -7.70 -28.31
N PHE C 115 -24.98 -7.53 -28.69
CA PHE C 115 -25.67 -8.56 -29.45
C PHE C 115 -24.96 -8.81 -30.78
N ASN C 116 -24.53 -7.75 -31.45
CA ASN C 116 -23.84 -7.90 -32.72
C ASN C 116 -22.52 -8.63 -32.54
N ASP C 117 -21.88 -8.45 -31.40
CA ASP C 117 -20.61 -9.15 -31.15
C ASP C 117 -20.90 -10.64 -30.95
N LEU C 118 -21.98 -10.95 -30.25
CA LEU C 118 -22.33 -12.35 -30.01
C LEU C 118 -22.75 -13.01 -31.32
N LEU C 119 -23.46 -12.26 -32.17
CA LEU C 119 -23.89 -12.80 -33.46
C LEU C 119 -22.68 -13.08 -34.33
N ASP C 120 -21.63 -12.27 -34.19
CA ASP C 120 -20.41 -12.47 -34.97
C ASP C 120 -19.80 -13.81 -34.57
N ARG C 121 -19.79 -14.11 -33.27
CA ARG C 121 -19.25 -15.36 -32.78
C ARG C 121 -20.13 -16.51 -33.27
N MET C 122 -21.43 -16.29 -33.21
CA MET C 122 -22.39 -17.29 -33.67
C MET C 122 -22.24 -17.61 -35.16
N ASP C 123 -21.98 -16.60 -35.98
CA ASP C 123 -21.80 -16.84 -37.41
C ASP C 123 -20.66 -17.82 -37.63
N ILE C 124 -19.59 -17.63 -36.88
CA ILE C 124 -18.41 -18.48 -36.98
C ILE C 124 -18.62 -19.87 -36.37
N MET C 125 -18.96 -19.92 -35.09
CA MET C 125 -19.14 -21.20 -34.42
C MET C 125 -20.14 -22.12 -35.12
N PHE C 126 -21.20 -21.55 -35.69
CA PHE C 126 -22.19 -22.35 -36.38
C PHE C 126 -21.97 -22.32 -37.89
N GLY C 127 -20.79 -21.84 -38.29
CA GLY C 127 -20.46 -21.76 -39.70
C GLY C 127 -19.52 -22.87 -40.13
N SER C 128 -19.07 -22.82 -41.37
CA SER C 128 -18.16 -23.82 -41.93
C SER C 128 -16.94 -24.11 -41.06
N THR C 129 -16.16 -23.08 -40.78
CA THR C 129 -14.95 -23.23 -39.96
C THR C 129 -15.27 -23.39 -38.46
N GLY C 130 -16.55 -23.42 -38.14
CA GLY C 130 -16.96 -23.55 -36.74
C GLY C 130 -16.93 -24.97 -36.20
N SER C 131 -17.02 -25.09 -34.87
CA SER C 131 -16.99 -26.41 -34.23
C SER C 131 -18.24 -26.66 -33.40
N ALA C 132 -19.14 -25.69 -33.34
CA ALA C 132 -20.37 -25.84 -32.57
C ALA C 132 -21.47 -26.53 -33.38
N ASP C 133 -22.34 -27.24 -32.68
CA ASP C 133 -23.45 -27.94 -33.31
C ASP C 133 -24.73 -27.23 -32.87
N ILE C 134 -25.33 -26.48 -33.79
CA ILE C 134 -26.55 -25.72 -33.50
C ILE C 134 -27.60 -26.57 -32.78
N GLU C 135 -27.67 -27.84 -33.14
CA GLU C 135 -28.62 -28.76 -32.52
C GLU C 135 -28.41 -28.88 -31.02
N GLU C 136 -27.15 -28.94 -30.61
CA GLU C 136 -26.83 -29.05 -29.19
C GLU C 136 -27.13 -27.74 -28.46
N TRP C 137 -26.98 -26.62 -29.15
CA TRP C 137 -27.26 -25.34 -28.50
C TRP C 137 -28.75 -25.11 -28.37
N MET C 138 -29.51 -25.54 -29.37
CA MET C 138 -30.96 -25.39 -29.31
C MET C 138 -31.46 -26.28 -28.18
N ALA C 139 -30.76 -27.37 -27.92
CA ALA C 139 -31.14 -28.26 -26.82
C ALA C 139 -30.93 -27.49 -25.51
N GLY C 140 -29.95 -26.58 -25.51
CA GLY C 140 -29.67 -25.78 -24.33
C GLY C 140 -30.82 -24.80 -24.10
N VAL C 141 -31.35 -24.27 -25.20
CA VAL C 141 -32.47 -23.35 -25.13
C VAL C 141 -33.65 -24.08 -24.49
N ALA C 142 -33.88 -25.31 -24.94
CA ALA C 142 -34.98 -26.14 -24.43
C ALA C 142 -34.86 -26.35 -22.93
N TRP C 143 -33.68 -26.76 -22.48
CA TRP C 143 -33.45 -26.99 -21.06
C TRP C 143 -33.70 -25.71 -20.27
N LEU C 144 -33.11 -24.60 -20.73
CA LEU C 144 -33.28 -23.33 -20.05
C LEU C 144 -34.74 -22.91 -19.99
N HIS C 145 -35.51 -23.19 -21.03
CA HIS C 145 -36.91 -22.81 -21.03
C HIS C 145 -37.72 -23.61 -20.00
N CYS C 146 -37.13 -24.66 -19.44
CA CYS C 146 -37.82 -25.45 -18.42
C CYS C 146 -37.33 -25.09 -17.02
N LEU C 147 -36.38 -24.17 -16.93
CA LEU C 147 -35.82 -23.77 -15.64
C LEU C 147 -36.78 -22.88 -14.83
N LEU C 148 -37.44 -21.95 -15.51
CA LEU C 148 -38.40 -21.04 -14.87
C LEU C 148 -39.59 -20.89 -15.80
N PRO C 149 -40.75 -20.47 -15.27
CA PRO C 149 -41.95 -20.27 -16.09
C PRO C 149 -41.75 -19.06 -17.00
N LYS C 150 -42.27 -19.14 -18.22
CA LYS C 150 -42.15 -18.05 -19.19
C LYS C 150 -40.73 -17.50 -19.26
N MET C 151 -39.76 -18.41 -19.35
CA MET C 151 -38.35 -18.04 -19.39
C MET C 151 -37.98 -16.96 -20.40
N ASP C 152 -38.52 -17.02 -21.61
CA ASP C 152 -38.16 -16.02 -22.61
C ASP C 152 -38.65 -14.63 -22.21
N SER C 153 -39.74 -14.57 -21.45
CA SER C 153 -40.27 -13.29 -20.98
C SER C 153 -39.44 -12.82 -19.79
N VAL C 154 -38.95 -13.76 -18.99
CA VAL C 154 -38.12 -13.42 -17.84
C VAL C 154 -36.87 -12.71 -18.38
N VAL C 155 -36.26 -13.29 -19.41
CA VAL C 155 -35.06 -12.71 -20.02
C VAL C 155 -35.35 -11.36 -20.67
N TYR C 156 -36.46 -11.26 -21.40
CA TYR C 156 -36.82 -10.00 -22.04
C TYR C 156 -37.02 -8.90 -20.98
N ASP C 157 -37.77 -9.23 -19.92
CA ASP C 157 -38.02 -8.26 -18.84
C ASP C 157 -36.72 -7.84 -18.19
N PHE C 158 -35.80 -8.80 -18.01
CA PHE C 158 -34.51 -8.47 -17.40
C PHE C 158 -33.76 -7.46 -18.26
N LEU C 159 -33.74 -7.69 -19.57
CA LEU C 159 -33.04 -6.80 -20.49
C LEU C 159 -33.60 -5.38 -20.44
N LYS C 160 -34.92 -5.27 -20.42
CA LYS C 160 -35.55 -3.94 -20.38
C LYS C 160 -35.20 -3.26 -19.06
N CYS C 161 -35.14 -4.04 -17.99
CA CYS C 161 -34.79 -3.48 -16.68
C CYS C 161 -33.38 -2.90 -16.75
N MET C 162 -32.45 -3.69 -17.28
CA MET C 162 -31.06 -3.27 -17.41
C MET C 162 -30.90 -2.05 -18.32
N VAL C 163 -31.67 -2.03 -19.41
CA VAL C 163 -31.60 -0.93 -20.35
C VAL C 163 -32.20 0.35 -19.75
N TYR C 164 -33.40 0.24 -19.17
CA TYR C 164 -34.04 1.41 -18.58
C TYR C 164 -33.25 1.98 -17.41
N ASN C 165 -32.54 1.11 -16.69
CA ASN C 165 -31.70 1.54 -15.57
C ASN C 165 -32.40 2.57 -14.68
N ILE C 166 -33.63 2.24 -14.25
CA ILE C 166 -34.42 3.14 -13.40
C ILE C 166 -33.93 3.20 -11.95
N PRO C 167 -33.75 4.42 -11.42
CA PRO C 167 -33.28 4.59 -10.04
C PRO C 167 -34.06 3.73 -9.04
N LYS C 168 -33.32 2.98 -8.24
CA LYS C 168 -33.88 2.11 -7.21
C LYS C 168 -34.79 0.99 -7.71
N LYS C 169 -34.75 0.72 -9.01
CA LYS C 169 -35.54 -0.35 -9.62
C LYS C 169 -34.62 -1.00 -10.66
N ARG C 170 -33.38 -1.24 -10.26
CA ARG C 170 -32.35 -1.77 -11.15
C ARG C 170 -31.76 -3.14 -10.81
N TYR C 171 -32.09 -3.71 -9.65
CA TYR C 171 -31.54 -5.00 -9.29
C TYR C 171 -32.56 -6.11 -9.11
N TRP C 172 -32.22 -7.29 -9.63
CA TRP C 172 -33.05 -8.48 -9.51
C TRP C 172 -32.37 -9.44 -8.53
N LEU C 173 -33.16 -10.04 -7.65
CA LEU C 173 -32.62 -10.97 -6.67
C LEU C 173 -32.96 -12.42 -7.06
N PHE C 174 -31.93 -13.25 -7.22
CA PHE C 174 -32.11 -14.66 -7.54
C PHE C 174 -31.90 -15.36 -6.20
N LYS C 175 -32.93 -16.02 -5.69
CA LYS C 175 -32.84 -16.67 -4.39
C LYS C 175 -33.32 -18.11 -4.43
N GLY C 176 -32.65 -18.99 -3.69
CA GLY C 176 -33.04 -20.39 -3.68
C GLY C 176 -31.97 -21.34 -3.17
N PRO C 177 -32.30 -22.64 -3.05
CA PRO C 177 -31.43 -23.71 -2.57
C PRO C 177 -30.24 -24.00 -3.49
N ILE C 178 -29.29 -24.78 -2.97
CA ILE C 178 -28.12 -25.17 -3.74
C ILE C 178 -28.57 -25.88 -5.02
N ASP C 179 -27.86 -25.61 -6.11
CA ASP C 179 -28.15 -26.23 -7.40
C ASP C 179 -29.60 -26.07 -7.88
N SER C 180 -30.10 -24.84 -7.85
CA SER C 180 -31.46 -24.56 -8.31
C SER C 180 -31.46 -23.73 -9.60
N GLY C 181 -30.26 -23.39 -10.09
CA GLY C 181 -30.14 -22.65 -11.33
C GLY C 181 -29.77 -21.17 -11.28
N LYS C 182 -29.61 -20.62 -10.08
CA LYS C 182 -29.27 -19.20 -9.92
C LYS C 182 -28.02 -18.77 -10.71
N THR C 183 -26.91 -19.45 -10.46
CA THR C 183 -25.67 -19.12 -11.13
C THR C 183 -25.75 -19.39 -12.63
N THR C 184 -26.34 -20.53 -13.00
CA THR C 184 -26.46 -20.88 -14.41
C THR C 184 -27.10 -19.74 -15.21
N LEU C 185 -28.21 -19.21 -14.72
CA LEU C 185 -28.92 -18.14 -15.42
C LEU C 185 -28.20 -16.80 -15.30
N ALA C 186 -27.62 -16.52 -14.13
CA ALA C 186 -26.92 -15.26 -13.93
C ALA C 186 -25.69 -15.20 -14.85
N ALA C 187 -24.98 -16.32 -14.95
CA ALA C 187 -23.81 -16.40 -15.82
C ALA C 187 -24.21 -16.14 -17.26
N ALA C 188 -25.33 -16.73 -17.67
CA ALA C 188 -25.82 -16.58 -19.03
C ALA C 188 -26.21 -15.14 -19.35
N LEU C 189 -26.93 -14.50 -18.41
CA LEU C 189 -27.35 -13.12 -18.61
C LEU C 189 -26.14 -12.20 -18.61
N LEU C 190 -25.17 -12.50 -17.75
CA LEU C 190 -23.96 -11.70 -17.67
C LEU C 190 -23.24 -11.72 -19.03
N GLU C 191 -23.15 -12.90 -19.63
CA GLU C 191 -22.50 -13.01 -20.94
C GLU C 191 -23.34 -12.37 -22.04
N LEU C 192 -24.67 -12.48 -21.92
CA LEU C 192 -25.58 -11.89 -22.91
C LEU C 192 -25.46 -10.36 -22.99
N CYS C 193 -25.34 -9.72 -21.83
CA CYS C 193 -25.26 -8.27 -21.77
C CYS C 193 -23.84 -7.70 -21.64
N GLY C 194 -22.92 -8.52 -21.12
CA GLY C 194 -21.56 -8.05 -20.92
C GLY C 194 -21.53 -7.40 -19.54
N GLY C 195 -20.46 -7.64 -18.79
CA GLY C 195 -20.38 -7.06 -17.46
C GLY C 195 -19.38 -7.82 -16.63
N LYS C 196 -19.49 -7.73 -15.31
CA LYS C 196 -18.57 -8.42 -14.41
C LYS C 196 -19.30 -9.03 -13.22
N ALA C 197 -18.71 -10.09 -12.66
CA ALA C 197 -19.26 -10.75 -11.48
C ALA C 197 -18.37 -10.31 -10.32
N LEU C 198 -18.97 -9.82 -9.25
CA LEU C 198 -18.21 -9.34 -8.10
C LEU C 198 -18.45 -10.20 -6.85
N ASN C 199 -17.40 -10.40 -6.07
CA ASN C 199 -17.49 -11.19 -4.85
C ASN C 199 -17.39 -10.24 -3.65
N VAL C 200 -18.49 -10.05 -2.95
CA VAL C 200 -18.49 -9.18 -1.79
C VAL C 200 -18.52 -9.95 -0.47
N ASN C 201 -18.10 -11.20 -0.51
CA ASN C 201 -18.04 -12.03 0.68
C ASN C 201 -16.68 -11.85 1.34
N LEU C 202 -15.75 -11.29 0.58
CA LEU C 202 -14.40 -11.04 1.08
C LEU C 202 -14.40 -9.78 1.94
N PRO C 203 -13.53 -9.72 2.96
CA PRO C 203 -13.44 -8.56 3.85
C PRO C 203 -13.53 -7.23 3.13
N LEU C 204 -14.26 -6.29 3.73
CA LEU C 204 -14.44 -4.98 3.14
C LEU C 204 -13.12 -4.22 2.95
N ASP C 205 -12.07 -4.72 3.61
CA ASP C 205 -10.75 -4.11 3.52
C ASP C 205 -10.23 -4.10 2.08
N ARG C 206 -10.94 -4.80 1.21
CA ARG C 206 -10.57 -4.87 -0.20
C ARG C 206 -11.81 -4.73 -1.08
N LEU C 207 -12.91 -4.27 -0.48
CA LEU C 207 -14.15 -4.07 -1.21
C LEU C 207 -13.97 -3.11 -2.38
N ASN C 208 -13.46 -1.92 -2.08
CA ASN C 208 -13.24 -0.90 -3.10
C ASN C 208 -12.57 -1.45 -4.34
N PHE C 209 -11.55 -2.30 -4.17
CA PHE C 209 -10.85 -2.87 -5.30
C PHE C 209 -11.77 -3.76 -6.13
N GLU C 210 -12.58 -4.59 -5.47
CA GLU C 210 -13.52 -5.44 -6.20
C GLU C 210 -14.55 -4.56 -6.89
N LEU C 211 -15.14 -3.64 -6.13
CA LEU C 211 -16.14 -2.73 -6.67
C LEU C 211 -15.59 -1.96 -7.88
N GLY C 212 -14.29 -1.68 -7.87
CA GLY C 212 -13.67 -0.96 -8.96
C GLY C 212 -13.72 -1.69 -10.29
N VAL C 213 -13.92 -3.00 -10.25
CA VAL C 213 -14.00 -3.79 -11.47
C VAL C 213 -15.25 -3.40 -12.27
N ALA C 214 -16.22 -2.79 -11.60
CA ALA C 214 -17.47 -2.39 -12.23
C ALA C 214 -17.37 -1.16 -13.14
N ILE C 215 -16.26 -0.45 -13.07
CA ILE C 215 -16.07 0.75 -13.90
C ILE C 215 -16.37 0.49 -15.38
N ASP C 216 -17.25 1.30 -15.95
CA ASP C 216 -17.64 1.21 -17.37
C ASP C 216 -18.33 -0.08 -17.79
N GLN C 217 -18.83 -0.85 -16.83
CA GLN C 217 -19.52 -2.11 -17.13
C GLN C 217 -21.02 -1.92 -17.30
N PHE C 218 -21.62 -2.67 -18.24
CA PHE C 218 -23.06 -2.58 -18.48
C PHE C 218 -23.89 -3.02 -17.27
N LEU C 219 -23.52 -4.14 -16.68
CA LEU C 219 -24.21 -4.63 -15.50
C LEU C 219 -23.24 -5.42 -14.62
N VAL C 220 -23.67 -5.71 -13.40
CA VAL C 220 -22.85 -6.46 -12.47
C VAL C 220 -23.65 -7.56 -11.78
N VAL C 221 -22.97 -8.64 -11.43
CA VAL C 221 -23.62 -9.73 -10.72
C VAL C 221 -22.90 -9.95 -9.40
N PHE C 222 -23.63 -9.80 -8.29
CA PHE C 222 -23.03 -10.06 -6.99
C PHE C 222 -23.37 -11.53 -6.76
N GLU C 223 -22.39 -12.38 -7.04
CA GLU C 223 -22.55 -13.83 -6.94
C GLU C 223 -22.46 -14.45 -5.56
N ASP C 224 -23.45 -15.29 -5.25
CA ASP C 224 -23.51 -16.01 -3.99
C ASP C 224 -23.18 -15.20 -2.75
N VAL C 225 -23.99 -14.19 -2.46
CA VAL C 225 -23.77 -13.35 -1.29
C VAL C 225 -24.30 -14.08 -0.06
N LYS C 226 -23.47 -14.13 0.98
CA LYS C 226 -23.84 -14.82 2.22
C LYS C 226 -24.37 -13.88 3.29
N GLY C 227 -25.42 -14.31 3.97
CA GLY C 227 -26.01 -13.50 5.02
C GLY C 227 -25.77 -14.10 6.39
N THR C 228 -26.55 -13.66 7.36
CA THR C 228 -26.42 -14.16 8.72
C THR C 228 -27.69 -14.88 9.15
N GLY C 229 -27.66 -15.49 10.33
CA GLY C 229 -28.82 -16.21 10.83
C GLY C 229 -29.31 -17.29 9.88
N GLY C 230 -28.37 -18.03 9.28
CA GLY C 230 -28.76 -19.09 8.37
C GLY C 230 -28.41 -20.46 8.90
N GLU C 231 -28.15 -20.54 10.20
CA GLU C 231 -27.80 -21.80 10.84
C GLU C 231 -28.92 -22.83 10.70
N SER C 232 -30.13 -22.34 10.42
CA SER C 232 -31.29 -23.21 10.26
C SER C 232 -31.12 -24.18 9.09
N ARG C 233 -30.98 -23.63 7.89
CA ARG C 233 -30.82 -24.44 6.70
C ARG C 233 -29.38 -24.89 6.47
N ASP C 234 -28.61 -24.97 7.55
CA ASP C 234 -27.22 -25.40 7.46
C ASP C 234 -26.41 -24.51 6.53
N LEU C 235 -26.75 -23.23 6.47
CA LEU C 235 -26.05 -22.27 5.63
C LEU C 235 -25.04 -21.49 6.45
N PRO C 236 -23.76 -21.55 6.09
CA PRO C 236 -22.72 -20.82 6.83
C PRO C 236 -22.97 -19.32 6.75
N SER C 237 -22.81 -18.63 7.87
CA SER C 237 -23.04 -17.19 7.90
C SER C 237 -21.87 -16.45 7.24
N GLY C 238 -22.15 -15.24 6.78
CA GLY C 238 -21.13 -14.44 6.12
C GLY C 238 -21.47 -12.96 6.22
N GLN C 239 -20.62 -12.12 5.62
CA GLN C 239 -20.82 -10.67 5.67
C GLN C 239 -21.28 -10.03 4.36
N GLY C 240 -21.53 -10.85 3.34
CA GLY C 240 -21.95 -10.34 2.05
C GLY C 240 -23.21 -9.48 2.08
N ILE C 241 -24.21 -9.91 2.83
CA ILE C 241 -25.45 -9.16 2.93
C ILE C 241 -25.24 -7.83 3.64
N ASN C 242 -24.51 -7.85 4.75
CA ASN C 242 -24.23 -6.62 5.49
C ASN C 242 -23.47 -5.65 4.60
N ASN C 243 -22.56 -6.17 3.79
CA ASN C 243 -21.79 -5.33 2.89
C ASN C 243 -22.68 -4.66 1.85
N LEU C 244 -23.58 -5.43 1.25
CA LEU C 244 -24.48 -4.86 0.25
C LEU C 244 -25.36 -3.78 0.88
N ASP C 245 -25.75 -4.00 2.14
CA ASP C 245 -26.59 -3.01 2.80
C ASP C 245 -25.83 -1.72 3.10
N ASN C 246 -24.50 -1.76 2.98
CA ASN C 246 -23.68 -0.58 3.20
C ASN C 246 -23.40 0.10 1.87
N LEU C 247 -23.91 -0.50 0.79
CA LEU C 247 -23.72 0.01 -0.57
C LEU C 247 -25.05 0.42 -1.21
N ARG C 248 -25.96 0.93 -0.39
CA ARG C 248 -27.27 1.36 -0.89
C ARG C 248 -27.18 2.38 -2.03
N ASP C 249 -26.19 3.27 -1.99
CA ASP C 249 -26.05 4.26 -3.04
C ASP C 249 -25.52 3.64 -4.33
N TYR C 250 -24.91 2.46 -4.21
CA TYR C 250 -24.40 1.76 -5.38
C TYR C 250 -25.61 1.08 -6.06
N LEU C 251 -26.43 0.40 -5.27
CA LEU C 251 -27.61 -0.30 -5.81
C LEU C 251 -28.70 0.65 -6.30
N ASP C 252 -28.88 1.78 -5.62
CA ASP C 252 -29.92 2.75 -6.00
C ASP C 252 -29.70 3.32 -7.40
N GLY C 253 -28.45 3.66 -7.70
CA GLY C 253 -28.16 4.23 -9.00
C GLY C 253 -28.71 5.63 -9.18
N SER C 254 -28.87 6.38 -8.09
CA SER C 254 -29.36 7.76 -8.15
C SER C 254 -28.21 8.75 -8.20
N VAL C 255 -27.28 8.64 -7.27
CA VAL C 255 -26.12 9.51 -7.26
C VAL C 255 -24.91 8.73 -7.78
N LYS C 256 -23.93 9.46 -8.31
CA LYS C 256 -22.72 8.82 -8.82
C LYS C 256 -21.88 8.37 -7.64
N VAL C 257 -21.27 7.20 -7.78
CA VAL C 257 -20.43 6.61 -6.74
C VAL C 257 -18.96 6.78 -7.15
N ASN C 258 -18.04 6.61 -6.19
CA ASN C 258 -16.63 6.80 -6.47
C ASN C 258 -15.88 5.48 -6.51
N LEU C 259 -15.62 4.99 -7.73
CA LEU C 259 -14.93 3.72 -7.93
C LEU C 259 -13.42 3.86 -8.10
N GLU C 260 -12.69 3.07 -7.31
CA GLU C 260 -11.23 3.09 -7.31
C GLU C 260 -10.60 2.02 -8.20
N LYS C 261 -9.48 2.39 -8.82
CA LYS C 261 -8.76 1.49 -9.71
C LYS C 261 -7.28 1.88 -9.73
N LYS C 262 -6.41 0.92 -9.41
CA LYS C 262 -4.97 1.14 -9.40
C LYS C 262 -4.55 2.14 -8.32
N HIS C 263 -4.82 1.79 -7.06
CA HIS C 263 -4.48 2.62 -5.92
C HIS C 263 -4.89 4.09 -6.06
N LEU C 264 -5.86 4.35 -6.92
CA LEU C 264 -6.34 5.72 -7.15
C LEU C 264 -7.76 5.71 -7.67
N ASN C 265 -8.58 6.64 -7.20
CA ASN C 265 -9.97 6.72 -7.65
C ASN C 265 -9.94 7.12 -9.12
N LYS C 266 -10.39 6.22 -9.98
CA LYS C 266 -10.37 6.45 -11.42
C LYS C 266 -11.70 6.85 -12.05
N ARG C 267 -12.81 6.70 -11.33
CA ARG C 267 -14.10 7.07 -11.92
C ARG C 267 -15.28 7.28 -11.00
N THR C 268 -15.95 8.42 -11.18
CA THR C 268 -17.16 8.74 -10.42
C THR C 268 -18.26 8.46 -11.45
N GLN C 269 -19.12 7.48 -11.14
CA GLN C 269 -20.18 7.13 -12.08
C GLN C 269 -21.35 6.47 -11.35
N ILE C 270 -22.48 6.37 -12.06
CA ILE C 270 -23.65 5.70 -11.53
C ILE C 270 -23.21 4.24 -11.53
N PHE C 271 -23.39 3.52 -10.41
CA PHE C 271 -22.98 2.13 -10.37
C PHE C 271 -23.88 1.35 -11.33
N PRO C 272 -23.32 0.34 -12.02
CA PRO C 272 -24.19 -0.40 -12.94
C PRO C 272 -25.29 -1.21 -12.23
N PRO C 273 -26.39 -1.50 -12.95
CA PRO C 273 -27.49 -2.28 -12.38
C PRO C 273 -27.09 -3.74 -12.48
N GLY C 274 -27.96 -4.66 -12.05
CA GLY C 274 -27.57 -6.04 -12.16
C GLY C 274 -28.36 -7.08 -11.39
N ILE C 275 -27.64 -8.10 -10.94
CA ILE C 275 -28.22 -9.23 -10.22
C ILE C 275 -27.49 -9.55 -8.92
N VAL C 276 -28.23 -10.10 -7.97
CA VAL C 276 -27.68 -10.56 -6.70
C VAL C 276 -28.20 -11.99 -6.55
N THR C 277 -27.31 -12.96 -6.39
CA THR C 277 -27.76 -14.34 -6.21
C THR C 277 -27.42 -14.74 -4.78
N MET C 278 -28.24 -15.60 -4.18
CA MET C 278 -28.00 -16.02 -2.81
C MET C 278 -28.85 -17.21 -2.38
N ASN C 279 -28.40 -17.89 -1.33
CA ASN C 279 -29.16 -19.00 -0.78
C ASN C 279 -30.25 -18.34 0.05
N GLU C 280 -31.04 -19.13 0.76
CA GLU C 280 -32.14 -18.57 1.54
C GLU C 280 -31.81 -17.90 2.87
N TYR C 281 -31.10 -16.78 2.80
CA TYR C 281 -30.75 -16.01 3.99
C TYR C 281 -31.79 -14.90 4.13
N SER C 282 -31.89 -14.31 5.32
CA SER C 282 -32.85 -13.22 5.52
C SER C 282 -32.29 -11.96 4.88
N VAL C 283 -33.17 -11.18 4.26
CA VAL C 283 -32.77 -9.94 3.61
C VAL C 283 -33.39 -8.74 4.34
N PRO C 284 -32.54 -7.84 4.87
CA PRO C 284 -33.07 -6.67 5.57
C PRO C 284 -33.95 -5.82 4.67
N LYS C 285 -34.99 -5.24 5.25
CA LYS C 285 -35.95 -4.38 4.56
C LYS C 285 -35.29 -3.28 3.72
N THR C 286 -34.25 -2.67 4.26
CA THR C 286 -33.55 -1.61 3.56
C THR C 286 -32.94 -2.10 2.25
N LEU C 287 -32.41 -3.31 2.26
CA LEU C 287 -31.80 -3.90 1.08
C LEU C 287 -32.88 -4.41 0.12
N GLN C 288 -33.89 -5.08 0.66
CA GLN C 288 -34.99 -5.59 -0.16
C GLN C 288 -35.58 -4.48 -1.03
N ALA C 289 -35.61 -3.26 -0.49
CA ALA C 289 -36.14 -2.11 -1.20
C ALA C 289 -35.39 -1.78 -2.50
N ARG C 290 -34.18 -2.32 -2.64
CA ARG C 290 -33.38 -2.05 -3.84
C ARG C 290 -33.61 -3.13 -4.89
N PHE C 291 -34.31 -4.19 -4.52
CA PHE C 291 -34.57 -5.27 -5.46
C PHE C 291 -35.96 -5.11 -6.06
N VAL C 292 -35.99 -4.81 -7.35
CA VAL C 292 -37.26 -4.61 -8.06
C VAL C 292 -38.01 -5.92 -8.20
N LYS C 293 -37.27 -6.98 -8.41
CA LYS C 293 -37.88 -8.28 -8.58
C LYS C 293 -37.07 -9.37 -7.92
N GLN C 294 -37.78 -10.37 -7.41
CA GLN C 294 -37.12 -11.50 -6.76
C GLN C 294 -37.65 -12.75 -7.45
N ILE C 295 -36.73 -13.61 -7.86
CA ILE C 295 -37.09 -14.86 -8.51
C ILE C 295 -36.64 -15.97 -7.61
N ASP C 296 -37.56 -16.87 -7.29
CA ASP C 296 -37.27 -18.00 -6.43
C ASP C 296 -37.00 -19.24 -7.28
N PHE C 297 -35.76 -19.70 -7.27
CA PHE C 297 -35.37 -20.86 -8.05
C PHE C 297 -35.65 -22.14 -7.26
N ARG C 298 -36.05 -23.19 -7.96
CA ARG C 298 -36.35 -24.46 -7.32
C ARG C 298 -35.74 -25.66 -8.04
N PRO C 299 -35.14 -26.58 -7.27
CA PRO C 299 -34.53 -27.77 -7.86
C PRO C 299 -35.63 -28.63 -8.49
N LYS C 300 -35.32 -29.27 -9.60
CA LYS C 300 -36.28 -30.13 -10.29
C LYS C 300 -35.56 -31.41 -10.71
N ASP C 301 -36.05 -32.54 -10.24
CA ASP C 301 -35.44 -33.83 -10.55
C ASP C 301 -35.25 -34.08 -12.05
N TYR C 302 -36.27 -33.77 -12.85
CA TYR C 302 -36.16 -34.01 -14.28
C TYR C 302 -35.08 -33.16 -14.96
N LEU C 303 -34.83 -31.96 -14.45
CA LEU C 303 -33.79 -31.12 -15.03
C LEU C 303 -32.44 -31.78 -14.76
N LYS C 304 -32.31 -32.32 -13.55
CA LYS C 304 -31.10 -33.02 -13.12
C LYS C 304 -30.92 -34.29 -13.95
N HIS C 305 -31.97 -35.11 -14.01
CA HIS C 305 -31.92 -36.35 -14.76
C HIS C 305 -31.65 -36.11 -16.25
N CYS C 306 -32.25 -35.06 -16.80
CA CYS C 306 -32.03 -34.73 -18.20
C CYS C 306 -30.54 -34.48 -18.42
N LEU C 307 -29.94 -33.65 -17.58
CA LEU C 307 -28.52 -33.34 -17.70
C LEU C 307 -27.64 -34.58 -17.64
N GLU C 308 -27.95 -35.49 -16.71
CA GLU C 308 -27.20 -36.72 -16.57
C GLU C 308 -27.11 -37.46 -17.91
N ARG C 309 -28.14 -37.27 -18.74
CA ARG C 309 -28.22 -37.91 -20.04
C ARG C 309 -27.95 -36.94 -21.20
N SER C 310 -27.57 -35.71 -20.86
CA SER C 310 -27.27 -34.70 -21.86
C SER C 310 -26.01 -33.96 -21.43
N GLU C 311 -25.01 -34.74 -21.03
CA GLU C 311 -23.73 -34.24 -20.55
C GLU C 311 -23.11 -33.08 -21.33
N PHE C 312 -23.28 -33.07 -22.64
CA PHE C 312 -22.72 -32.01 -23.46
C PHE C 312 -23.21 -30.61 -23.06
N LEU C 313 -24.39 -30.52 -22.48
CA LEU C 313 -24.92 -29.22 -22.06
C LEU C 313 -24.05 -28.55 -20.98
N LEU C 314 -23.40 -29.37 -20.17
CA LEU C 314 -22.53 -28.86 -19.12
C LEU C 314 -21.08 -28.92 -19.59
N GLU C 315 -20.75 -29.98 -20.32
CA GLU C 315 -19.39 -30.14 -20.83
C GLU C 315 -19.00 -29.06 -21.83
N LYS C 316 -19.97 -28.55 -22.59
CA LYS C 316 -19.68 -27.51 -23.55
C LYS C 316 -20.15 -26.14 -23.09
N ARG C 317 -20.51 -26.04 -21.82
CA ARG C 317 -20.95 -24.80 -21.20
C ARG C 317 -22.05 -24.08 -21.99
N ILE C 318 -23.05 -24.86 -22.40
CA ILE C 318 -24.15 -24.33 -23.19
C ILE C 318 -25.29 -23.72 -22.37
N ILE C 319 -25.74 -24.40 -21.32
CA ILE C 319 -26.85 -23.83 -20.54
C ILE C 319 -26.49 -22.59 -19.73
N GLN C 320 -25.20 -22.34 -19.54
CA GLN C 320 -24.77 -21.15 -18.80
C GLN C 320 -24.32 -20.05 -19.77
N SER C 321 -24.52 -20.28 -21.06
CA SER C 321 -24.11 -19.36 -22.10
C SER C 321 -25.09 -18.26 -22.53
N GLY C 322 -24.55 -17.07 -22.71
CA GLY C 322 -25.37 -15.95 -23.15
C GLY C 322 -25.85 -16.19 -24.57
N ILE C 323 -25.08 -16.97 -25.34
CA ILE C 323 -25.45 -17.28 -26.72
C ILE C 323 -26.71 -18.16 -26.74
N ALA C 324 -26.85 -19.04 -25.75
CA ALA C 324 -28.04 -19.90 -25.69
C ALA C 324 -29.24 -18.99 -25.45
N LEU C 325 -29.05 -17.96 -24.63
CA LEU C 325 -30.15 -17.03 -24.35
C LEU C 325 -30.45 -16.18 -25.59
N LEU C 326 -29.42 -15.80 -26.34
CA LEU C 326 -29.67 -15.01 -27.53
C LEU C 326 -30.46 -15.86 -28.52
N LEU C 327 -30.11 -17.15 -28.61
CA LEU C 327 -30.84 -18.07 -29.48
C LEU C 327 -32.29 -18.14 -29.02
N MET C 328 -32.49 -18.17 -27.70
CA MET C 328 -33.84 -18.22 -27.15
C MET C 328 -34.63 -16.99 -27.58
N LEU C 329 -34.04 -15.81 -27.43
CA LEU C 329 -34.71 -14.58 -27.81
C LEU C 329 -35.07 -14.55 -29.28
N ILE C 330 -34.14 -15.00 -30.12
CA ILE C 330 -34.35 -15.06 -31.55
C ILE C 330 -35.52 -15.98 -31.86
N TRP C 331 -35.55 -17.12 -31.18
CA TRP C 331 -36.61 -18.10 -31.39
C TRP C 331 -37.99 -17.67 -30.90
N TYR C 332 -38.05 -17.09 -29.70
CA TYR C 332 -39.33 -16.68 -29.12
C TYR C 332 -39.89 -15.28 -29.34
N ARG C 333 -39.03 -14.25 -29.33
CA ARG C 333 -39.51 -12.87 -29.45
C ARG C 333 -39.69 -12.28 -30.85
N PRO C 334 -40.70 -11.40 -31.01
CA PRO C 334 -41.02 -10.73 -32.27
C PRO C 334 -39.84 -9.86 -32.69
N VAL C 335 -39.52 -9.86 -33.98
CA VAL C 335 -38.41 -9.06 -34.47
C VAL C 335 -38.56 -7.60 -34.06
N ALA C 336 -39.80 -7.15 -33.92
CA ALA C 336 -40.09 -5.78 -33.54
C ALA C 336 -39.56 -5.39 -32.17
N GLU C 337 -39.35 -6.38 -31.31
CA GLU C 337 -38.84 -6.10 -29.96
C GLU C 337 -37.36 -5.75 -29.96
N PHE C 338 -36.65 -6.11 -31.02
CA PHE C 338 -35.23 -5.83 -31.12
C PHE C 338 -34.97 -4.44 -31.69
N ALA C 339 -33.77 -3.92 -31.42
CA ALA C 339 -33.37 -2.61 -31.91
C ALA C 339 -33.45 -2.59 -33.43
N GLN C 340 -34.03 -1.52 -33.97
CA GLN C 340 -34.20 -1.37 -35.41
C GLN C 340 -32.97 -1.72 -36.25
N SER C 341 -31.80 -1.32 -35.80
CA SER C 341 -30.56 -1.57 -36.54
C SER C 341 -30.13 -3.03 -36.72
N ILE C 342 -30.60 -3.91 -35.84
CA ILE C 342 -30.22 -5.32 -35.94
C ILE C 342 -31.37 -6.24 -36.34
N GLN C 343 -32.54 -5.67 -36.59
CA GLN C 343 -33.69 -6.50 -36.95
C GLN C 343 -33.48 -7.39 -38.16
N SER C 344 -32.88 -6.87 -39.23
CA SER C 344 -32.66 -7.67 -40.41
C SER C 344 -31.73 -8.83 -40.09
N ARG C 345 -30.76 -8.58 -39.21
CA ARG C 345 -29.83 -9.63 -38.84
C ARG C 345 -30.57 -10.70 -38.03
N ILE C 346 -31.50 -10.25 -37.19
CA ILE C 346 -32.30 -11.17 -36.38
C ILE C 346 -33.18 -12.00 -37.30
N VAL C 347 -33.62 -11.40 -38.41
CA VAL C 347 -34.47 -12.09 -39.38
C VAL C 347 -33.72 -13.26 -40.01
N GLU C 348 -32.47 -13.02 -40.41
CA GLU C 348 -31.65 -14.05 -41.02
C GLU C 348 -31.51 -15.23 -40.07
N TRP C 349 -31.38 -14.95 -38.77
CA TRP C 349 -31.25 -16.03 -37.80
C TRP C 349 -32.55 -16.76 -37.58
N LYS C 350 -33.67 -16.03 -37.54
CA LYS C 350 -34.97 -16.67 -37.37
C LYS C 350 -35.20 -17.65 -38.51
N GLU C 351 -34.77 -17.26 -39.71
CA GLU C 351 -34.91 -18.11 -40.89
C GLU C 351 -33.98 -19.31 -40.78
N ARG C 352 -32.74 -19.06 -40.36
CA ARG C 352 -31.77 -20.12 -40.18
C ARG C 352 -32.32 -21.14 -39.18
N LEU C 353 -32.87 -20.64 -38.08
CA LEU C 353 -33.44 -21.51 -37.05
C LEU C 353 -34.67 -22.26 -37.53
N ASP C 354 -35.55 -21.58 -38.27
CA ASP C 354 -36.74 -22.23 -38.80
C ASP C 354 -36.36 -23.31 -39.79
N LYS C 355 -35.27 -23.08 -40.51
CA LYS C 355 -34.77 -24.05 -41.49
C LYS C 355 -34.21 -25.27 -40.77
N GLU C 356 -33.51 -25.02 -39.67
CA GLU C 356 -32.89 -26.07 -38.89
C GLU C 356 -33.87 -26.87 -38.03
N PHE C 357 -34.81 -26.17 -37.40
CA PHE C 357 -35.77 -26.84 -36.52
C PHE C 357 -37.24 -26.50 -36.75
N SER C 358 -38.06 -27.54 -36.84
CA SER C 358 -39.49 -27.36 -37.00
C SER C 358 -39.98 -27.18 -35.57
N LEU C 359 -41.20 -26.68 -35.40
CA LEU C 359 -41.73 -26.50 -34.06
C LEU C 359 -41.79 -27.84 -33.33
N SER C 360 -42.02 -28.91 -34.08
CA SER C 360 -42.12 -30.25 -33.50
C SER C 360 -40.79 -30.75 -32.96
N VAL C 361 -39.73 -30.56 -33.74
CA VAL C 361 -38.40 -31.00 -33.33
C VAL C 361 -38.01 -30.28 -32.03
N TYR C 362 -38.30 -28.99 -31.95
CA TYR C 362 -37.98 -28.22 -30.75
C TYR C 362 -38.84 -28.67 -29.56
N GLN C 363 -40.14 -28.82 -29.80
CA GLN C 363 -41.06 -29.25 -28.75
C GLN C 363 -40.65 -30.62 -28.18
N LYS C 364 -40.10 -31.48 -29.02
CA LYS C 364 -39.66 -32.79 -28.56
C LYS C 364 -38.51 -32.62 -27.56
N MET C 365 -37.68 -31.62 -27.80
CA MET C 365 -36.55 -31.36 -26.91
C MET C 365 -37.08 -30.96 -25.54
N LYS C 366 -38.03 -30.03 -25.49
CA LYS C 366 -38.60 -29.60 -24.22
C LYS C 366 -39.29 -30.77 -23.54
N PHE C 367 -39.95 -31.61 -24.34
CA PHE C 367 -40.64 -32.79 -23.82
C PHE C 367 -39.65 -33.73 -23.13
N ASN C 368 -38.57 -34.07 -23.83
CA ASN C 368 -37.56 -34.95 -23.25
C ASN C 368 -37.03 -34.39 -21.95
N VAL C 369 -36.84 -33.08 -21.91
CA VAL C 369 -36.35 -32.42 -20.71
C VAL C 369 -37.34 -32.63 -19.58
N ALA C 370 -38.62 -32.36 -19.85
CA ALA C 370 -39.66 -32.54 -18.83
C ALA C 370 -39.74 -34.00 -18.38
N MET C 371 -39.32 -34.91 -19.26
CA MET C 371 -39.35 -36.34 -18.97
C MET C 371 -38.09 -36.80 -18.24
N GLY C 372 -37.10 -35.92 -18.16
CA GLY C 372 -35.86 -36.26 -17.48
C GLY C 372 -34.99 -37.19 -18.29
N ILE C 373 -35.17 -37.16 -19.61
CA ILE C 373 -34.40 -38.00 -20.54
C ILE C 373 -33.44 -37.14 -21.34
N GLY C 374 -32.54 -37.78 -22.09
CA GLY C 374 -31.59 -37.04 -22.92
C GLY C 374 -32.34 -36.11 -23.86
N VAL C 375 -31.97 -34.83 -23.83
CA VAL C 375 -32.63 -33.81 -24.66
C VAL C 375 -32.76 -34.18 -26.13
N LEU C 376 -31.72 -34.77 -26.70
CA LEU C 376 -31.75 -35.15 -28.10
C LEU C 376 -32.32 -36.56 -28.25
N ASP C 377 -32.65 -36.94 -29.49
CA ASP C 377 -33.24 -38.25 -29.76
C ASP C 377 -34.56 -38.40 -29.00
N LYS D 16 4.05 19.04 -38.23
CA LYS D 16 4.32 17.58 -38.10
C LYS D 16 4.51 17.18 -36.64
N GLN D 17 4.44 18.18 -35.76
CA GLN D 17 4.59 17.98 -34.31
C GLN D 17 3.26 18.28 -33.64
N VAL D 18 2.82 17.40 -32.74
CA VAL D 18 1.55 17.61 -32.05
C VAL D 18 1.61 18.83 -31.14
N SER D 19 0.50 19.57 -31.10
CA SER D 19 0.42 20.73 -30.22
C SER D 19 -0.23 20.30 -28.92
N TRP D 20 0.57 20.21 -27.87
CA TRP D 20 0.06 19.81 -26.57
C TRP D 20 -0.92 20.85 -26.07
N LYS D 21 -0.62 22.12 -26.35
CA LYS D 21 -1.46 23.22 -25.93
C LYS D 21 -2.88 23.13 -26.47
N LEU D 22 -3.03 22.64 -27.70
CA LEU D 22 -4.36 22.51 -28.30
C LEU D 22 -5.17 21.43 -27.61
N VAL D 23 -4.52 20.36 -27.19
CA VAL D 23 -5.25 19.30 -26.51
C VAL D 23 -5.73 19.89 -25.17
N THR D 24 -4.83 20.58 -24.48
CA THR D 24 -5.17 21.22 -23.22
C THR D 24 -6.35 22.18 -23.42
N GLU D 25 -6.29 22.98 -24.49
CA GLU D 25 -7.37 23.92 -24.79
C GLU D 25 -8.71 23.18 -24.87
N TYR D 26 -8.72 22.08 -25.61
CA TYR D 26 -9.95 21.30 -25.75
C TYR D 26 -10.41 20.79 -24.38
N ALA D 27 -9.47 20.27 -23.59
CA ALA D 27 -9.80 19.76 -22.26
C ALA D 27 -10.40 20.88 -21.41
N MET D 28 -9.81 22.06 -21.47
CA MET D 28 -10.29 23.22 -20.72
C MET D 28 -11.69 23.64 -21.18
N GLU D 29 -11.90 23.66 -22.50
CA GLU D 29 -13.18 24.04 -23.10
C GLU D 29 -14.32 23.11 -22.70
N THR D 30 -14.02 21.84 -22.51
CA THR D 30 -15.03 20.86 -22.14
C THR D 30 -14.91 20.50 -20.66
N LYS D 31 -14.01 21.16 -19.95
CA LYS D 31 -13.78 20.90 -18.53
C LYS D 31 -13.63 19.39 -18.31
N CYS D 32 -12.83 18.75 -19.16
CA CYS D 32 -12.61 17.32 -19.07
C CYS D 32 -11.44 16.99 -18.15
N ASP D 33 -11.73 16.38 -17.01
CA ASP D 33 -10.67 16.01 -16.08
C ASP D 33 -10.51 14.49 -15.95
N ASP D 34 -10.90 13.78 -17.02
CA ASP D 34 -10.82 12.31 -17.07
C ASP D 34 -9.84 12.00 -18.21
N VAL D 35 -8.67 11.47 -17.88
CA VAL D 35 -7.68 11.20 -18.91
C VAL D 35 -8.13 10.27 -20.04
N LEU D 36 -8.83 9.19 -19.69
CA LEU D 36 -9.30 8.25 -20.71
C LEU D 36 -10.38 8.89 -21.58
N LEU D 37 -11.26 9.65 -20.96
CA LEU D 37 -12.32 10.32 -21.72
C LEU D 37 -11.69 11.31 -22.70
N LEU D 38 -10.71 12.07 -22.23
CA LEU D 38 -10.02 13.04 -23.09
C LEU D 38 -9.38 12.33 -24.27
N LEU D 39 -8.65 11.25 -23.98
CA LEU D 39 -7.98 10.48 -25.02
C LEU D 39 -8.98 9.97 -26.05
N GLY D 40 -10.09 9.41 -25.57
CA GLY D 40 -11.10 8.89 -26.47
C GLY D 40 -11.74 9.98 -27.31
N MET D 41 -12.06 11.10 -26.69
CA MET D 41 -12.68 12.21 -27.42
C MET D 41 -11.78 12.79 -28.49
N TYR D 42 -10.51 13.04 -28.13
CA TYR D 42 -9.58 13.63 -29.09
C TYR D 42 -9.28 12.71 -30.29
N LEU D 43 -9.22 11.40 -30.05
CA LEU D 43 -8.95 10.47 -31.14
C LEU D 43 -10.08 10.47 -32.17
N GLU D 44 -11.29 10.85 -31.73
CA GLU D 44 -12.42 10.92 -32.64
C GLU D 44 -12.25 12.04 -33.65
N PHE D 45 -11.39 13.01 -33.33
CA PHE D 45 -11.16 14.15 -34.22
C PHE D 45 -10.15 13.87 -35.34
N GLN D 46 -9.47 12.72 -35.27
CA GLN D 46 -8.46 12.38 -36.27
C GLN D 46 -9.06 12.14 -37.65
N TYR D 47 -10.34 11.80 -37.69
CA TYR D 47 -11.03 11.51 -38.95
C TYR D 47 -11.62 12.78 -39.58
N SER D 48 -11.75 12.75 -40.91
CA SER D 48 -12.30 13.86 -41.68
C SER D 48 -13.51 14.51 -41.02
N PHE D 49 -13.49 15.82 -40.85
CA PHE D 49 -14.64 16.48 -40.25
C PHE D 49 -15.65 16.73 -41.36
N GLU D 50 -15.18 16.77 -42.60
CA GLU D 50 -16.03 17.00 -43.77
C GLU D 50 -17.02 15.84 -43.93
N MET D 51 -16.55 14.63 -43.65
CA MET D 51 -17.38 13.44 -43.78
C MET D 51 -17.74 12.83 -42.44
N CYS D 52 -17.97 13.67 -41.43
CA CYS D 52 -18.29 13.18 -40.10
C CYS D 52 -19.77 13.21 -39.75
N LEU D 53 -20.34 12.03 -39.52
CA LEU D 53 -21.74 11.90 -39.16
C LEU D 53 -22.01 12.37 -37.73
N LYS D 54 -21.02 12.26 -36.86
CA LYS D 54 -21.20 12.71 -35.48
C LYS D 54 -21.44 14.20 -35.50
N CYS D 55 -20.78 14.91 -36.40
CA CYS D 55 -20.94 16.35 -36.52
C CYS D 55 -22.27 16.69 -37.21
N ILE D 56 -22.56 16.00 -38.30
CA ILE D 56 -23.79 16.25 -39.05
C ILE D 56 -25.04 15.96 -38.22
N LYS D 57 -25.01 14.89 -37.45
CA LYS D 57 -26.15 14.53 -36.60
C LYS D 57 -26.16 15.31 -35.30
N LYS D 58 -25.16 16.17 -35.09
CA LYS D 58 -25.07 16.97 -33.88
C LYS D 58 -25.41 16.12 -32.65
N GLU D 59 -24.70 15.02 -32.47
CA GLU D 59 -24.94 14.11 -31.36
C GLU D 59 -24.36 14.55 -30.02
N GLN D 60 -23.14 15.06 -30.03
CA GLN D 60 -22.48 15.49 -28.80
C GLN D 60 -21.78 16.82 -28.96
N PRO D 61 -22.19 17.84 -28.17
CA PRO D 61 -21.60 19.17 -28.24
C PRO D 61 -20.08 19.12 -28.02
N SER D 62 -19.65 18.27 -27.07
CA SER D 62 -18.24 18.14 -26.75
C SER D 62 -17.47 17.62 -27.96
N HIS D 63 -18.20 17.16 -28.97
CA HIS D 63 -17.56 16.68 -30.19
C HIS D 63 -17.75 17.62 -31.39
N TYR D 64 -19.01 17.82 -31.79
CA TYR D 64 -19.27 18.63 -32.97
C TYR D 64 -18.89 20.10 -32.89
N LYS D 65 -18.83 20.66 -31.69
CA LYS D 65 -18.45 22.06 -31.55
C LYS D 65 -16.93 22.21 -31.64
N TYR D 66 -16.19 21.10 -31.71
CA TYR D 66 -14.74 21.18 -31.76
C TYR D 66 -14.01 20.41 -32.84
N HIS D 67 -14.66 19.40 -33.43
CA HIS D 67 -14.02 18.57 -34.44
C HIS D 67 -13.23 19.35 -35.51
N GLU D 68 -13.87 20.31 -36.18
CA GLU D 68 -13.19 21.06 -37.24
C GLU D 68 -11.91 21.77 -36.83
N LYS D 69 -11.97 22.51 -35.72
CA LYS D 69 -10.80 23.24 -35.25
C LYS D 69 -9.66 22.32 -34.83
N HIS D 70 -10.00 21.14 -34.30
CA HIS D 70 -8.96 20.22 -33.84
C HIS D 70 -8.58 19.10 -34.80
N TYR D 71 -9.24 19.05 -35.96
CA TYR D 71 -8.95 18.03 -36.95
C TYR D 71 -7.47 17.84 -37.28
N ALA D 72 -6.82 18.91 -37.73
CA ALA D 72 -5.41 18.82 -38.10
C ALA D 72 -4.49 18.34 -36.97
N ASN D 73 -4.67 18.90 -35.78
CA ASN D 73 -3.84 18.51 -34.64
C ASN D 73 -4.13 17.08 -34.21
N ALA D 74 -5.38 16.66 -34.35
CA ALA D 74 -5.79 15.31 -33.98
C ALA D 74 -5.18 14.27 -34.92
N ALA D 75 -5.13 14.60 -36.21
CA ALA D 75 -4.56 13.69 -37.18
C ALA D 75 -3.13 13.38 -36.77
N ILE D 76 -2.39 14.41 -36.36
CA ILE D 76 -1.01 14.24 -35.93
C ILE D 76 -0.97 13.49 -34.58
N PHE D 77 -1.87 13.86 -33.68
CA PHE D 77 -1.98 13.23 -32.36
C PHE D 77 -2.12 11.72 -32.53
N ALA D 78 -2.88 11.32 -33.55
CA ALA D 78 -3.11 9.90 -33.83
C ALA D 78 -1.81 9.14 -34.10
N ASP D 79 -0.78 9.86 -34.55
CA ASP D 79 0.51 9.24 -34.83
C ASP D 79 1.51 9.41 -33.70
N SER D 80 1.11 10.09 -32.63
CA SER D 80 2.02 10.31 -31.51
C SER D 80 2.31 9.07 -30.68
N LYS D 81 3.48 9.06 -30.04
CA LYS D 81 3.89 7.95 -29.18
C LYS D 81 3.70 8.32 -27.71
N ASN D 82 3.19 9.52 -27.43
CA ASN D 82 2.98 9.97 -26.05
C ASN D 82 1.56 10.45 -25.81
N GLN D 83 0.60 9.79 -26.44
CA GLN D 83 -0.80 10.20 -26.31
C GLN D 83 -1.29 10.37 -24.88
N LYS D 84 -1.06 9.37 -24.05
CA LYS D 84 -1.50 9.43 -22.66
C LYS D 84 -0.83 10.58 -21.90
N THR D 85 0.48 10.74 -22.08
CA THR D 85 1.22 11.79 -21.41
C THR D 85 0.67 13.17 -21.78
N ILE D 86 0.37 13.38 -23.06
CA ILE D 86 -0.18 14.65 -23.53
C ILE D 86 -1.53 14.90 -22.85
N CYS D 87 -2.37 13.87 -22.78
CA CYS D 87 -3.67 14.03 -22.15
C CYS D 87 -3.54 14.27 -20.65
N GLN D 88 -2.51 13.72 -20.05
CA GLN D 88 -2.25 13.86 -18.62
C GLN D 88 -1.99 15.32 -18.27
N GLN D 89 -1.15 15.98 -19.08
CA GLN D 89 -0.86 17.39 -18.83
C GLN D 89 -2.11 18.22 -19.05
N ALA D 90 -2.93 17.83 -20.04
CA ALA D 90 -4.16 18.55 -20.32
C ALA D 90 -5.09 18.46 -19.11
N VAL D 91 -5.28 17.23 -18.60
CA VAL D 91 -6.15 17.04 -17.44
C VAL D 91 -5.60 17.77 -16.20
N ASP D 92 -4.29 17.77 -16.01
CA ASP D 92 -3.69 18.46 -14.87
C ASP D 92 -4.00 19.94 -14.94
N THR D 93 -4.03 20.48 -16.15
CA THR D 93 -4.34 21.90 -16.33
C THR D 93 -5.78 22.17 -15.89
N VAL D 94 -6.70 21.25 -16.19
CA VAL D 94 -8.11 21.43 -15.80
C VAL D 94 -8.22 21.37 -14.28
N LEU D 95 -7.49 20.43 -13.68
CA LEU D 95 -7.49 20.28 -12.23
C LEU D 95 -6.90 21.53 -11.59
N ALA D 96 -5.87 22.08 -12.22
CA ALA D 96 -5.21 23.28 -11.71
C ALA D 96 -6.20 24.44 -11.74
N LYS D 97 -6.93 24.57 -12.84
CA LYS D 97 -7.91 25.64 -12.98
C LYS D 97 -8.96 25.53 -11.87
N LYS D 98 -9.42 24.30 -11.61
CA LYS D 98 -10.40 24.08 -10.56
C LYS D 98 -9.83 24.47 -9.20
N ARG D 99 -8.54 24.20 -8.98
CA ARG D 99 -7.89 24.53 -7.72
C ARG D 99 -7.81 26.05 -7.54
N VAL D 100 -7.49 26.75 -8.62
CA VAL D 100 -7.41 28.21 -8.56
C VAL D 100 -8.81 28.76 -8.27
N ASP D 101 -9.81 28.30 -9.04
CA ASP D 101 -11.17 28.76 -8.82
C ASP D 101 -11.68 28.53 -7.40
N SER D 102 -11.33 27.38 -6.82
CA SER D 102 -11.78 27.05 -5.45
C SER D 102 -11.21 28.04 -4.44
N LEU D 103 -10.02 28.54 -4.73
CA LEU D 103 -9.37 29.48 -3.83
C LEU D 103 -9.64 30.94 -4.12
N GLN D 104 -9.94 31.28 -5.36
CA GLN D 104 -10.13 32.70 -5.70
C GLN D 104 -11.51 33.21 -6.08
N LEU D 105 -12.45 32.32 -6.42
CA LEU D 105 -13.78 32.78 -6.76
C LEU D 105 -14.63 32.86 -5.50
N THR D 106 -15.67 33.69 -5.52
CA THR D 106 -16.55 33.75 -4.36
C THR D 106 -17.43 32.52 -4.58
N ARG D 107 -18.02 31.99 -3.52
CA ARG D 107 -18.85 30.82 -3.68
C ARG D 107 -20.06 31.13 -4.55
N GLU D 108 -20.51 32.38 -4.54
CA GLU D 108 -21.64 32.74 -5.40
C GLU D 108 -21.22 32.62 -6.85
N GLN D 109 -19.98 33.04 -7.16
CA GLN D 109 -19.48 32.95 -8.53
C GLN D 109 -19.36 31.50 -8.94
N MET D 110 -19.04 30.64 -8.00
CA MET D 110 -18.93 29.21 -8.28
C MET D 110 -20.28 28.66 -8.73
N LEU D 111 -21.32 28.99 -7.97
CA LEU D 111 -22.66 28.53 -8.27
C LEU D 111 -23.13 29.08 -9.61
N THR D 112 -22.79 30.33 -9.87
CA THR D 112 -23.16 30.99 -11.11
C THR D 112 -22.57 30.23 -12.30
N ASN D 113 -21.31 29.83 -12.19
CA ASN D 113 -20.68 29.07 -13.27
C ASN D 113 -21.41 27.76 -13.46
N ARG D 114 -21.79 27.12 -12.36
CA ARG D 114 -22.52 25.86 -12.43
C ARG D 114 -23.85 26.08 -13.15
N PHE D 115 -24.59 27.10 -12.72
CA PHE D 115 -25.88 27.41 -13.34
C PHE D 115 -25.76 27.64 -14.84
N ASN D 116 -24.71 28.36 -15.25
CA ASN D 116 -24.51 28.62 -16.66
C ASN D 116 -24.25 27.32 -17.45
N ASP D 117 -23.56 26.37 -16.83
CA ASP D 117 -23.29 25.10 -17.50
C ASP D 117 -24.60 24.34 -17.63
N LEU D 118 -25.43 24.38 -16.59
CA LEU D 118 -26.70 23.69 -16.64
C LEU D 118 -27.61 24.33 -17.69
N LEU D 119 -27.58 25.66 -17.79
CA LEU D 119 -28.41 26.34 -18.78
C LEU D 119 -27.94 25.99 -20.19
N ASP D 120 -26.64 25.75 -20.35
CA ASP D 120 -26.11 25.38 -21.66
C ASP D 120 -26.71 24.03 -22.05
N ARG D 121 -26.79 23.12 -21.08
CA ARG D 121 -27.35 21.80 -21.35
C ARG D 121 -28.84 21.94 -21.64
N MET D 122 -29.49 22.87 -20.95
CA MET D 122 -30.91 23.10 -21.15
C MET D 122 -31.21 23.68 -22.54
N ASP D 123 -30.40 24.65 -22.97
CA ASP D 123 -30.61 25.23 -24.30
C ASP D 123 -30.60 24.13 -25.36
N ILE D 124 -29.67 23.20 -25.20
CA ILE D 124 -29.54 22.08 -26.14
C ILE D 124 -30.64 21.04 -25.99
N MET D 125 -30.84 20.53 -24.77
CA MET D 125 -31.85 19.50 -24.55
C MET D 125 -33.27 19.96 -24.85
N PHE D 126 -33.53 21.25 -24.75
CA PHE D 126 -34.86 21.76 -25.02
C PHE D 126 -34.88 22.53 -26.35
N GLY D 127 -33.80 22.40 -27.12
CA GLY D 127 -33.71 23.06 -28.40
C GLY D 127 -34.05 22.13 -29.55
N SER D 128 -33.87 22.60 -30.78
CA SER D 128 -34.17 21.80 -31.97
C SER D 128 -33.35 20.52 -32.06
N THR D 129 -32.13 20.53 -31.52
CA THR D 129 -31.28 19.35 -31.57
C THR D 129 -31.34 18.54 -30.27
N GLY D 130 -32.34 18.83 -29.45
CA GLY D 130 -32.51 18.11 -28.20
C GLY D 130 -33.63 17.09 -28.24
N SER D 131 -33.63 16.16 -27.30
CA SER D 131 -34.65 15.13 -27.25
C SER D 131 -35.49 15.18 -25.97
N ALA D 132 -35.37 16.28 -25.22
CA ALA D 132 -36.12 16.43 -24.00
C ALA D 132 -37.43 17.18 -24.26
N ASP D 133 -38.46 16.79 -23.52
CA ASP D 133 -39.78 17.41 -23.64
C ASP D 133 -39.97 18.32 -22.44
N ILE D 134 -39.89 19.62 -22.66
CA ILE D 134 -40.03 20.60 -21.60
C ILE D 134 -41.30 20.38 -20.76
N GLU D 135 -42.33 19.83 -21.38
CA GLU D 135 -43.58 19.58 -20.66
C GLU D 135 -43.39 18.49 -19.60
N GLU D 136 -42.60 17.47 -19.93
CA GLU D 136 -42.35 16.37 -18.99
C GLU D 136 -41.48 16.83 -17.84
N TRP D 137 -40.62 17.81 -18.11
CA TRP D 137 -39.75 18.35 -17.08
C TRP D 137 -40.52 19.26 -16.14
N MET D 138 -41.48 20.01 -16.67
CA MET D 138 -42.27 20.88 -15.82
C MET D 138 -43.13 19.98 -14.92
N ALA D 139 -43.47 18.81 -15.44
CA ALA D 139 -44.25 17.85 -14.67
C ALA D 139 -43.41 17.40 -13.47
N GLY D 140 -42.11 17.28 -13.69
CA GLY D 140 -41.21 16.89 -12.61
C GLY D 140 -41.17 18.00 -11.57
N VAL D 141 -41.17 19.24 -12.05
CA VAL D 141 -41.17 20.39 -11.16
C VAL D 141 -42.41 20.35 -10.29
N ALA D 142 -43.54 19.99 -10.89
CA ALA D 142 -44.82 19.91 -10.18
C ALA D 142 -44.74 18.84 -9.09
N TRP D 143 -44.26 17.65 -9.45
CA TRP D 143 -44.14 16.55 -8.50
C TRP D 143 -43.23 16.95 -7.34
N LEU D 144 -42.07 17.49 -7.68
CA LEU D 144 -41.12 17.91 -6.66
C LEU D 144 -41.71 18.95 -5.73
N HIS D 145 -42.53 19.85 -6.27
CA HIS D 145 -43.13 20.89 -5.45
C HIS D 145 -44.20 20.32 -4.51
N CYS D 146 -44.49 19.03 -4.62
CA CYS D 146 -45.47 18.39 -3.74
C CYS D 146 -44.78 17.48 -2.72
N LEU D 147 -43.47 17.28 -2.88
CA LEU D 147 -42.69 16.42 -1.99
C LEU D 147 -42.50 17.02 -0.60
N LEU D 148 -42.35 18.34 -0.55
CA LEU D 148 -42.16 19.06 0.70
C LEU D 148 -42.89 20.40 0.63
N PRO D 149 -43.23 20.99 1.78
CA PRO D 149 -43.93 22.28 1.80
C PRO D 149 -42.97 23.39 1.34
N LYS D 150 -43.49 24.40 0.65
CA LYS D 150 -42.68 25.52 0.16
C LYS D 150 -41.34 25.02 -0.41
N MET D 151 -41.41 24.04 -1.29
CA MET D 151 -40.21 23.44 -1.88
C MET D 151 -39.24 24.41 -2.54
N ASP D 152 -39.75 25.40 -3.27
CA ASP D 152 -38.85 26.35 -3.92
C ASP D 152 -38.07 27.17 -2.90
N SER D 153 -38.66 27.38 -1.72
CA SER D 153 -37.98 28.13 -0.67
C SER D 153 -36.96 27.24 0.02
N VAL D 154 -37.28 25.96 0.12
CA VAL D 154 -36.36 25.00 0.72
C VAL D 154 -35.10 24.97 -0.13
N VAL D 155 -35.28 24.88 -1.45
CA VAL D 155 -34.16 24.85 -2.37
C VAL D 155 -33.37 26.15 -2.31
N TYR D 156 -34.08 27.27 -2.30
CA TYR D 156 -33.45 28.58 -2.24
C TYR D 156 -32.62 28.74 -0.95
N ASP D 157 -33.21 28.39 0.19
CA ASP D 157 -32.51 28.50 1.46
C ASP D 157 -31.29 27.56 1.49
N PHE D 158 -31.37 26.42 0.80
CA PHE D 158 -30.25 25.49 0.77
C PHE D 158 -29.09 26.14 0.03
N LEU D 159 -29.38 26.72 -1.14
CA LEU D 159 -28.36 27.38 -1.93
C LEU D 159 -27.67 28.46 -1.10
N LYS D 160 -28.46 29.27 -0.40
CA LYS D 160 -27.90 30.33 0.43
C LYS D 160 -26.99 29.73 1.50
N CYS D 161 -27.42 28.63 2.10
CA CYS D 161 -26.62 27.98 3.13
C CYS D 161 -25.30 27.49 2.54
N MET D 162 -25.36 26.89 1.35
CA MET D 162 -24.15 26.38 0.71
C MET D 162 -23.24 27.52 0.28
N VAL D 163 -23.83 28.63 -0.17
CA VAL D 163 -23.02 29.76 -0.59
C VAL D 163 -22.34 30.48 0.57
N TYR D 164 -23.10 30.78 1.63
CA TYR D 164 -22.54 31.48 2.79
C TYR D 164 -21.49 30.62 3.51
N ASN D 165 -21.67 29.31 3.49
CA ASN D 165 -20.69 28.39 4.08
C ASN D 165 -20.26 28.86 5.48
N ILE D 166 -21.24 29.13 6.34
CA ILE D 166 -20.97 29.60 7.69
C ILE D 166 -20.47 28.48 8.62
N PRO D 167 -19.37 28.75 9.34
CA PRO D 167 -18.80 27.76 10.26
C PRO D 167 -19.88 27.17 11.16
N LYS D 168 -19.91 25.84 11.22
CA LYS D 168 -20.86 25.11 12.05
C LYS D 168 -22.36 25.29 11.72
N LYS D 169 -22.65 25.84 10.55
CA LYS D 169 -24.03 26.02 10.08
C LYS D 169 -24.03 25.69 8.58
N ARG D 170 -23.27 24.64 8.26
CA ARG D 170 -23.04 24.17 6.89
C ARG D 170 -23.77 22.91 6.44
N TYR D 171 -24.33 22.15 7.36
CA TYR D 171 -24.98 20.90 6.96
C TYR D 171 -26.46 20.77 7.26
N TRP D 172 -27.18 20.17 6.32
CA TRP D 172 -28.61 19.93 6.45
C TRP D 172 -28.78 18.41 6.60
N LEU D 173 -29.75 18.01 7.41
CA LEU D 173 -30.00 16.59 7.61
C LEU D 173 -31.35 16.22 6.99
N PHE D 174 -31.32 15.20 6.13
CA PHE D 174 -32.52 14.69 5.48
C PHE D 174 -32.78 13.37 6.22
N LYS D 175 -33.86 13.34 7.00
CA LYS D 175 -34.18 12.13 7.78
C LYS D 175 -35.59 11.64 7.45
N GLY D 176 -35.75 10.33 7.37
CA GLY D 176 -37.07 9.78 7.08
C GLY D 176 -37.06 8.30 6.73
N PRO D 177 -38.24 7.69 6.60
CA PRO D 177 -38.42 6.26 6.27
C PRO D 177 -37.96 5.94 4.85
N ILE D 178 -37.93 4.65 4.53
CA ILE D 178 -37.54 4.21 3.21
C ILE D 178 -38.48 4.80 2.16
N ASP D 179 -37.93 5.18 1.01
CA ASP D 179 -38.71 5.75 -0.08
C ASP D 179 -39.55 6.95 0.31
N SER D 180 -38.94 7.93 1.00
CA SER D 180 -39.64 9.13 1.40
C SER D 180 -39.15 10.36 0.61
N GLY D 181 -38.16 10.17 -0.27
CA GLY D 181 -37.65 11.26 -1.09
C GLY D 181 -36.33 11.90 -0.72
N LYS D 182 -35.62 11.33 0.25
CA LYS D 182 -34.33 11.88 0.69
C LYS D 182 -33.28 11.89 -0.42
N THR D 183 -33.07 10.73 -1.04
CA THR D 183 -32.08 10.60 -2.10
C THR D 183 -32.50 11.37 -3.35
N THR D 184 -33.79 11.34 -3.66
CA THR D 184 -34.30 12.03 -4.83
C THR D 184 -33.91 13.50 -4.78
N LEU D 185 -34.19 14.15 -3.65
CA LEU D 185 -33.88 15.57 -3.49
C LEU D 185 -32.39 15.84 -3.31
N ALA D 186 -31.70 14.97 -2.59
CA ALA D 186 -30.26 15.13 -2.36
C ALA D 186 -29.51 15.05 -3.68
N ALA D 187 -29.92 14.10 -4.52
CA ALA D 187 -29.31 13.90 -5.83
C ALA D 187 -29.53 15.12 -6.72
N ALA D 188 -30.74 15.66 -6.66
CA ALA D 188 -31.10 16.83 -7.46
C ALA D 188 -30.27 18.03 -7.03
N LEU D 189 -30.18 18.24 -5.73
CA LEU D 189 -29.41 19.36 -5.18
C LEU D 189 -27.93 19.21 -5.49
N LEU D 190 -27.44 17.98 -5.45
CA LEU D 190 -26.03 17.71 -5.73
C LEU D 190 -25.71 18.07 -7.19
N GLU D 191 -26.61 17.70 -8.10
CA GLU D 191 -26.42 18.02 -9.50
C GLU D 191 -26.62 19.51 -9.75
N LEU D 192 -27.47 20.13 -8.95
CA LEU D 192 -27.76 21.55 -9.08
C LEU D 192 -26.57 22.42 -8.73
N CYS D 193 -25.80 22.00 -7.74
CA CYS D 193 -24.65 22.76 -7.27
C CYS D 193 -23.30 22.20 -7.70
N GLY D 194 -23.25 20.90 -7.97
CA GLY D 194 -22.00 20.28 -8.34
C GLY D 194 -21.35 19.83 -7.05
N GLY D 195 -20.68 18.68 -7.07
CA GLY D 195 -20.06 18.17 -5.87
C GLY D 195 -19.95 16.66 -5.96
N LYS D 196 -19.81 16.00 -4.82
CA LYS D 196 -19.68 14.55 -4.80
C LYS D 196 -20.50 13.91 -3.69
N ALA D 197 -20.88 12.64 -3.89
CA ALA D 197 -21.64 11.88 -2.89
C ALA D 197 -20.60 10.95 -2.28
N LEU D 198 -20.53 10.91 -0.95
CA LEU D 198 -19.54 10.08 -0.28
C LEU D 198 -20.20 8.99 0.54
N ASN D 199 -19.56 7.83 0.59
CA ASN D 199 -20.08 6.70 1.36
C ASN D 199 -19.22 6.48 2.59
N VAL D 200 -19.72 6.78 3.79
CA VAL D 200 -18.94 6.55 4.99
C VAL D 200 -19.43 5.36 5.79
N ASN D 201 -20.09 4.43 5.11
CA ASN D 201 -20.59 3.22 5.77
C ASN D 201 -19.58 2.08 5.60
N LEU D 202 -18.57 2.32 4.77
CA LEU D 202 -17.52 1.34 4.52
C LEU D 202 -16.48 1.45 5.64
N PRO D 203 -15.58 0.45 5.76
CA PRO D 203 -14.56 0.47 6.80
C PRO D 203 -13.78 1.78 6.83
N LEU D 204 -13.45 2.23 8.03
CA LEU D 204 -12.71 3.47 8.22
C LEU D 204 -11.30 3.41 7.62
N ASP D 205 -10.91 2.22 7.18
CA ASP D 205 -9.60 2.03 6.58
C ASP D 205 -9.47 2.87 5.31
N ARG D 206 -10.37 2.62 4.37
CA ARG D 206 -10.39 3.34 3.10
C ARG D 206 -11.23 4.61 3.22
N LEU D 207 -11.55 4.99 4.44
CA LEU D 207 -12.35 6.18 4.70
C LEU D 207 -11.63 7.43 4.22
N ASN D 208 -10.35 7.55 4.57
CA ASN D 208 -9.56 8.71 4.15
C ASN D 208 -9.63 8.94 2.65
N PHE D 209 -9.49 7.88 1.87
CA PHE D 209 -9.53 8.01 0.42
C PHE D 209 -10.91 8.43 -0.08
N GLU D 210 -11.96 7.97 0.59
CA GLU D 210 -13.32 8.35 0.21
C GLU D 210 -13.47 9.83 0.49
N LEU D 211 -12.96 10.29 1.63
CA LEU D 211 -13.06 11.69 1.98
C LEU D 211 -12.22 12.53 1.02
N GLY D 212 -11.15 11.93 0.47
CA GLY D 212 -10.31 12.64 -0.46
C GLY D 212 -11.03 13.08 -1.74
N VAL D 213 -12.14 12.43 -2.05
CA VAL D 213 -12.93 12.76 -3.24
C VAL D 213 -13.52 14.18 -3.13
N ALA D 214 -13.66 14.69 -1.91
CA ALA D 214 -14.23 16.01 -1.69
C ALA D 214 -13.31 17.17 -2.04
N ILE D 215 -12.04 16.88 -2.32
CA ILE D 215 -11.10 17.93 -2.65
C ILE D 215 -11.63 18.82 -3.78
N ASP D 216 -11.59 20.14 -3.53
CA ASP D 216 -12.03 21.15 -4.49
C ASP D 216 -13.51 21.07 -4.89
N GLN D 217 -14.33 20.33 -4.14
CA GLN D 217 -15.76 20.21 -4.46
C GLN D 217 -16.58 21.30 -3.80
N PHE D 218 -17.64 21.75 -4.47
CA PHE D 218 -18.50 22.80 -3.93
C PHE D 218 -19.28 22.32 -2.71
N LEU D 219 -19.78 21.09 -2.78
CA LEU D 219 -20.50 20.51 -1.65
C LEU D 219 -20.42 19.00 -1.66
N VAL D 220 -20.82 18.39 -0.55
CA VAL D 220 -20.77 16.95 -0.42
C VAL D 220 -22.07 16.39 0.18
N VAL D 221 -22.44 15.20 -0.26
CA VAL D 221 -23.63 14.54 0.29
C VAL D 221 -23.21 13.21 0.90
N PHE D 222 -23.43 13.05 2.20
CA PHE D 222 -23.13 11.78 2.87
C PHE D 222 -24.43 11.00 2.78
N GLU D 223 -24.50 10.09 1.81
CA GLU D 223 -25.71 9.30 1.56
C GLU D 223 -25.96 8.09 2.46
N ASP D 224 -27.21 7.95 2.86
CA ASP D 224 -27.67 6.83 3.67
C ASP D 224 -26.72 6.39 4.77
N VAL D 225 -26.48 7.27 5.73
CA VAL D 225 -25.59 6.99 6.85
C VAL D 225 -26.35 6.17 7.90
N LYS D 226 -25.77 5.04 8.31
CA LYS D 226 -26.41 4.19 9.30
C LYS D 226 -25.89 4.40 10.72
N GLY D 227 -26.80 4.26 11.68
CA GLY D 227 -26.47 4.41 13.08
C GLY D 227 -26.54 3.08 13.81
N THR D 228 -26.58 3.12 15.14
CA THR D 228 -26.63 1.89 15.93
C THR D 228 -28.03 1.58 16.49
N GLY D 229 -28.46 2.39 17.44
CA GLY D 229 -29.77 2.19 18.04
C GLY D 229 -30.91 2.35 17.05
N GLY D 230 -31.38 1.24 16.50
CA GLY D 230 -32.46 1.29 15.53
C GLY D 230 -33.01 -0.07 15.17
N GLU D 231 -32.55 -1.11 15.87
CA GLU D 231 -33.00 -2.47 15.60
C GLU D 231 -34.48 -2.61 15.93
N SER D 232 -35.02 -1.63 16.65
CA SER D 232 -36.43 -1.63 17.04
C SER D 232 -37.31 -1.34 15.82
N ARG D 233 -36.78 -0.53 14.90
CA ARG D 233 -37.51 -0.16 13.69
C ARG D 233 -37.06 -0.94 12.47
N ASP D 234 -36.53 -2.14 12.70
CA ASP D 234 -36.06 -3.01 11.62
C ASP D 234 -34.99 -2.32 10.78
N LEU D 235 -34.15 -1.52 11.43
CA LEU D 235 -33.07 -0.82 10.75
C LEU D 235 -31.72 -1.44 11.11
N PRO D 236 -30.97 -1.89 10.09
CA PRO D 236 -29.67 -2.50 10.34
C PRO D 236 -28.73 -1.52 11.02
N SER D 237 -27.72 -2.04 11.71
CA SER D 237 -26.77 -1.18 12.38
C SER D 237 -25.54 -0.96 11.52
N GLY D 238 -24.90 0.19 11.69
CA GLY D 238 -23.71 0.51 10.92
C GLY D 238 -22.86 1.51 11.68
N GLN D 239 -21.70 1.85 11.14
CA GLN D 239 -20.80 2.80 11.78
C GLN D 239 -20.85 4.20 11.18
N GLY D 240 -21.68 4.38 10.16
CA GLY D 240 -21.80 5.67 9.51
C GLY D 240 -21.89 6.86 10.46
N ILE D 241 -22.85 6.81 11.37
CA ILE D 241 -23.05 7.90 12.32
C ILE D 241 -21.83 8.07 13.24
N ASN D 242 -21.29 6.97 13.74
CA ASN D 242 -20.11 7.06 14.59
C ASN D 242 -18.99 7.71 13.79
N ASN D 243 -18.88 7.36 12.51
CA ASN D 243 -17.84 7.94 11.67
C ASN D 243 -18.00 9.45 11.53
N LEU D 244 -19.21 9.91 11.24
CA LEU D 244 -19.44 11.34 11.09
C LEU D 244 -19.14 12.08 12.40
N ASP D 245 -19.45 11.45 13.53
CA ASP D 245 -19.19 12.08 14.81
C ASP D 245 -17.70 12.18 15.09
N ASN D 246 -16.90 11.41 14.35
CA ASN D 246 -15.46 11.47 14.51
C ASN D 246 -14.87 12.46 13.52
N LEU D 247 -15.75 13.07 12.73
CA LEU D 247 -15.35 14.05 11.72
C LEU D 247 -15.96 15.42 11.99
N ARG D 248 -16.02 15.81 13.27
CA ARG D 248 -16.57 17.10 13.64
C ARG D 248 -15.85 18.27 12.99
N ASP D 249 -14.52 18.20 12.89
CA ASP D 249 -13.80 19.31 12.26
C ASP D 249 -14.07 19.38 10.75
N TYR D 250 -14.57 18.28 10.19
CA TYR D 250 -14.91 18.25 8.76
C TYR D 250 -16.25 18.96 8.54
N LEU D 251 -17.25 18.59 9.33
CA LEU D 251 -18.59 19.18 9.22
C LEU D 251 -18.57 20.65 9.65
N ASP D 252 -17.74 20.95 10.65
CA ASP D 252 -17.60 22.29 11.18
C ASP D 252 -17.21 23.33 10.15
N GLY D 253 -16.16 23.04 9.39
CA GLY D 253 -15.70 23.98 8.39
C GLY D 253 -15.00 25.18 8.99
N SER D 254 -14.48 25.03 10.20
CA SER D 254 -13.76 26.13 10.86
C SER D 254 -12.27 26.03 10.57
N VAL D 255 -11.67 24.89 10.88
CA VAL D 255 -10.26 24.70 10.60
C VAL D 255 -10.15 23.90 9.31
N LYS D 256 -9.01 24.01 8.65
CA LYS D 256 -8.79 23.27 7.43
C LYS D 256 -8.44 21.85 7.81
N VAL D 257 -8.94 20.89 7.03
CA VAL D 257 -8.68 19.48 7.27
C VAL D 257 -7.67 19.00 6.22
N ASN D 258 -7.11 17.80 6.42
CA ASN D 258 -6.09 17.31 5.49
C ASN D 258 -6.60 16.15 4.66
N LEU D 259 -6.94 16.46 3.41
CA LEU D 259 -7.47 15.49 2.47
C LEU D 259 -6.40 14.88 1.58
N GLU D 260 -6.52 13.59 1.31
CA GLU D 260 -5.56 12.90 0.45
C GLU D 260 -6.29 12.19 -0.70
N LYS D 261 -5.91 12.54 -1.93
CA LYS D 261 -6.54 11.93 -3.11
C LYS D 261 -5.50 11.66 -4.19
N LYS D 262 -4.72 10.61 -3.98
CA LYS D 262 -3.67 10.18 -4.91
C LYS D 262 -2.74 9.26 -4.15
N HIS D 263 -3.28 8.56 -3.16
CA HIS D 263 -2.51 7.65 -2.32
C HIS D 263 -1.49 8.48 -1.55
N LEU D 264 -1.79 9.76 -1.38
CA LEU D 264 -0.92 10.69 -0.67
C LEU D 264 -1.66 11.98 -0.31
N ASN D 265 -1.20 12.66 0.74
CA ASN D 265 -1.82 13.91 1.16
C ASN D 265 -1.76 14.91 0.01
N LYS D 266 -2.92 15.30 -0.50
CA LYS D 266 -2.98 16.22 -1.62
C LYS D 266 -3.48 17.63 -1.32
N ARG D 267 -4.26 17.80 -0.26
CA ARG D 267 -4.76 19.13 0.05
C ARG D 267 -5.33 19.40 1.45
N THR D 268 -4.89 20.52 2.01
CA THR D 268 -5.35 20.98 3.32
C THR D 268 -6.36 22.07 2.96
N GLN D 269 -7.62 21.83 3.28
CA GLN D 269 -8.65 22.80 2.96
C GLN D 269 -9.83 22.70 3.91
N ILE D 270 -10.70 23.70 3.85
CA ILE D 270 -11.92 23.69 4.65
C ILE D 270 -12.77 22.62 3.95
N PHE D 271 -13.29 21.65 4.70
CA PHE D 271 -14.11 20.60 4.08
C PHE D 271 -15.38 21.24 3.51
N PRO D 272 -15.90 20.72 2.37
CA PRO D 272 -17.11 21.30 1.79
C PRO D 272 -18.36 21.13 2.65
N PRO D 273 -19.33 22.06 2.52
CA PRO D 273 -20.58 22.00 3.27
C PRO D 273 -21.43 20.95 2.57
N GLY D 274 -22.63 20.69 3.06
CA GLY D 274 -23.43 19.69 2.37
C GLY D 274 -24.66 19.12 3.04
N ILE D 275 -24.92 17.85 2.73
CA ILE D 275 -26.09 17.13 3.21
C ILE D 275 -25.76 15.75 3.79
N VAL D 276 -26.60 15.30 4.71
CA VAL D 276 -26.49 13.97 5.29
C VAL D 276 -27.91 13.40 5.19
N THR D 277 -28.05 12.19 4.65
CA THR D 277 -29.36 11.55 4.57
C THR D 277 -29.31 10.27 5.41
N MET D 278 -30.41 9.94 6.06
CA MET D 278 -30.46 8.74 6.91
C MET D 278 -31.89 8.27 7.24
N ASN D 279 -31.98 7.05 7.79
CA ASN D 279 -33.24 6.40 8.16
C ASN D 279 -33.76 6.52 9.60
N GLU D 280 -33.84 7.70 10.16
CA GLU D 280 -34.38 7.82 11.51
C GLU D 280 -33.64 7.03 12.59
N TYR D 281 -32.31 7.15 12.61
CA TYR D 281 -31.51 6.49 13.64
C TYR D 281 -31.36 7.56 14.72
N SER D 282 -30.82 7.18 15.87
CA SER D 282 -30.60 8.16 16.93
C SER D 282 -29.40 8.99 16.48
N VAL D 283 -29.39 10.28 16.82
CA VAL D 283 -28.27 11.14 16.44
C VAL D 283 -27.68 11.80 17.68
N PRO D 284 -26.39 11.56 17.95
CA PRO D 284 -25.70 12.14 19.10
C PRO D 284 -25.80 13.67 19.09
N LYS D 285 -25.96 14.28 20.26
CA LYS D 285 -26.09 15.74 20.35
C LYS D 285 -24.89 16.46 19.73
N THR D 286 -23.71 15.88 19.90
CA THR D 286 -22.48 16.47 19.36
C THR D 286 -22.57 16.59 17.84
N LEU D 287 -23.17 15.58 17.22
CA LEU D 287 -23.31 15.56 15.77
C LEU D 287 -24.45 16.47 15.33
N GLN D 288 -25.55 16.44 16.09
CA GLN D 288 -26.72 17.26 15.79
C GLN D 288 -26.34 18.75 15.76
N ALA D 289 -25.40 19.15 16.60
CA ALA D 289 -24.98 20.54 16.67
C ALA D 289 -24.33 21.01 15.36
N ARG D 290 -24.01 20.05 14.50
CA ARG D 290 -23.37 20.33 13.21
C ARG D 290 -24.41 20.52 12.11
N PHE D 291 -25.66 20.14 12.39
CA PHE D 291 -26.76 20.25 11.44
C PHE D 291 -27.56 21.54 11.71
N VAL D 292 -27.46 22.52 10.82
CA VAL D 292 -28.18 23.78 11.02
C VAL D 292 -29.66 23.65 10.71
N LYS D 293 -30.01 22.60 9.97
CA LYS D 293 -31.41 22.36 9.63
C LYS D 293 -31.66 20.88 9.43
N GLN D 294 -32.83 20.43 9.86
CA GLN D 294 -33.23 19.04 9.68
C GLN D 294 -34.58 19.01 8.98
N ILE D 295 -34.69 18.19 7.94
CA ILE D 295 -35.93 18.06 7.20
C ILE D 295 -36.39 16.62 7.31
N ASP D 296 -37.62 16.43 7.79
CA ASP D 296 -38.17 15.10 7.94
C ASP D 296 -39.04 14.76 6.74
N PHE D 297 -38.61 13.77 5.97
CA PHE D 297 -39.35 13.35 4.78
C PHE D 297 -40.44 12.35 5.16
N ARG D 298 -41.57 12.42 4.46
CA ARG D 298 -42.70 11.54 4.72
C ARG D 298 -43.24 10.89 3.45
N PRO D 299 -43.38 9.57 3.45
CA PRO D 299 -43.91 8.90 2.27
C PRO D 299 -45.34 9.38 2.06
N LYS D 300 -45.75 9.55 0.80
CA LYS D 300 -47.09 10.01 0.49
C LYS D 300 -47.71 9.14 -0.60
N ASP D 301 -48.86 8.55 -0.29
CA ASP D 301 -49.56 7.68 -1.23
C ASP D 301 -49.74 8.29 -2.61
N TYR D 302 -50.24 9.52 -2.67
CA TYR D 302 -50.47 10.16 -3.95
C TYR D 302 -49.21 10.38 -4.78
N LEU D 303 -48.10 10.66 -4.13
CA LEU D 303 -46.83 10.85 -4.85
C LEU D 303 -46.49 9.53 -5.52
N LYS D 304 -46.67 8.44 -4.78
CA LYS D 304 -46.41 7.11 -5.30
C LYS D 304 -47.36 6.77 -6.45
N HIS D 305 -48.65 6.98 -6.22
CA HIS D 305 -49.65 6.69 -7.24
C HIS D 305 -49.45 7.55 -8.47
N CYS D 306 -49.04 8.79 -8.27
CA CYS D 306 -48.80 9.69 -9.39
C CYS D 306 -47.65 9.15 -10.25
N LEU D 307 -46.59 8.69 -9.59
CA LEU D 307 -45.42 8.13 -10.29
C LEU D 307 -45.80 6.89 -11.10
N GLU D 308 -46.72 6.09 -10.55
CA GLU D 308 -47.16 4.88 -11.23
C GLU D 308 -47.75 5.22 -12.60
N ARG D 309 -48.40 6.37 -12.69
CA ARG D 309 -49.02 6.81 -13.93
C ARG D 309 -48.20 7.88 -14.64
N SER D 310 -47.01 8.16 -14.13
CA SER D 310 -46.13 9.15 -14.72
C SER D 310 -44.73 8.56 -14.76
N GLU D 311 -44.63 7.33 -15.25
CA GLU D 311 -43.37 6.60 -15.34
C GLU D 311 -42.18 7.38 -15.91
N PHE D 312 -42.44 8.25 -16.87
CA PHE D 312 -41.37 9.03 -17.48
C PHE D 312 -40.53 9.84 -16.50
N LEU D 313 -41.13 10.19 -15.36
CA LEU D 313 -40.42 10.96 -14.34
C LEU D 313 -39.24 10.19 -13.72
N LEU D 314 -39.34 8.86 -13.72
CA LEU D 314 -38.27 8.03 -13.17
C LEU D 314 -37.39 7.50 -14.28
N GLU D 315 -38.03 7.01 -15.35
CA GLU D 315 -37.32 6.45 -16.49
C GLU D 315 -36.35 7.46 -17.11
N LYS D 316 -36.77 8.72 -17.16
CA LYS D 316 -35.91 9.75 -17.74
C LYS D 316 -35.14 10.50 -16.65
N ARG D 317 -35.21 9.99 -15.42
CA ARG D 317 -34.52 10.59 -14.28
C ARG D 317 -34.75 12.09 -14.17
N ILE D 318 -36.01 12.48 -14.14
CA ILE D 318 -36.36 13.89 -14.05
C ILE D 318 -36.49 14.42 -12.63
N ILE D 319 -37.22 13.72 -11.77
CA ILE D 319 -37.39 14.23 -10.40
C ILE D 319 -36.14 14.28 -9.55
N GLN D 320 -35.06 13.60 -9.96
CA GLN D 320 -33.82 13.66 -9.20
C GLN D 320 -32.78 14.51 -9.92
N SER D 321 -33.23 15.26 -10.93
CA SER D 321 -32.33 16.11 -11.71
C SER D 321 -32.17 17.53 -11.19
N GLY D 322 -30.94 18.03 -11.24
CA GLY D 322 -30.69 19.39 -10.82
C GLY D 322 -31.36 20.34 -11.81
N ILE D 323 -31.54 19.87 -13.04
CA ILE D 323 -32.19 20.69 -14.07
C ILE D 323 -33.65 20.94 -13.70
N ALA D 324 -34.28 19.96 -13.05
CA ALA D 324 -35.67 20.11 -12.64
C ALA D 324 -35.74 21.17 -11.54
N LEU D 325 -34.73 21.19 -10.67
CA LEU D 325 -34.68 22.16 -9.59
C LEU D 325 -34.39 23.55 -10.13
N LEU D 326 -33.55 23.62 -11.17
CA LEU D 326 -33.20 24.91 -11.75
C LEU D 326 -34.45 25.49 -12.43
N LEU D 327 -35.22 24.64 -13.10
CA LEU D 327 -36.44 25.09 -13.75
C LEU D 327 -37.39 25.62 -12.66
N MET D 328 -37.45 24.91 -11.54
CA MET D 328 -38.30 25.31 -10.44
C MET D 328 -37.93 26.73 -9.99
N LEU D 329 -36.64 26.98 -9.81
CA LEU D 329 -36.17 28.28 -9.38
C LEU D 329 -36.54 29.39 -10.38
N ILE D 330 -36.42 29.08 -11.67
CA ILE D 330 -36.73 30.03 -12.73
C ILE D 330 -38.23 30.35 -12.74
N TRP D 331 -39.03 29.34 -12.42
CA TRP D 331 -40.48 29.48 -12.41
C TRP D 331 -41.02 30.19 -11.17
N TYR D 332 -40.42 29.91 -10.01
CA TYR D 332 -40.86 30.50 -8.75
C TYR D 332 -40.13 31.71 -8.20
N ARG D 333 -38.82 31.81 -8.47
CA ARG D 333 -38.02 32.90 -7.91
C ARG D 333 -37.87 34.19 -8.71
N PRO D 334 -37.96 35.34 -8.04
CA PRO D 334 -37.82 36.63 -8.72
C PRO D 334 -36.40 36.79 -9.24
N VAL D 335 -36.26 37.43 -10.40
CA VAL D 335 -34.96 37.65 -11.03
C VAL D 335 -33.90 38.26 -10.11
N ALA D 336 -34.30 39.22 -9.29
CA ALA D 336 -33.39 39.89 -8.38
C ALA D 336 -32.61 38.97 -7.44
N GLU D 337 -33.11 37.75 -7.24
CA GLU D 337 -32.42 36.82 -6.34
C GLU D 337 -31.22 36.14 -7.01
N PHE D 338 -31.25 36.04 -8.34
CA PHE D 338 -30.15 35.40 -9.06
C PHE D 338 -28.98 36.38 -9.23
N ALA D 339 -27.79 35.83 -9.41
CA ALA D 339 -26.59 36.65 -9.59
C ALA D 339 -26.83 37.62 -10.74
N GLN D 340 -26.42 38.87 -10.54
CA GLN D 340 -26.61 39.91 -11.55
C GLN D 340 -26.13 39.50 -12.93
N SER D 341 -24.97 38.87 -13.00
CA SER D 341 -24.41 38.46 -14.29
C SER D 341 -25.24 37.44 -15.06
N ILE D 342 -26.07 36.68 -14.35
CA ILE D 342 -26.88 35.66 -15.01
C ILE D 342 -28.36 36.03 -15.17
N GLN D 343 -28.78 37.12 -14.52
CA GLN D 343 -30.19 37.55 -14.59
C GLN D 343 -30.75 37.64 -16.00
N SER D 344 -29.98 38.20 -16.93
CA SER D 344 -30.42 38.34 -18.30
C SER D 344 -30.81 36.98 -18.87
N ARG D 345 -29.99 35.98 -18.60
CA ARG D 345 -30.25 34.65 -19.09
C ARG D 345 -31.49 34.06 -18.40
N ILE D 346 -31.65 34.35 -17.11
CA ILE D 346 -32.80 33.85 -16.36
C ILE D 346 -34.10 34.44 -16.91
N VAL D 347 -34.09 35.74 -17.19
CA VAL D 347 -35.26 36.41 -17.73
C VAL D 347 -35.65 35.70 -19.02
N GLU D 348 -34.65 35.37 -19.84
CA GLU D 348 -34.87 34.69 -21.10
C GLU D 348 -35.60 33.36 -20.91
N TRP D 349 -35.23 32.60 -19.88
CA TRP D 349 -35.89 31.32 -19.62
C TRP D 349 -37.28 31.50 -19.01
N LYS D 350 -37.47 32.56 -18.24
CA LYS D 350 -38.78 32.83 -17.65
C LYS D 350 -39.77 33.09 -18.77
N GLU D 351 -39.33 33.78 -19.81
CA GLU D 351 -40.18 34.08 -20.96
C GLU D 351 -40.48 32.82 -21.75
N ARG D 352 -39.47 31.96 -21.85
CA ARG D 352 -39.60 30.71 -22.58
C ARG D 352 -40.63 29.82 -21.89
N LEU D 353 -40.61 29.83 -20.57
CA LEU D 353 -41.53 29.03 -19.77
C LEU D 353 -42.97 29.56 -19.82
N ASP D 354 -43.12 30.87 -19.69
CA ASP D 354 -44.45 31.48 -19.74
C ASP D 354 -45.13 31.24 -21.08
N LYS D 355 -44.32 31.17 -22.13
CA LYS D 355 -44.83 30.94 -23.48
C LYS D 355 -45.24 29.50 -23.71
N GLU D 356 -44.85 28.60 -22.81
CA GLU D 356 -45.20 27.19 -22.97
C GLU D 356 -46.10 26.61 -21.90
N PHE D 357 -46.16 27.27 -20.74
CA PHE D 357 -47.00 26.77 -19.67
C PHE D 357 -47.74 27.88 -18.94
N SER D 358 -49.07 27.88 -19.07
CA SER D 358 -49.87 28.89 -18.38
C SER D 358 -49.88 28.50 -16.92
N LEU D 359 -50.25 29.44 -16.05
CA LEU D 359 -50.31 29.17 -14.62
C LEU D 359 -51.30 28.04 -14.39
N SER D 360 -52.45 28.11 -15.05
CA SER D 360 -53.48 27.09 -14.90
C SER D 360 -52.96 25.70 -15.26
N VAL D 361 -52.26 25.58 -16.38
CA VAL D 361 -51.73 24.29 -16.79
C VAL D 361 -50.80 23.72 -15.72
N TYR D 362 -49.90 24.54 -15.19
CA TYR D 362 -49.00 24.07 -14.16
C TYR D 362 -49.81 23.66 -12.94
N GLN D 363 -50.79 24.49 -12.57
CA GLN D 363 -51.64 24.20 -11.41
C GLN D 363 -52.35 22.85 -11.60
N LYS D 364 -52.71 22.54 -12.84
CA LYS D 364 -53.38 21.29 -13.17
C LYS D 364 -52.45 20.11 -12.87
N MET D 365 -51.17 20.27 -13.21
CA MET D 365 -50.20 19.20 -12.96
C MET D 365 -50.10 18.93 -11.47
N LYS D 366 -49.94 19.98 -10.67
CA LYS D 366 -49.83 19.83 -9.23
C LYS D 366 -51.11 19.19 -8.69
N PHE D 367 -52.23 19.55 -9.27
CA PHE D 367 -53.52 19.00 -8.86
C PHE D 367 -53.49 17.49 -9.08
N ASN D 368 -53.09 17.07 -10.27
CA ASN D 368 -53.01 15.66 -10.59
C ASN D 368 -52.09 14.92 -9.62
N VAL D 369 -51.03 15.59 -9.18
CA VAL D 369 -50.10 14.96 -8.25
C VAL D 369 -50.81 14.69 -6.94
N ALA D 370 -51.43 15.72 -6.38
CA ALA D 370 -52.16 15.61 -5.13
C ALA D 370 -53.20 14.50 -5.22
N MET D 371 -53.81 14.37 -6.40
CA MET D 371 -54.83 13.35 -6.63
C MET D 371 -54.20 12.00 -6.95
N GLY D 372 -52.90 12.02 -7.21
CA GLY D 372 -52.17 10.80 -7.54
C GLY D 372 -52.71 10.14 -8.80
N ILE D 373 -52.84 10.93 -9.87
CA ILE D 373 -53.38 10.40 -11.13
C ILE D 373 -52.71 10.89 -12.41
N GLY D 374 -51.45 10.53 -12.62
CA GLY D 374 -50.75 10.97 -13.83
C GLY D 374 -50.68 12.48 -13.94
N VAL D 375 -49.48 13.03 -13.81
CA VAL D 375 -49.28 14.47 -13.87
C VAL D 375 -49.73 15.16 -15.16
N LEU D 376 -49.63 14.45 -16.28
CA LEU D 376 -50.02 15.04 -17.57
C LEU D 376 -51.46 14.73 -17.98
N ASP D 377 -52.23 14.16 -17.06
CA ASP D 377 -53.62 13.82 -17.35
C ASP D 377 -54.52 15.06 -17.26
N LYS E 16 14.27 31.12 -26.12
CA LYS E 16 13.03 30.47 -26.62
C LYS E 16 12.68 29.25 -25.79
N GLN E 17 13.41 29.04 -24.71
CA GLN E 17 13.17 27.91 -23.82
C GLN E 17 12.75 28.43 -22.46
N VAL E 18 11.77 27.77 -21.85
CA VAL E 18 11.26 28.20 -20.54
C VAL E 18 12.32 28.26 -19.44
N SER E 19 12.20 29.26 -18.58
CA SER E 19 13.12 29.42 -17.46
C SER E 19 12.50 28.78 -16.22
N TRP E 20 13.09 27.68 -15.78
CA TRP E 20 12.61 26.98 -14.59
C TRP E 20 12.83 27.85 -13.37
N LYS E 21 13.96 28.56 -13.37
CA LYS E 21 14.30 29.44 -12.26
C LYS E 21 13.23 30.51 -12.03
N LEU E 22 12.69 31.07 -13.11
CA LEU E 22 11.66 32.10 -12.96
C LEU E 22 10.37 31.55 -12.34
N VAL E 23 10.00 30.33 -12.70
CA VAL E 23 8.80 29.72 -12.15
C VAL E 23 9.04 29.48 -10.66
N THR E 24 10.25 29.03 -10.34
CA THR E 24 10.64 28.78 -8.95
C THR E 24 10.60 30.10 -8.17
N GLU E 25 11.07 31.18 -8.80
CA GLU E 25 11.03 32.48 -8.14
C GLU E 25 9.59 32.89 -7.81
N TYR E 26 8.69 32.71 -8.77
CA TYR E 26 7.28 33.04 -8.54
C TYR E 26 6.73 32.22 -7.37
N ALA E 27 7.06 30.93 -7.34
CA ALA E 27 6.61 30.05 -6.27
C ALA E 27 7.16 30.52 -4.93
N MET E 28 8.42 30.94 -4.93
CA MET E 28 9.06 31.42 -3.71
C MET E 28 8.42 32.72 -3.24
N GLU E 29 8.18 33.65 -4.16
CA GLU E 29 7.58 34.93 -3.82
C GLU E 29 6.17 34.79 -3.25
N THR E 30 5.42 33.82 -3.74
CA THR E 30 4.05 33.61 -3.26
C THR E 30 3.98 32.49 -2.22
N LYS E 31 5.13 31.92 -1.89
CA LYS E 31 5.21 30.81 -0.93
C LYS E 31 4.23 29.70 -1.31
N CYS E 32 4.20 29.37 -2.59
CA CYS E 32 3.30 28.34 -3.08
C CYS E 32 3.94 26.95 -3.03
N ASP E 33 3.38 26.07 -2.20
CA ASP E 33 3.91 24.71 -2.14
C ASP E 33 2.83 23.71 -2.56
N ASP E 34 1.98 24.15 -3.48
CA ASP E 34 0.89 23.35 -4.02
C ASP E 34 1.15 23.31 -5.53
N VAL E 35 1.57 22.15 -6.03
CA VAL E 35 1.88 22.02 -7.45
C VAL E 35 0.75 22.41 -8.40
N LEU E 36 -0.48 21.96 -8.13
CA LEU E 36 -1.60 22.32 -9.01
C LEU E 36 -1.95 23.80 -8.92
N LEU E 37 -1.83 24.39 -7.73
CA LEU E 37 -2.13 25.80 -7.59
C LEU E 37 -1.10 26.59 -8.40
N LEU E 38 0.17 26.21 -8.26
CA LEU E 38 1.25 26.88 -8.97
C LEU E 38 1.04 26.78 -10.47
N LEU E 39 0.74 25.57 -10.94
CA LEU E 39 0.50 25.34 -12.36
C LEU E 39 -0.63 26.22 -12.84
N GLY E 40 -1.70 26.26 -12.07
CA GLY E 40 -2.85 27.07 -12.44
C GLY E 40 -2.58 28.55 -12.49
N MET E 41 -1.90 29.06 -11.47
CA MET E 41 -1.58 30.48 -11.43
C MET E 41 -0.61 30.88 -12.53
N TYR E 42 0.43 30.08 -12.77
CA TYR E 42 1.40 30.43 -13.81
C TYR E 42 0.79 30.40 -15.21
N LEU E 43 -0.17 29.50 -15.43
CA LEU E 43 -0.81 29.43 -16.74
C LEU E 43 -1.62 30.67 -17.03
N GLU E 44 -2.10 31.36 -16.00
CA GLU E 44 -2.86 32.59 -16.22
C GLU E 44 -1.95 33.67 -16.83
N PHE E 45 -0.65 33.57 -16.59
CA PHE E 45 0.28 34.58 -17.10
C PHE E 45 0.60 34.47 -18.60
N GLN E 46 0.15 33.41 -19.25
CA GLN E 46 0.43 33.21 -20.67
C GLN E 46 -0.34 34.19 -21.55
N TYR E 47 -1.43 34.72 -21.03
CA TYR E 47 -2.26 35.67 -21.78
C TYR E 47 -1.71 37.09 -21.72
N SER E 48 -1.99 37.89 -22.73
CA SER E 48 -1.48 39.27 -22.77
C SER E 48 -1.94 40.04 -21.54
N PHE E 49 -1.01 40.79 -20.95
CA PHE E 49 -1.32 41.55 -19.76
C PHE E 49 -1.75 42.98 -20.07
N GLU E 50 -1.37 43.46 -21.25
CA GLU E 50 -1.68 44.82 -21.71
C GLU E 50 -3.03 45.35 -21.23
N MET E 51 -4.08 44.58 -21.46
CA MET E 51 -5.41 45.00 -21.05
C MET E 51 -6.04 43.96 -20.14
N CYS E 52 -5.22 43.32 -19.32
CA CYS E 52 -5.71 42.31 -18.39
C CYS E 52 -6.50 42.96 -17.25
N LEU E 53 -7.79 42.66 -17.17
CA LEU E 53 -8.63 43.25 -16.12
C LEU E 53 -8.31 42.68 -14.74
N LYS E 54 -7.84 41.43 -14.69
CA LYS E 54 -7.49 40.84 -13.41
C LYS E 54 -6.39 41.70 -12.81
N CYS E 55 -5.50 42.20 -13.68
CA CYS E 55 -4.41 43.07 -13.25
C CYS E 55 -4.86 44.49 -12.90
N ILE E 56 -5.48 45.16 -13.86
CA ILE E 56 -5.91 46.54 -13.63
C ILE E 56 -6.89 46.66 -12.47
N LYS E 57 -7.76 45.67 -12.31
CA LYS E 57 -8.73 45.69 -11.21
C LYS E 57 -8.10 45.20 -9.90
N LYS E 58 -6.84 44.78 -9.98
CA LYS E 58 -6.10 44.30 -8.81
C LYS E 58 -6.93 43.37 -7.92
N GLU E 59 -7.41 42.27 -8.50
CA GLU E 59 -8.24 41.32 -7.77
C GLU E 59 -7.47 40.34 -6.89
N GLN E 60 -6.30 39.88 -7.34
CA GLN E 60 -5.51 38.93 -6.56
C GLN E 60 -4.03 39.28 -6.63
N PRO E 61 -3.42 39.61 -5.48
CA PRO E 61 -1.99 39.96 -5.45
C PRO E 61 -1.11 38.90 -6.12
N SER E 62 -1.42 37.63 -5.86
CA SER E 62 -0.66 36.50 -6.42
C SER E 62 -0.67 36.56 -7.94
N HIS E 63 -1.58 37.37 -8.47
CA HIS E 63 -1.69 37.51 -9.91
C HIS E 63 -1.17 38.85 -10.42
N TYR E 64 -1.82 39.94 -10.03
CA TYR E 64 -1.45 41.25 -10.53
C TYR E 64 -0.04 41.75 -10.23
N LYS E 65 0.57 41.25 -9.17
CA LYS E 65 1.93 41.67 -8.85
C LYS E 65 2.96 40.92 -9.69
N TYR E 66 2.53 39.91 -10.45
CA TYR E 66 3.46 39.10 -11.22
C TYR E 66 3.20 38.87 -12.70
N HIS E 67 1.96 39.02 -13.13
CA HIS E 67 1.58 38.78 -14.53
C HIS E 67 2.52 39.42 -15.55
N GLU E 68 2.72 40.73 -15.45
CA GLU E 68 3.59 41.43 -16.39
C GLU E 68 5.04 40.92 -16.37
N LYS E 69 5.57 40.71 -15.17
CA LYS E 69 6.94 40.23 -15.04
C LYS E 69 7.13 38.82 -15.61
N HIS E 70 6.12 37.98 -15.46
CA HIS E 70 6.21 36.59 -15.93
C HIS E 70 5.57 36.27 -17.26
N TYR E 71 4.94 37.26 -17.89
CA TYR E 71 4.28 37.04 -19.17
C TYR E 71 5.15 36.33 -20.20
N ALA E 72 6.33 36.88 -20.47
CA ALA E 72 7.23 36.28 -21.47
C ALA E 72 7.54 34.80 -21.19
N ASN E 73 7.99 34.52 -19.97
CA ASN E 73 8.32 33.14 -19.58
C ASN E 73 7.08 32.24 -19.60
N ALA E 74 5.94 32.82 -19.22
CA ALA E 74 4.68 32.06 -19.18
C ALA E 74 4.17 31.70 -20.57
N ALA E 75 4.37 32.59 -21.53
CA ALA E 75 3.91 32.31 -22.89
C ALA E 75 4.65 31.09 -23.41
N ILE E 76 5.93 30.97 -23.05
CA ILE E 76 6.77 29.85 -23.46
C ILE E 76 6.37 28.60 -22.66
N PHE E 77 6.16 28.78 -21.36
CA PHE E 77 5.76 27.69 -20.48
C PHE E 77 4.51 27.01 -21.05
N ALA E 78 3.59 27.82 -21.56
CA ALA E 78 2.35 27.32 -22.13
C ALA E 78 2.57 26.33 -23.27
N ASP E 79 3.74 26.40 -23.91
CA ASP E 79 4.08 25.49 -25.00
C ASP E 79 4.97 24.34 -24.54
N SER E 80 5.31 24.32 -23.25
CA SER E 80 6.18 23.28 -22.71
C SER E 80 5.47 21.94 -22.56
N LYS E 81 6.24 20.86 -22.65
CA LYS E 81 5.70 19.51 -22.51
C LYS E 81 6.03 18.97 -21.13
N ASN E 82 6.61 19.82 -20.28
CA ASN E 82 7.02 19.40 -18.93
C ASN E 82 6.50 20.34 -17.86
N GLN E 83 5.30 20.87 -18.03
CA GLN E 83 4.74 21.82 -17.07
C GLN E 83 4.73 21.34 -15.61
N LYS E 84 4.20 20.14 -15.37
CA LYS E 84 4.12 19.63 -14.01
C LYS E 84 5.50 19.46 -13.38
N THR E 85 6.44 18.93 -14.16
CA THR E 85 7.79 18.72 -13.66
C THR E 85 8.47 20.04 -13.28
N ILE E 86 8.21 21.09 -14.05
CA ILE E 86 8.80 22.40 -13.76
C ILE E 86 8.22 22.92 -12.44
N CYS E 87 6.92 22.77 -12.29
CA CYS E 87 6.24 23.21 -11.08
C CYS E 87 6.67 22.42 -9.86
N GLN E 88 7.01 21.14 -10.05
CA GLN E 88 7.44 20.31 -8.94
C GLN E 88 8.79 20.78 -8.41
N GLN E 89 9.71 21.10 -9.30
CA GLN E 89 11.01 21.59 -8.84
C GLN E 89 10.83 22.90 -8.09
N ALA E 90 9.91 23.73 -8.58
CA ALA E 90 9.64 25.02 -7.94
C ALA E 90 9.07 24.80 -6.54
N VAL E 91 8.09 23.90 -6.43
CA VAL E 91 7.47 23.62 -5.15
C VAL E 91 8.48 22.97 -4.19
N ASP E 92 9.35 22.12 -4.71
CA ASP E 92 10.35 21.47 -3.86
C ASP E 92 11.28 22.52 -3.24
N THR E 93 11.53 23.60 -3.98
CA THR E 93 12.39 24.67 -3.51
C THR E 93 11.71 25.39 -2.33
N VAL E 94 10.39 25.61 -2.46
CA VAL E 94 9.65 26.25 -1.39
C VAL E 94 9.67 25.35 -0.14
N LEU E 95 9.49 24.05 -0.35
CA LEU E 95 9.52 23.10 0.76
C LEU E 95 10.93 23.03 1.37
N ALA E 96 11.95 23.16 0.52
CA ALA E 96 13.32 23.13 1.00
C ALA E 96 13.59 24.36 1.88
N LYS E 97 13.11 25.51 1.43
CA LYS E 97 13.28 26.75 2.17
C LYS E 97 12.61 26.63 3.55
N LYS E 98 11.43 26.05 3.59
CA LYS E 98 10.73 25.88 4.87
C LYS E 98 11.49 24.90 5.78
N ARG E 99 12.11 23.89 5.18
CA ARG E 99 12.88 22.91 5.95
C ARG E 99 14.10 23.61 6.56
N VAL E 100 14.79 24.42 5.76
CA VAL E 100 15.95 25.15 6.26
C VAL E 100 15.53 26.08 7.40
N ASP E 101 14.45 26.82 7.19
CA ASP E 101 13.93 27.75 8.21
C ASP E 101 13.55 27.06 9.51
N SER E 102 12.92 25.90 9.42
CA SER E 102 12.51 25.18 10.63
C SER E 102 13.71 24.75 11.47
N LEU E 103 14.84 24.47 10.80
CA LEU E 103 16.03 24.02 11.50
C LEU E 103 17.02 25.12 11.89
N GLN E 104 16.97 26.26 11.20
CA GLN E 104 17.93 27.31 11.50
C GLN E 104 17.42 28.62 12.12
N LEU E 105 16.13 28.93 11.96
CA LEU E 105 15.61 30.17 12.54
C LEU E 105 15.22 29.93 14.00
N THR E 106 15.19 30.99 14.80
CA THR E 106 14.75 30.83 16.18
C THR E 106 13.24 30.77 16.04
N ARG E 107 12.53 30.26 17.05
CA ARG E 107 11.08 30.19 16.94
C ARG E 107 10.48 31.58 16.92
N GLU E 108 11.16 32.56 17.54
CA GLU E 108 10.59 33.91 17.50
C GLU E 108 10.68 34.46 16.09
N GLN E 109 11.76 34.17 15.39
CA GLN E 109 11.91 34.65 14.01
C GLN E 109 10.85 34.01 13.12
N MET E 110 10.52 32.75 13.39
CA MET E 110 9.50 32.05 12.62
C MET E 110 8.16 32.78 12.80
N LEU E 111 7.81 33.07 14.04
CA LEU E 111 6.56 33.78 14.36
C LEU E 111 6.58 35.17 13.72
N THR E 112 7.72 35.83 13.82
CA THR E 112 7.86 37.16 13.25
C THR E 112 7.63 37.09 11.73
N ASN E 113 8.19 36.09 11.08
CA ASN E 113 7.99 35.95 9.63
C ASN E 113 6.50 35.77 9.33
N ARG E 114 5.82 34.99 10.16
CA ARG E 114 4.38 34.76 9.97
C ARG E 114 3.63 36.08 10.15
N PHE E 115 3.92 36.81 11.22
CA PHE E 115 3.26 38.08 11.47
C PHE E 115 3.43 39.03 10.28
N ASN E 116 4.63 39.06 9.70
CA ASN E 116 4.86 39.92 8.55
C ASN E 116 4.00 39.50 7.35
N ASP E 117 3.80 38.20 7.19
CA ASP E 117 2.96 37.72 6.09
C ASP E 117 1.51 38.12 6.34
N LEU E 118 1.08 38.02 7.59
CA LEU E 118 -0.29 38.40 7.93
C LEU E 118 -0.46 39.90 7.73
N LEU E 119 0.56 40.67 8.13
CA LEU E 119 0.49 42.12 7.98
C LEU E 119 0.44 42.50 6.50
N ASP E 120 1.10 41.72 5.65
CA ASP E 120 1.09 41.97 4.22
C ASP E 120 -0.32 41.83 3.71
N ARG E 121 -1.02 40.79 4.19
CA ARG E 121 -2.40 40.55 3.78
C ARG E 121 -3.28 41.66 4.33
N MET E 122 -2.94 42.13 5.53
CA MET E 122 -3.73 43.19 6.14
C MET E 122 -3.59 44.50 5.37
N ASP E 123 -2.39 44.78 4.85
CA ASP E 123 -2.19 46.02 4.09
C ASP E 123 -3.14 46.06 2.90
N ILE E 124 -3.32 44.91 2.25
CA ILE E 124 -4.19 44.79 1.09
C ILE E 124 -5.68 44.80 1.47
N MET E 125 -6.07 43.89 2.38
CA MET E 125 -7.46 43.79 2.84
C MET E 125 -8.07 45.13 3.21
N PHE E 126 -7.33 45.88 4.02
CA PHE E 126 -7.81 47.15 4.51
C PHE E 126 -7.29 48.33 3.70
N GLY E 127 -6.76 48.04 2.52
CA GLY E 127 -6.24 49.07 1.64
C GLY E 127 -7.29 49.53 0.64
N SER E 128 -6.95 50.55 -0.15
CA SER E 128 -7.88 51.10 -1.14
C SER E 128 -8.23 50.09 -2.22
N THR E 129 -7.50 48.97 -2.22
CA THR E 129 -7.73 47.92 -3.21
C THR E 129 -8.38 46.70 -2.55
N GLY E 130 -8.39 46.69 -1.22
CA GLY E 130 -8.98 45.57 -0.49
C GLY E 130 -10.49 45.60 -0.42
N SER E 131 -11.07 44.55 0.15
CA SER E 131 -12.52 44.46 0.27
C SER E 131 -12.96 44.31 1.73
N ALA E 132 -12.00 44.32 2.64
CA ALA E 132 -12.31 44.18 4.06
C ALA E 132 -12.58 45.53 4.73
N ASP E 133 -13.51 45.53 5.67
CA ASP E 133 -13.89 46.73 6.41
C ASP E 133 -13.27 46.65 7.81
N ILE E 134 -12.26 47.48 8.06
CA ILE E 134 -11.56 47.48 9.34
C ILE E 134 -12.50 47.58 10.54
N GLU E 135 -13.65 48.23 10.35
CA GLU E 135 -14.63 48.37 11.42
C GLU E 135 -15.22 47.01 11.80
N GLU E 136 -15.54 46.20 10.80
CA GLU E 136 -16.11 44.88 11.05
C GLU E 136 -15.08 43.96 11.71
N TRP E 137 -13.81 44.16 11.38
CA TRP E 137 -12.77 43.34 11.96
C TRP E 137 -12.50 43.73 13.42
N MET E 138 -12.50 45.03 13.72
CA MET E 138 -12.30 45.45 15.10
C MET E 138 -13.48 44.99 15.95
N ALA E 139 -14.64 44.82 15.32
CA ALA E 139 -15.82 44.35 16.05
C ALA E 139 -15.54 42.90 16.46
N GLY E 140 -14.75 42.21 15.65
CA GLY E 140 -14.41 40.82 15.95
C GLY E 140 -13.48 40.78 17.14
N VAL E 141 -12.59 41.76 17.22
CA VAL E 141 -11.65 41.86 18.33
C VAL E 141 -12.46 42.07 19.61
N ALA E 142 -13.45 42.94 19.53
CA ALA E 142 -14.29 43.23 20.69
C ALA E 142 -14.99 41.95 21.19
N TRP E 143 -15.60 41.20 20.27
CA TRP E 143 -16.30 39.98 20.62
C TRP E 143 -15.34 38.97 21.25
N LEU E 144 -14.19 38.76 20.61
CA LEU E 144 -13.20 37.82 21.12
C LEU E 144 -12.71 38.24 22.50
N HIS E 145 -12.59 39.54 22.72
CA HIS E 145 -12.13 40.04 24.01
C HIS E 145 -13.16 39.81 25.12
N CYS E 146 -14.35 39.34 24.76
CA CYS E 146 -15.38 39.05 25.75
C CYS E 146 -15.51 37.54 25.92
N LEU E 147 -14.81 36.78 25.10
CA LEU E 147 -14.87 35.32 25.15
C LEU E 147 -14.21 34.75 26.40
N LEU E 148 -13.09 35.34 26.80
CA LEU E 148 -12.34 34.92 27.98
C LEU E 148 -11.81 36.14 28.73
N PRO E 149 -11.56 35.99 30.05
CA PRO E 149 -11.03 37.08 30.88
C PRO E 149 -9.60 37.40 30.44
N LYS E 150 -9.25 38.68 30.38
CA LYS E 150 -7.90 39.08 29.99
C LYS E 150 -7.45 38.34 28.73
N MET E 151 -8.33 38.33 27.72
CA MET E 151 -8.05 37.64 26.47
C MET E 151 -6.74 38.00 25.78
N ASP E 152 -6.38 39.27 25.74
CA ASP E 152 -5.13 39.63 25.05
C ASP E 152 -3.90 39.03 25.75
N SER E 153 -3.98 38.87 27.06
CA SER E 153 -2.88 38.27 27.83
C SER E 153 -2.89 36.76 27.60
N VAL E 154 -4.08 36.20 27.40
CA VAL E 154 -4.20 34.78 27.15
C VAL E 154 -3.49 34.48 25.83
N VAL E 155 -3.75 35.32 24.82
CA VAL E 155 -3.13 35.12 23.52
C VAL E 155 -1.63 35.35 23.61
N TYR E 156 -1.23 36.38 24.35
CA TYR E 156 0.18 36.69 24.52
C TYR E 156 0.89 35.51 25.20
N ASP E 157 0.31 35.01 26.29
CA ASP E 157 0.92 33.88 26.99
C ASP E 157 0.99 32.64 26.09
N PHE E 158 -0.04 32.46 25.25
CA PHE E 158 -0.03 31.31 24.35
C PHE E 158 1.17 31.42 23.39
N LEU E 159 1.37 32.61 22.84
CA LEU E 159 2.48 32.83 21.91
C LEU E 159 3.81 32.54 22.57
N LYS E 160 3.98 33.02 23.80
CA LYS E 160 5.22 32.78 24.52
C LYS E 160 5.46 31.28 24.71
N CYS E 161 4.41 30.55 25.07
CA CYS E 161 4.51 29.11 25.27
C CYS E 161 4.95 28.42 23.96
N MET E 162 4.34 28.82 22.86
CA MET E 162 4.68 28.24 21.57
C MET E 162 6.11 28.57 21.12
N VAL E 163 6.55 29.79 21.39
CA VAL E 163 7.91 30.17 21.01
C VAL E 163 8.94 29.47 21.90
N TYR E 164 8.72 29.51 23.22
CA TYR E 164 9.66 28.87 24.14
C TYR E 164 9.77 27.36 23.90
N ASN E 165 8.65 26.74 23.55
CA ASN E 165 8.65 25.32 23.23
C ASN E 165 9.38 24.49 24.29
N ILE E 166 8.98 24.66 25.55
CA ILE E 166 9.62 23.96 26.65
C ILE E 166 9.20 22.50 26.78
N PRO E 167 10.17 21.58 26.87
CA PRO E 167 9.85 20.16 26.99
C PRO E 167 8.76 19.91 28.03
N LYS E 168 7.73 19.18 27.61
CA LYS E 168 6.60 18.82 28.46
C LYS E 168 5.78 19.97 29.02
N LYS E 169 5.98 21.17 28.48
CA LYS E 169 5.22 22.35 28.91
C LYS E 169 4.89 23.12 27.63
N ARG E 170 4.42 22.37 26.63
CA ARG E 170 4.13 22.97 25.31
C ARG E 170 2.72 22.83 24.77
N TYR E 171 1.82 22.22 25.53
CA TYR E 171 0.44 22.06 25.06
C TYR E 171 -0.59 22.69 25.99
N TRP E 172 -1.59 23.34 25.38
CA TRP E 172 -2.68 23.96 26.13
C TRP E 172 -3.93 23.15 25.81
N LEU E 173 -4.75 22.90 26.82
CA LEU E 173 -5.97 22.14 26.64
C LEU E 173 -7.21 23.04 26.73
N PHE E 174 -8.02 23.06 25.67
CA PHE E 174 -9.25 23.85 25.65
C PHE E 174 -10.35 22.85 25.95
N LYS E 175 -11.06 23.05 27.06
CA LYS E 175 -12.10 22.12 27.46
C LYS E 175 -13.39 22.84 27.80
N GLY E 176 -14.53 22.24 27.43
CA GLY E 176 -15.81 22.86 27.71
C GLY E 176 -16.94 22.25 26.90
N PRO E 177 -18.19 22.69 27.12
CA PRO E 177 -19.36 22.19 26.41
C PRO E 177 -19.39 22.61 24.95
N ILE E 178 -20.41 22.11 24.25
CA ILE E 178 -20.62 22.43 22.84
C ILE E 178 -20.86 23.94 22.68
N ASP E 179 -20.29 24.50 21.63
CA ASP E 179 -20.45 25.93 21.33
C ASP E 179 -20.04 26.86 22.46
N SER E 180 -18.86 26.63 23.01
CA SER E 180 -18.34 27.48 24.07
C SER E 180 -17.16 28.32 23.57
N GLY E 181 -16.76 28.10 22.31
CA GLY E 181 -15.68 28.89 21.72
C GLY E 181 -14.31 28.27 21.55
N LYS E 182 -14.20 26.97 21.87
CA LYS E 182 -12.94 26.28 21.77
C LYS E 182 -12.34 26.29 20.37
N THR E 183 -13.12 25.82 19.39
CA THR E 183 -12.68 25.77 18.01
C THR E 183 -12.46 27.16 17.46
N THR E 184 -13.34 28.08 17.83
CA THR E 184 -13.23 29.46 17.37
C THR E 184 -11.86 30.04 17.71
N LEU E 185 -11.47 29.93 18.97
CA LEU E 185 -10.18 30.46 19.40
C LEU E 185 -9.01 29.64 18.87
N ALA E 186 -9.15 28.33 18.85
CA ALA E 186 -8.07 27.47 18.38
C ALA E 186 -7.80 27.71 16.88
N ALA E 187 -8.86 27.92 16.12
CA ALA E 187 -8.73 28.16 14.69
C ALA E 187 -8.02 29.50 14.47
N ALA E 188 -8.34 30.49 15.29
CA ALA E 188 -7.72 31.79 15.16
C ALA E 188 -6.23 31.73 15.55
N LEU E 189 -5.92 31.00 16.61
CA LEU E 189 -4.54 30.87 17.06
C LEU E 189 -3.72 30.10 16.03
N LEU E 190 -4.35 29.11 15.41
CA LEU E 190 -3.70 28.30 14.38
C LEU E 190 -3.30 29.18 13.20
N GLU E 191 -4.22 30.04 12.74
CA GLU E 191 -3.91 30.92 11.61
C GLU E 191 -2.90 32.01 12.03
N LEU E 192 -3.00 32.48 13.27
CA LEU E 192 -2.09 33.51 13.76
C LEU E 192 -0.65 33.02 13.72
N CYS E 193 -0.43 31.77 14.12
CA CYS E 193 0.92 31.21 14.16
C CYS E 193 1.34 30.35 12.97
N GLY E 194 0.36 29.82 12.24
CA GLY E 194 0.68 28.95 11.12
C GLY E 194 0.78 27.56 11.72
N GLY E 195 0.25 26.56 11.04
CA GLY E 195 0.31 25.20 11.56
C GLY E 195 -0.75 24.34 10.89
N LYS E 196 -1.06 23.20 11.50
CA LYS E 196 -2.06 22.30 10.94
C LYS E 196 -3.00 21.76 12.02
N ALA E 197 -4.23 21.46 11.63
CA ALA E 197 -5.22 20.89 12.54
C ALA E 197 -5.24 19.39 12.25
N LEU E 198 -5.05 18.57 13.28
CA LEU E 198 -5.01 17.13 13.11
C LEU E 198 -6.21 16.42 13.74
N ASN E 199 -6.68 15.35 13.08
CA ASN E 199 -7.81 14.58 13.58
C ASN E 199 -7.30 13.20 14.02
N VAL E 200 -7.27 12.96 15.33
CA VAL E 200 -6.81 11.66 15.83
C VAL E 200 -7.97 10.81 16.35
N ASN E 201 -9.18 11.09 15.85
CA ASN E 201 -10.36 10.32 16.25
C ASN E 201 -10.54 9.14 15.31
N LEU E 202 -9.92 9.23 14.14
CA LEU E 202 -9.99 8.17 13.15
C LEU E 202 -9.06 7.01 13.53
N PRO E 203 -9.28 5.83 12.91
CA PRO E 203 -8.45 4.64 13.19
C PRO E 203 -6.96 4.91 13.18
N LEU E 204 -6.20 4.04 13.83
CA LEU E 204 -4.76 4.17 13.93
C LEU E 204 -4.04 3.83 12.62
N ASP E 205 -4.75 3.16 11.72
CA ASP E 205 -4.17 2.77 10.43
C ASP E 205 -3.49 3.95 9.77
N ARG E 206 -4.27 4.98 9.45
CA ARG E 206 -3.75 6.18 8.80
C ARG E 206 -3.41 7.26 9.82
N LEU E 207 -3.17 6.83 11.06
CA LEU E 207 -2.81 7.75 12.13
C LEU E 207 -1.48 8.41 11.83
N ASN E 208 -0.51 7.61 11.37
CA ASN E 208 0.81 8.13 11.04
C ASN E 208 0.73 9.09 9.85
N PHE E 209 -0.19 8.83 8.94
CA PHE E 209 -0.37 9.68 7.76
C PHE E 209 -0.80 11.08 8.22
N GLU E 210 -1.76 11.11 9.14
CA GLU E 210 -2.26 12.37 9.66
C GLU E 210 -1.15 13.08 10.42
N LEU E 211 -0.43 12.33 11.26
CA LEU E 211 0.65 12.93 12.04
C LEU E 211 1.76 13.47 11.15
N GLY E 212 1.93 12.90 9.97
CA GLY E 212 2.97 13.36 9.06
C GLY E 212 2.71 14.78 8.57
N VAL E 213 1.45 15.21 8.69
CA VAL E 213 1.05 16.54 8.28
C VAL E 213 1.77 17.60 9.14
N ALA E 214 2.17 17.21 10.33
CA ALA E 214 2.85 18.13 11.24
C ALA E 214 4.29 18.46 10.85
N ILE E 215 4.83 17.76 9.84
CA ILE E 215 6.21 18.02 9.41
C ILE E 215 6.46 19.50 9.08
N ASP E 216 7.50 20.05 9.71
CA ASP E 216 7.92 21.46 9.55
C ASP E 216 6.87 22.50 9.96
N GLN E 217 5.85 22.10 10.72
CA GLN E 217 4.82 23.05 11.15
C GLN E 217 5.20 23.72 12.47
N PHE E 218 4.81 24.99 12.63
CA PHE E 218 5.11 25.74 13.86
C PHE E 218 4.34 25.17 15.04
N LEU E 219 3.08 24.84 14.83
CA LEU E 219 2.26 24.26 15.88
C LEU E 219 1.16 23.39 15.29
N VAL E 220 0.51 22.59 16.12
CA VAL E 220 -0.58 21.75 15.67
C VAL E 220 -1.75 21.81 16.65
N VAL E 221 -2.95 21.63 16.13
CA VAL E 221 -4.14 21.63 16.96
C VAL E 221 -4.83 20.27 16.80
N PHE E 222 -4.98 19.55 17.91
CA PHE E 222 -5.68 18.27 17.87
C PHE E 222 -7.12 18.67 18.18
N GLU E 223 -7.94 18.73 17.13
CA GLU E 223 -9.33 19.15 17.27
C GLU E 223 -10.36 18.13 17.72
N ASP E 224 -11.22 18.56 18.64
CA ASP E 224 -12.32 17.74 19.15
C ASP E 224 -11.95 16.29 19.45
N VAL E 225 -11.02 16.10 20.36
CA VAL E 225 -10.56 14.76 20.73
C VAL E 225 -11.60 14.06 21.59
N LYS E 226 -12.07 12.91 21.10
CA LYS E 226 -13.08 12.11 21.78
C LYS E 226 -12.49 11.17 22.82
N GLY E 227 -13.15 11.09 23.97
CA GLY E 227 -12.71 10.21 25.03
C GLY E 227 -13.76 9.19 25.40
N THR E 228 -13.77 8.79 26.67
CA THR E 228 -14.75 7.83 27.15
C THR E 228 -15.29 8.28 28.50
N GLY E 229 -16.19 7.47 29.07
CA GLY E 229 -16.76 7.82 30.36
C GLY E 229 -17.48 9.15 30.34
N GLY E 230 -18.24 9.39 29.27
CA GLY E 230 -18.97 10.64 29.16
C GLY E 230 -20.43 10.43 28.83
N GLU E 231 -20.92 9.23 29.08
CA GLU E 231 -22.31 8.87 28.82
C GLU E 231 -23.25 9.72 29.68
N SER E 232 -22.79 10.08 30.87
CA SER E 232 -23.59 10.90 31.78
C SER E 232 -23.74 12.31 31.21
N ARG E 233 -22.79 12.70 30.36
CA ARG E 233 -22.79 14.01 29.74
C ARG E 233 -23.39 13.92 28.34
N ASP E 234 -23.84 12.71 27.98
CA ASP E 234 -24.42 12.47 26.66
C ASP E 234 -23.36 12.70 25.59
N LEU E 235 -22.13 12.29 25.90
CA LEU E 235 -21.01 12.45 24.98
C LEU E 235 -20.59 11.09 24.41
N PRO E 236 -20.63 10.94 23.08
CA PRO E 236 -20.24 9.69 22.42
C PRO E 236 -18.81 9.30 22.72
N SER E 237 -18.55 8.00 22.88
CA SER E 237 -17.20 7.55 23.17
C SER E 237 -16.35 7.51 21.91
N GLY E 238 -15.04 7.59 22.10
CA GLY E 238 -14.12 7.55 20.98
C GLY E 238 -12.74 7.17 21.48
N GLN E 239 -11.79 7.03 20.56
CA GLN E 239 -10.44 6.65 20.90
C GLN E 239 -9.43 7.79 20.85
N GLY E 240 -9.91 8.99 20.56
CA GLY E 240 -9.03 10.15 20.47
C GLY E 240 -8.09 10.32 21.65
N ILE E 241 -8.64 10.31 22.86
CA ILE E 241 -7.83 10.46 24.06
C ILE E 241 -6.85 9.31 24.22
N ASN E 242 -7.33 8.09 23.98
CA ASN E 242 -6.49 6.91 24.07
C ASN E 242 -5.34 7.05 23.08
N ASN E 243 -5.65 7.54 21.88
CA ASN E 243 -4.64 7.74 20.86
C ASN E 243 -3.61 8.78 21.33
N LEU E 244 -4.09 9.87 21.91
CA LEU E 244 -3.18 10.89 22.38
C LEU E 244 -2.28 10.33 23.46
N ASP E 245 -2.85 9.53 24.36
CA ASP E 245 -2.06 8.96 25.43
C ASP E 245 -0.95 8.04 24.90
N ASN E 246 -1.11 7.55 23.68
CA ASN E 246 -0.08 6.69 23.08
C ASN E 246 0.96 7.54 22.35
N LEU E 247 0.80 8.86 22.40
CA LEU E 247 1.72 9.76 21.73
C LEU E 247 2.45 10.70 22.72
N ARG E 248 2.74 10.19 23.90
CA ARG E 248 3.42 10.99 24.92
C ARG E 248 4.73 11.59 24.43
N ASP E 249 5.50 10.84 23.64
CA ASP E 249 6.76 11.37 23.14
C ASP E 249 6.52 12.50 22.15
N TYR E 250 5.36 12.51 21.51
CA TYR E 250 5.02 13.56 20.57
C TYR E 250 4.71 14.83 21.36
N LEU E 251 3.84 14.71 22.36
CA LEU E 251 3.44 15.86 23.16
C LEU E 251 4.57 16.44 24.01
N ASP E 252 5.43 15.58 24.55
CA ASP E 252 6.56 16.01 25.37
C ASP E 252 7.51 16.93 24.63
N GLY E 253 7.87 16.55 23.40
CA GLY E 253 8.80 17.35 22.63
C GLY E 253 10.21 17.29 23.18
N SER E 254 10.57 16.18 23.82
CA SER E 254 11.92 16.00 24.36
C SER E 254 12.79 15.28 23.35
N VAL E 255 12.32 14.13 22.88
CA VAL E 255 13.06 13.37 21.87
C VAL E 255 12.40 13.61 20.52
N LYS E 256 13.15 13.41 19.45
CA LYS E 256 12.60 13.59 18.11
C LYS E 256 11.76 12.36 17.79
N VAL E 257 10.65 12.58 17.09
CA VAL E 257 9.79 11.48 16.71
C VAL E 257 9.93 11.30 15.20
N ASN E 258 9.40 10.21 14.69
CA ASN E 258 9.56 9.91 13.28
C ASN E 258 8.26 10.05 12.50
N LEU E 259 8.17 11.13 11.74
CA LEU E 259 7.00 11.47 10.95
C LEU E 259 7.17 11.08 9.48
N GLU E 260 6.08 10.62 8.86
CA GLU E 260 6.14 10.22 7.47
C GLU E 260 4.96 10.74 6.64
N LYS E 261 5.24 11.00 5.37
CA LYS E 261 4.23 11.48 4.43
C LYS E 261 4.24 10.51 3.25
N LYS E 262 4.30 9.22 3.57
CA LYS E 262 4.35 8.15 2.57
C LYS E 262 5.70 8.17 1.87
N HIS E 263 5.75 7.57 0.68
CA HIS E 263 7.00 7.54 -0.09
C HIS E 263 7.21 8.91 -0.72
N LEU E 264 6.90 9.95 0.05
CA LEU E 264 7.05 11.33 -0.40
C LEU E 264 8.08 12.07 0.44
N ASN E 265 7.75 12.34 1.70
CA ASN E 265 8.65 13.06 2.60
C ASN E 265 8.62 12.50 4.03
N LYS E 266 9.76 12.03 4.50
CA LYS E 266 9.88 11.49 5.85
C LYS E 266 10.80 12.40 6.66
N ARG E 267 10.61 12.43 7.98
CA ARG E 267 11.43 13.29 8.80
C ARG E 267 11.41 13.01 10.31
N THR E 268 12.59 13.00 10.91
CA THR E 268 12.72 12.80 12.34
C THR E 268 12.90 14.19 12.90
N GLN E 269 11.97 14.62 13.76
CA GLN E 269 12.03 15.95 14.34
C GLN E 269 11.24 16.00 15.64
N ILE E 270 11.47 17.06 16.41
CA ILE E 270 10.71 17.23 17.64
C ILE E 270 9.31 17.61 17.13
N PHE E 271 8.27 16.98 17.68
CA PHE E 271 6.91 17.24 17.26
C PHE E 271 6.52 18.67 17.66
N PRO E 272 5.76 19.37 16.80
CA PRO E 272 5.38 20.75 17.15
C PRO E 272 4.52 20.83 18.41
N PRO E 273 4.55 21.98 19.09
CA PRO E 273 3.76 22.16 20.31
C PRO E 273 2.36 22.54 19.83
N GLY E 274 1.42 22.78 20.75
CA GLY E 274 0.10 23.14 20.27
C GLY E 274 -1.09 23.16 21.22
N ILE E 275 -2.24 22.80 20.66
CA ILE E 275 -3.50 22.80 21.38
C ILE E 275 -4.26 21.51 21.20
N VAL E 276 -5.06 21.18 22.22
CA VAL E 276 -5.94 20.03 22.19
C VAL E 276 -7.30 20.62 22.63
N THR E 277 -8.35 20.34 21.86
CA THR E 277 -9.68 20.83 22.25
C THR E 277 -10.57 19.60 22.44
N MET E 278 -11.46 19.65 23.43
CA MET E 278 -12.33 18.51 23.70
C MET E 278 -13.55 18.88 24.54
N ASN E 279 -14.53 17.99 24.54
CA ASN E 279 -15.80 18.14 25.25
C ASN E 279 -15.88 17.76 26.72
N GLU E 280 -14.81 17.91 27.47
CA GLU E 280 -14.92 17.59 28.89
C GLU E 280 -15.11 16.10 29.20
N TYR E 281 -14.26 15.27 28.59
CA TYR E 281 -14.29 13.84 28.86
C TYR E 281 -13.25 13.72 29.96
N SER E 282 -13.05 12.52 30.49
CA SER E 282 -12.05 12.36 31.55
C SER E 282 -10.67 12.32 30.87
N VAL E 283 -9.67 12.86 31.54
CA VAL E 283 -8.32 12.88 30.99
C VAL E 283 -7.36 12.15 31.94
N PRO E 284 -6.69 11.09 31.46
CA PRO E 284 -5.75 10.32 32.29
C PRO E 284 -4.65 11.22 32.81
N LYS E 285 -4.20 10.99 34.03
CA LYS E 285 -3.15 11.81 34.61
C LYS E 285 -1.90 11.80 33.73
N THR E 286 -1.66 10.69 33.05
CA THR E 286 -0.49 10.59 32.18
C THR E 286 -0.57 11.63 31.06
N LEU E 287 -1.78 11.83 30.53
CA LEU E 287 -1.97 12.79 29.46
C LEU E 287 -2.01 14.21 30.01
N GLN E 288 -2.72 14.40 31.12
CA GLN E 288 -2.82 15.72 31.75
C GLN E 288 -1.44 16.29 32.06
N ALA E 289 -0.48 15.42 32.37
CA ALA E 289 0.87 15.85 32.70
C ALA E 289 1.57 16.57 31.53
N ARG E 290 1.01 16.42 30.33
CA ARG E 290 1.61 17.05 29.15
C ARG E 290 0.97 18.41 28.85
N PHE E 291 -0.05 18.77 29.61
CA PHE E 291 -0.75 20.05 29.42
C PHE E 291 -0.32 21.07 30.46
N VAL E 292 0.38 22.13 30.02
CA VAL E 292 0.85 23.17 30.93
C VAL E 292 -0.29 24.03 31.41
N LYS E 293 -1.32 24.17 30.59
CA LYS E 293 -2.45 25.00 30.95
C LYS E 293 -3.74 24.44 30.41
N GLN E 294 -4.80 24.60 31.19
CA GLN E 294 -6.12 24.15 30.79
C GLN E 294 -7.05 25.34 30.88
N ILE E 295 -7.74 25.63 29.79
CA ILE E 295 -8.69 26.74 29.77
C ILE E 295 -10.07 26.12 29.62
N ASP E 296 -10.96 26.45 30.57
CA ASP E 296 -12.31 25.94 30.53
C ASP E 296 -13.22 27.00 29.91
N PHE E 297 -13.77 26.69 28.74
CA PHE E 297 -14.64 27.61 28.04
C PHE E 297 -16.08 27.45 28.50
N ARG E 298 -16.82 28.55 28.50
CA ARG E 298 -18.22 28.51 28.93
C ARG E 298 -19.15 29.31 28.02
N PRO E 299 -20.31 28.74 27.70
CA PRO E 299 -21.27 29.43 26.83
C PRO E 299 -21.76 30.69 27.57
N LYS E 300 -21.87 31.79 26.84
CA LYS E 300 -22.36 33.04 27.42
C LYS E 300 -23.52 33.52 26.57
N ASP E 301 -24.66 33.73 27.21
CA ASP E 301 -25.87 34.19 26.53
C ASP E 301 -25.68 35.44 25.69
N TYR E 302 -24.98 36.43 26.22
CA TYR E 302 -24.79 37.67 25.47
C TYR E 302 -23.93 37.51 24.23
N LEU E 303 -22.95 36.61 24.29
CA LEU E 303 -22.08 36.38 23.13
C LEU E 303 -22.93 35.82 22.00
N LYS E 304 -23.82 34.90 22.35
CA LYS E 304 -24.72 34.30 21.40
C LYS E 304 -25.68 35.35 20.85
N HIS E 305 -26.29 36.13 21.74
CA HIS E 305 -27.24 37.17 21.30
C HIS E 305 -26.56 38.20 20.42
N CYS E 306 -25.34 38.59 20.79
CA CYS E 306 -24.60 39.56 19.99
C CYS E 306 -24.42 39.03 18.56
N LEU E 307 -23.93 37.80 18.44
CA LEU E 307 -23.71 37.21 17.12
C LEU E 307 -24.98 37.11 16.28
N GLU E 308 -26.10 36.84 16.92
CA GLU E 308 -27.37 36.73 16.22
C GLU E 308 -27.67 38.06 15.52
N ARG E 309 -27.10 39.13 16.05
CA ARG E 309 -27.33 40.46 15.50
C ARG E 309 -26.07 41.02 14.85
N SER E 310 -25.06 40.17 14.71
CA SER E 310 -23.78 40.56 14.12
C SER E 310 -23.32 39.39 13.26
N GLU E 311 -24.23 38.92 12.40
CA GLU E 311 -23.97 37.79 11.52
C GLU E 311 -22.70 37.88 10.68
N PHE E 312 -22.30 39.09 10.32
CA PHE E 312 -21.10 39.25 9.50
C PHE E 312 -19.85 38.67 10.17
N LEU E 313 -19.85 38.63 11.50
CA LEU E 313 -18.72 38.06 12.24
C LEU E 313 -18.51 36.58 11.91
N LEU E 314 -19.58 35.89 11.56
CA LEU E 314 -19.50 34.49 11.22
C LEU E 314 -19.44 34.30 9.71
N GLU E 315 -20.29 35.04 8.99
CA GLU E 315 -20.34 34.94 7.53
C GLU E 315 -19.00 35.30 6.89
N LYS E 316 -18.30 36.26 7.47
CA LYS E 316 -17.00 36.67 6.94
C LYS E 316 -15.83 36.00 7.68
N ARG E 317 -16.16 35.03 8.54
CA ARG E 317 -15.15 34.29 9.29
C ARG E 317 -14.15 35.20 10.00
N ILE E 318 -14.67 36.19 10.73
CA ILE E 318 -13.83 37.13 11.45
C ILE E 318 -13.41 36.67 12.85
N ILE E 319 -14.34 36.21 13.67
CA ILE E 319 -13.95 35.82 15.02
C ILE E 319 -13.05 34.59 15.11
N GLN E 320 -12.97 33.80 14.04
CA GLN E 320 -12.10 32.63 14.06
C GLN E 320 -10.82 32.92 13.26
N SER E 321 -10.59 34.19 12.95
CA SER E 321 -9.42 34.59 12.16
C SER E 321 -8.17 34.98 12.94
N GLY E 322 -7.02 34.60 12.40
CA GLY E 322 -5.76 34.95 13.03
C GLY E 322 -5.52 36.45 12.91
N ILE E 323 -6.11 37.07 11.89
CA ILE E 323 -5.97 38.50 11.66
C ILE E 323 -6.67 39.28 12.78
N ALA E 324 -7.79 38.75 13.25
CA ALA E 324 -8.53 39.40 14.33
C ALA E 324 -7.64 39.39 15.57
N LEU E 325 -6.98 38.26 15.81
CA LEU E 325 -6.11 38.17 16.97
C LEU E 325 -4.89 39.08 16.83
N LEU E 326 -4.35 39.19 15.62
CA LEU E 326 -3.18 40.05 15.42
C LEU E 326 -3.57 41.50 15.65
N LEU E 327 -4.77 41.87 15.19
CA LEU E 327 -5.28 43.22 15.41
C LEU E 327 -5.45 43.42 16.91
N MET E 328 -5.88 42.37 17.61
CA MET E 328 -6.06 42.48 19.06
C MET E 328 -4.72 42.75 19.75
N LEU E 329 -3.68 42.04 19.32
CA LEU E 329 -2.36 42.24 19.92
C LEU E 329 -1.84 43.64 19.64
N ILE E 330 -2.06 44.12 18.43
CA ILE E 330 -1.63 45.46 18.03
C ILE E 330 -2.33 46.52 18.89
N TRP E 331 -3.61 46.32 19.15
CA TRP E 331 -4.37 47.26 19.95
C TRP E 331 -4.00 47.26 21.43
N TYR E 332 -3.88 46.06 22.01
CA TYR E 332 -3.58 45.93 23.43
C TYR E 332 -2.13 45.90 23.91
N ARG E 333 -1.27 45.22 23.17
CA ARG E 333 0.11 45.05 23.59
C ARG E 333 1.11 46.16 23.30
N PRO E 334 2.06 46.37 24.24
CA PRO E 334 3.10 47.39 24.12
C PRO E 334 4.05 46.98 22.99
N VAL E 335 4.47 47.95 22.18
CA VAL E 335 5.37 47.68 21.07
C VAL E 335 6.59 46.87 21.53
N ALA E 336 7.08 47.18 22.72
CA ALA E 336 8.26 46.51 23.28
C ALA E 336 8.17 45.00 23.31
N GLU E 337 6.96 44.44 23.41
CA GLU E 337 6.82 43.00 23.43
C GLU E 337 7.00 42.33 22.08
N PHE E 338 6.92 43.10 21.00
CA PHE E 338 7.10 42.52 19.67
C PHE E 338 8.57 42.42 19.32
N ALA E 339 8.90 41.61 18.31
CA ALA E 339 10.29 41.45 17.90
C ALA E 339 10.80 42.79 17.40
N GLN E 340 12.05 43.11 17.73
CA GLN E 340 12.67 44.36 17.33
C GLN E 340 12.49 44.69 15.85
N SER E 341 12.70 43.71 14.97
CA SER E 341 12.59 43.93 13.53
C SER E 341 11.20 44.27 13.02
N ILE E 342 10.16 43.97 13.80
CA ILE E 342 8.79 44.24 13.36
C ILE E 342 8.13 45.41 14.08
N GLN E 343 8.75 45.85 15.18
CA GLN E 343 8.21 46.96 15.98
C GLN E 343 7.81 48.21 15.17
N SER E 344 8.65 48.62 14.24
CA SER E 344 8.37 49.78 13.43
C SER E 344 7.06 49.61 12.66
N ARG E 345 6.82 48.40 12.17
CA ARG E 345 5.60 48.13 11.41
C ARG E 345 4.39 48.08 12.35
N ILE E 346 4.61 47.60 13.57
CA ILE E 346 3.54 47.52 14.57
C ILE E 346 3.11 48.94 14.95
N VAL E 347 4.08 49.84 15.04
CA VAL E 347 3.79 51.23 15.37
C VAL E 347 2.89 51.83 14.31
N GLU E 348 3.22 51.58 13.04
CA GLU E 348 2.41 52.09 11.94
C GLU E 348 0.97 51.62 12.07
N TRP E 349 0.79 50.36 12.45
CA TRP E 349 -0.56 49.83 12.59
C TRP E 349 -1.28 50.37 13.82
N LYS E 350 -0.55 50.62 14.90
CA LYS E 350 -1.17 51.17 16.09
C LYS E 350 -1.67 52.58 15.76
N GLU E 351 -0.94 53.28 14.89
CA GLU E 351 -1.34 54.63 14.48
C GLU E 351 -2.59 54.58 13.62
N ARG E 352 -2.63 53.60 12.71
CA ARG E 352 -3.77 53.42 11.82
C ARG E 352 -5.03 53.14 12.65
N LEU E 353 -4.91 52.24 13.62
CA LEU E 353 -6.05 51.88 14.48
C LEU E 353 -6.51 53.06 15.34
N ASP E 354 -5.56 53.76 15.94
CA ASP E 354 -5.88 54.91 16.78
C ASP E 354 -6.61 55.98 15.97
N LYS E 355 -6.27 56.06 14.68
CA LYS E 355 -6.90 57.03 13.78
C LYS E 355 -8.32 56.59 13.45
N GLU E 356 -8.49 55.28 13.27
CA GLU E 356 -9.79 54.70 12.94
C GLU E 356 -10.75 54.61 14.13
N PHE E 357 -10.21 54.32 15.31
CA PHE E 357 -11.05 54.19 16.48
C PHE E 357 -10.52 54.86 17.74
N SER E 358 -11.38 55.63 18.39
CA SER E 358 -11.03 56.29 19.63
C SER E 358 -11.24 55.21 20.68
N LEU E 359 -10.71 55.42 21.88
CA LEU E 359 -10.89 54.43 22.94
C LEU E 359 -12.37 54.15 23.19
N SER E 360 -13.18 55.22 23.24
CA SER E 360 -14.61 55.09 23.50
C SER E 360 -15.35 54.40 22.37
N VAL E 361 -14.96 54.65 21.12
CA VAL E 361 -15.61 54.01 19.98
C VAL E 361 -15.40 52.49 20.02
N TYR E 362 -14.20 52.07 20.43
CA TYR E 362 -13.91 50.64 20.53
C TYR E 362 -14.64 50.08 21.76
N GLN E 363 -14.61 50.82 22.87
CA GLN E 363 -15.28 50.38 24.08
C GLN E 363 -16.78 50.17 23.85
N LYS E 364 -17.37 50.99 22.97
CA LYS E 364 -18.79 50.84 22.67
C LYS E 364 -19.04 49.48 22.04
N MET E 365 -18.09 49.00 21.24
CA MET E 365 -18.24 47.69 20.61
C MET E 365 -18.27 46.62 21.70
N LYS E 366 -17.37 46.73 22.67
CA LYS E 366 -17.33 45.78 23.77
C LYS E 366 -18.61 45.89 24.59
N PHE E 367 -19.11 47.11 24.74
CA PHE E 367 -20.35 47.38 25.48
C PHE E 367 -21.50 46.63 24.79
N ASN E 368 -21.62 46.82 23.48
CA ASN E 368 -22.68 46.15 22.73
C ASN E 368 -22.62 44.63 22.88
N VAL E 369 -21.41 44.07 22.84
CA VAL E 369 -21.28 42.62 22.99
C VAL E 369 -21.79 42.18 24.37
N ALA E 370 -21.29 42.83 25.42
CA ALA E 370 -21.70 42.50 26.78
C ALA E 370 -23.21 42.66 26.98
N MET E 371 -23.82 43.58 26.22
CA MET E 371 -25.26 43.81 26.32
C MET E 371 -26.05 42.83 25.48
N GLY E 372 -25.35 42.04 24.66
CA GLY E 372 -26.01 41.07 23.83
C GLY E 372 -26.70 41.63 22.60
N ILE E 373 -26.23 42.77 22.12
CA ILE E 373 -26.82 43.39 20.94
C ILE E 373 -25.78 43.50 19.81
N GLY E 374 -26.22 43.97 18.64
CA GLY E 374 -25.32 44.11 17.50
C GLY E 374 -24.05 44.85 17.86
N VAL E 375 -22.89 44.29 17.51
CA VAL E 375 -21.61 44.92 17.81
C VAL E 375 -21.45 46.31 17.24
N LEU E 376 -22.00 46.54 16.05
CA LEU E 376 -21.89 47.85 15.42
C LEU E 376 -23.17 48.68 15.57
N ASP E 377 -24.00 48.31 16.54
CA ASP E 377 -25.25 49.02 16.81
C ASP E 377 -25.01 50.24 17.70
N THR F 15 32.71 24.98 -16.70
CA THR F 15 31.83 24.88 -17.91
C THR F 15 30.43 25.39 -17.61
N LYS F 16 29.45 24.87 -18.35
CA LYS F 16 28.06 25.27 -18.18
C LYS F 16 27.29 24.15 -17.48
N GLN F 17 28.02 23.15 -16.99
CA GLN F 17 27.41 22.02 -16.31
C GLN F 17 27.75 21.97 -14.82
N VAL F 18 26.75 21.66 -14.00
CA VAL F 18 26.95 21.58 -12.55
C VAL F 18 27.78 20.37 -12.18
N SER F 19 28.53 20.49 -11.10
CA SER F 19 29.34 19.37 -10.62
C SER F 19 28.53 18.65 -9.56
N TRP F 20 28.09 17.43 -9.87
CA TRP F 20 27.32 16.63 -8.93
C TRP F 20 28.25 16.27 -7.77
N LYS F 21 29.50 16.00 -8.12
CA LYS F 21 30.53 15.61 -7.17
C LYS F 21 30.69 16.66 -6.06
N LEU F 22 30.66 17.93 -6.43
CA LEU F 22 30.80 19.01 -5.45
C LEU F 22 29.62 19.05 -4.49
N VAL F 23 28.42 18.86 -5.02
CA VAL F 23 27.24 18.87 -4.18
C VAL F 23 27.35 17.72 -3.17
N THR F 24 27.78 16.56 -3.66
CA THR F 24 27.96 15.39 -2.82
C THR F 24 29.00 15.69 -1.74
N GLU F 25 30.08 16.35 -2.14
CA GLU F 25 31.15 16.70 -1.21
C GLU F 25 30.60 17.57 -0.08
N TYR F 26 29.74 18.53 -0.43
CA TYR F 26 29.14 19.40 0.57
C TYR F 26 28.26 18.58 1.51
N ALA F 27 27.45 17.69 0.95
CA ALA F 27 26.57 16.86 1.77
C ALA F 27 27.38 15.97 2.71
N MET F 28 28.49 15.44 2.20
CA MET F 28 29.34 14.56 2.99
C MET F 28 29.99 15.32 4.16
N GLU F 29 30.46 16.53 3.89
CA GLU F 29 31.10 17.34 4.91
C GLU F 29 30.13 17.85 5.98
N THR F 30 28.85 17.93 5.63
CA THR F 30 27.84 18.40 6.57
C THR F 30 27.00 17.24 7.09
N LYS F 31 27.35 16.02 6.67
CA LYS F 31 26.62 14.82 7.08
C LYS F 31 25.13 15.04 6.81
N CYS F 32 24.81 15.60 5.65
CA CYS F 32 23.41 15.85 5.33
C CYS F 32 22.75 14.69 4.61
N ASP F 33 21.77 14.07 5.26
CA ASP F 33 21.06 12.95 4.67
C ASP F 33 19.58 13.28 4.46
N ASP F 34 19.29 14.58 4.36
CA ASP F 34 17.95 15.10 4.15
C ASP F 34 17.98 15.79 2.80
N VAL F 35 17.35 15.20 1.78
CA VAL F 35 17.37 15.80 0.45
C VAL F 35 16.84 17.25 0.40
N LEU F 36 15.72 17.52 1.07
CA LEU F 36 15.18 18.88 1.05
C LEU F 36 16.11 19.87 1.75
N LEU F 37 16.67 19.46 2.88
CA LEU F 37 17.59 20.34 3.59
C LEU F 37 18.79 20.63 2.69
N LEU F 38 19.32 19.58 2.04
CA LEU F 38 20.47 19.77 1.15
C LEU F 38 20.10 20.74 0.04
N LEU F 39 18.94 20.52 -0.56
CA LEU F 39 18.49 21.40 -1.62
C LEU F 39 18.40 22.85 -1.12
N GLY F 40 17.76 23.03 0.04
CA GLY F 40 17.62 24.36 0.60
C GLY F 40 18.95 25.02 0.91
N MET F 41 19.86 24.25 1.50
CA MET F 41 21.17 24.77 1.86
C MET F 41 22.03 25.15 0.66
N TYR F 42 22.06 24.29 -0.36
CA TYR F 42 22.88 24.59 -1.54
C TYR F 42 22.34 25.79 -2.32
N LEU F 43 21.01 25.95 -2.34
CA LEU F 43 20.44 27.08 -3.07
C LEU F 43 20.87 28.41 -2.44
N GLU F 44 21.28 28.37 -1.17
CA GLU F 44 21.72 29.60 -0.50
C GLU F 44 23.07 30.06 -1.03
N PHE F 45 23.85 29.13 -1.58
CA PHE F 45 25.17 29.46 -2.10
C PHE F 45 25.17 30.13 -3.48
N GLN F 46 24.01 30.19 -4.14
CA GLN F 46 23.91 30.79 -5.46
C GLN F 46 24.09 32.31 -5.45
N TYR F 47 23.88 32.93 -4.30
CA TYR F 47 24.03 34.38 -4.19
C TYR F 47 25.49 34.75 -3.93
N SER F 48 25.85 35.97 -4.30
CA SER F 48 27.21 36.46 -4.14
C SER F 48 27.75 36.23 -2.73
N PHE F 49 28.96 35.69 -2.65
CA PHE F 49 29.62 35.44 -1.38
C PHE F 49 30.16 36.77 -0.86
N GLU F 50 30.51 37.63 -1.81
CA GLU F 50 31.06 38.95 -1.52
C GLU F 50 30.46 39.63 -0.30
N MET F 51 29.22 40.07 -0.42
CA MET F 51 28.55 40.78 0.67
C MET F 51 27.47 39.93 1.37
N CYS F 52 27.72 38.64 1.49
CA CYS F 52 26.75 37.76 2.13
C CYS F 52 26.68 37.99 3.64
N LEU F 53 25.51 38.38 4.12
CA LEU F 53 25.30 38.63 5.54
C LEU F 53 25.42 37.36 6.38
N LYS F 54 24.91 36.25 5.86
CA LYS F 54 24.96 34.98 6.58
C LYS F 54 26.38 34.57 6.94
N CYS F 55 27.33 34.81 6.03
CA CYS F 55 28.72 34.46 6.26
C CYS F 55 29.42 35.42 7.22
N ILE F 56 29.17 36.72 7.06
CA ILE F 56 29.80 37.70 7.93
C ILE F 56 29.28 37.62 9.36
N LYS F 57 28.01 37.25 9.51
CA LYS F 57 27.41 37.12 10.84
C LYS F 57 27.71 35.76 11.47
N LYS F 58 28.37 34.89 10.72
CA LYS F 58 28.74 33.56 11.20
C LYS F 58 27.60 32.91 11.97
N GLU F 59 26.42 32.85 11.35
CA GLU F 59 25.24 32.26 11.99
C GLU F 59 25.19 30.73 11.93
N GLN F 60 25.46 30.16 10.76
CA GLN F 60 25.41 28.71 10.59
C GLN F 60 26.67 28.18 9.91
N PRO F 61 27.45 27.34 10.62
CA PRO F 61 28.68 26.76 10.08
C PRO F 61 28.43 26.03 8.76
N SER F 62 27.34 25.27 8.71
CA SER F 62 27.01 24.51 7.50
C SER F 62 26.90 25.46 6.32
N HIS F 63 26.78 26.76 6.59
CA HIS F 63 26.70 27.75 5.52
C HIS F 63 27.99 28.53 5.29
N TYR F 64 28.39 29.34 6.28
CA TYR F 64 29.57 30.19 6.12
C TYR F 64 30.91 29.50 5.86
N LYS F 65 31.05 28.25 6.25
CA LYS F 65 32.31 27.55 6.00
C LYS F 65 32.37 26.99 4.58
N TYR F 66 31.28 27.06 3.83
CA TYR F 66 31.26 26.52 2.48
C TYR F 66 30.78 27.44 1.37
N HIS F 67 30.09 28.51 1.73
CA HIS F 67 29.54 29.43 0.73
C HIS F 67 30.55 29.84 -0.35
N GLU F 68 31.71 30.31 0.08
CA GLU F 68 32.73 30.75 -0.87
C GLU F 68 33.15 29.66 -1.85
N LYS F 69 33.49 28.48 -1.34
CA LYS F 69 33.92 27.37 -2.19
C LYS F 69 32.85 26.89 -3.17
N HIS F 70 31.60 26.85 -2.72
CA HIS F 70 30.52 26.37 -3.57
C HIS F 70 29.74 27.41 -4.36
N TYR F 71 30.08 28.68 -4.17
CA TYR F 71 29.40 29.75 -4.89
C TYR F 71 29.29 29.51 -6.39
N ALA F 72 30.42 29.26 -7.05
CA ALA F 72 30.42 29.04 -8.49
C ALA F 72 29.51 27.89 -8.93
N ASN F 73 29.66 26.73 -8.30
CA ASN F 73 28.85 25.56 -8.64
C ASN F 73 27.37 25.79 -8.33
N ALA F 74 27.08 26.44 -7.21
CA ALA F 74 25.71 26.71 -6.81
C ALA F 74 24.99 27.64 -7.80
N ALA F 75 25.74 28.57 -8.37
CA ALA F 75 25.18 29.52 -9.33
C ALA F 75 24.68 28.75 -10.55
N ILE F 76 25.40 27.70 -10.92
CA ILE F 76 25.05 26.86 -12.06
C ILE F 76 23.91 25.93 -11.64
N PHE F 77 23.99 25.44 -10.41
CA PHE F 77 23.00 24.53 -9.84
C PHE F 77 21.64 25.22 -9.86
N ALA F 78 21.62 26.52 -9.58
CA ALA F 78 20.39 27.30 -9.57
C ALA F 78 19.66 27.30 -10.91
N ASP F 79 20.38 27.03 -11.99
CA ASP F 79 19.79 27.00 -13.32
C ASP F 79 19.50 25.59 -13.81
N SER F 80 19.88 24.59 -13.02
CA SER F 80 19.66 23.20 -13.41
C SER F 80 18.19 22.77 -13.36
N LYS F 81 17.87 21.74 -14.14
CA LYS F 81 16.51 21.20 -14.20
C LYS F 81 16.45 19.87 -13.45
N ASN F 82 17.56 19.47 -12.85
CA ASN F 82 17.64 18.20 -12.14
C ASN F 82 18.12 18.39 -10.71
N GLN F 83 17.73 19.51 -10.10
CA GLN F 83 18.17 19.80 -8.75
C GLN F 83 17.95 18.68 -7.73
N LYS F 84 16.73 18.17 -7.65
CA LYS F 84 16.43 17.11 -6.69
C LYS F 84 17.18 15.82 -6.98
N THR F 85 17.36 15.48 -8.25
CA THR F 85 18.08 14.26 -8.62
C THR F 85 19.54 14.36 -8.16
N ILE F 86 20.13 15.54 -8.34
CA ILE F 86 21.51 15.78 -7.94
C ILE F 86 21.64 15.62 -6.43
N CYS F 87 20.70 16.21 -5.69
CA CYS F 87 20.73 16.13 -4.25
C CYS F 87 20.50 14.71 -3.75
N GLN F 88 19.68 13.94 -4.47
CA GLN F 88 19.41 12.56 -4.08
C GLN F 88 20.66 11.70 -4.16
N GLN F 89 21.46 11.89 -5.21
CA GLN F 89 22.68 11.12 -5.34
C GLN F 89 23.64 11.50 -4.21
N ALA F 90 23.62 12.79 -3.84
CA ALA F 90 24.48 13.26 -2.75
C ALA F 90 24.03 12.61 -1.43
N VAL F 91 22.73 12.66 -1.15
CA VAL F 91 22.23 12.07 0.07
C VAL F 91 22.48 10.56 0.10
N ASP F 92 22.34 9.90 -1.06
CA ASP F 92 22.58 8.46 -1.11
C ASP F 92 24.02 8.16 -0.74
N THR F 93 24.93 9.03 -1.15
CA THR F 93 26.35 8.86 -0.84
C THR F 93 26.55 8.94 0.68
N VAL F 94 25.84 9.87 1.32
CA VAL F 94 25.95 10.04 2.76
C VAL F 94 25.41 8.78 3.46
N LEU F 95 24.28 8.27 2.97
CA LEU F 95 23.68 7.07 3.54
C LEU F 95 24.59 5.85 3.30
N ALA F 96 25.26 5.82 2.15
CA ALA F 96 26.16 4.71 1.83
C ALA F 96 27.32 4.69 2.82
N LYS F 97 27.88 5.88 3.09
CA LYS F 97 28.98 6.01 4.03
C LYS F 97 28.53 5.53 5.42
N LYS F 98 27.32 5.91 5.80
CA LYS F 98 26.78 5.51 7.09
C LYS F 98 26.68 3.98 7.15
N ARG F 99 26.25 3.37 6.05
CA ARG F 99 26.12 1.92 6.00
C ARG F 99 27.48 1.24 6.13
N VAL F 100 28.47 1.75 5.40
CA VAL F 100 29.82 1.20 5.46
C VAL F 100 30.34 1.26 6.89
N ASP F 101 30.23 2.44 7.50
CA ASP F 101 30.70 2.63 8.88
C ASP F 101 30.02 1.69 9.88
N SER F 102 28.72 1.47 9.73
CA SER F 102 27.96 0.60 10.63
C SER F 102 28.48 -0.84 10.59
N LEU F 103 28.96 -1.26 9.42
CA LEU F 103 29.45 -2.62 9.25
C LEU F 103 30.95 -2.79 9.46
N GLN F 104 31.71 -1.71 9.31
CA GLN F 104 33.16 -1.82 9.41
C GLN F 104 33.89 -1.12 10.55
N LEU F 105 33.22 -0.23 11.28
CA LEU F 105 33.89 0.44 12.38
C LEU F 105 33.60 -0.33 13.66
N THR F 106 34.49 -0.24 14.63
CA THR F 106 34.24 -0.91 15.90
C THR F 106 33.21 0.00 16.56
N ARG F 107 32.43 -0.51 17.51
CA ARG F 107 31.44 0.32 18.17
C ARG F 107 32.11 1.48 18.92
N GLU F 108 33.34 1.28 19.39
CA GLU F 108 34.04 2.35 20.09
C GLU F 108 34.34 3.49 19.12
N GLN F 109 34.83 3.14 17.93
CA GLN F 109 35.15 4.16 16.93
C GLN F 109 33.88 4.94 16.59
N MET F 110 32.75 4.26 16.55
CA MET F 110 31.47 4.92 16.24
C MET F 110 31.19 6.00 17.29
N LEU F 111 31.28 5.62 18.55
CA LEU F 111 31.04 6.55 19.65
C LEU F 111 32.04 7.71 19.58
N THR F 112 33.30 7.36 19.32
CA THR F 112 34.35 8.36 19.23
C THR F 112 34.04 9.41 18.16
N ASN F 113 33.58 8.97 16.99
CA ASN F 113 33.25 9.92 15.92
C ASN F 113 32.09 10.81 16.40
N ARG F 114 31.16 10.23 17.14
CA ARG F 114 30.03 10.99 17.66
C ARG F 114 30.52 12.05 18.65
N PHE F 115 31.38 11.65 19.59
CA PHE F 115 31.93 12.58 20.57
C PHE F 115 32.65 13.72 19.89
N ASN F 116 33.44 13.40 18.88
CA ASN F 116 34.16 14.43 18.14
C ASN F 116 33.19 15.41 17.49
N ASP F 117 32.05 14.91 17.01
CA ASP F 117 31.06 15.80 16.39
C ASP F 117 30.47 16.73 17.44
N LEU F 118 30.19 16.18 18.63
CA LEU F 118 29.63 17.00 19.71
C LEU F 118 30.64 18.05 20.17
N LEU F 119 31.91 17.65 20.27
CA LEU F 119 32.95 18.57 20.69
C LEU F 119 33.08 19.72 19.68
N ASP F 120 32.87 19.41 18.41
CA ASP F 120 32.93 20.45 17.38
C ASP F 120 31.83 21.45 17.66
N ARG F 121 30.65 20.94 18.02
CA ARG F 121 29.51 21.81 18.32
C ARG F 121 29.81 22.62 19.58
N MET F 122 30.47 22.00 20.55
CA MET F 122 30.81 22.66 21.80
C MET F 122 31.83 23.78 21.58
N ASP F 123 32.78 23.55 20.67
CA ASP F 123 33.81 24.54 20.37
C ASP F 123 33.20 25.85 19.92
N ILE F 124 32.17 25.75 19.08
CA ILE F 124 31.49 26.93 18.57
C ILE F 124 30.53 27.55 19.59
N MET F 125 29.62 26.74 20.13
CA MET F 125 28.64 27.25 21.09
C MET F 125 29.26 27.92 22.31
N PHE F 126 30.44 27.45 22.72
CA PHE F 126 31.12 28.04 23.87
C PHE F 126 32.29 28.92 23.42
N GLY F 127 32.30 29.27 22.13
CA GLY F 127 33.36 30.10 21.61
C GLY F 127 32.94 31.55 21.37
N SER F 128 33.79 32.32 20.72
CA SER F 128 33.54 33.72 20.44
C SER F 128 32.29 34.01 19.60
N THR F 129 31.95 33.11 18.68
CA THR F 129 30.77 33.31 17.84
C THR F 129 29.58 32.51 18.37
N GLY F 130 29.75 31.90 19.53
CA GLY F 130 28.68 31.10 20.12
C GLY F 130 27.71 31.87 20.99
N SER F 131 26.57 31.26 21.27
CA SER F 131 25.54 31.90 22.09
C SER F 131 25.36 31.20 23.42
N ALA F 132 26.07 30.09 23.61
CA ALA F 132 25.96 29.32 24.85
C ALA F 132 26.82 29.85 25.98
N ASP F 133 26.28 29.76 27.20
CA ASP F 133 26.97 30.20 28.41
C ASP F 133 27.43 28.95 29.16
N ILE F 134 28.74 28.69 29.11
CA ILE F 134 29.32 27.52 29.76
C ILE F 134 28.87 27.32 31.20
N GLU F 135 28.64 28.43 31.91
CA GLU F 135 28.21 28.38 33.31
C GLU F 135 26.82 27.75 33.44
N GLU F 136 25.93 28.08 32.51
CA GLU F 136 24.58 27.55 32.53
C GLU F 136 24.56 26.05 32.24
N TRP F 137 25.48 25.60 31.39
CA TRP F 137 25.54 24.20 31.05
C TRP F 137 26.19 23.39 32.17
N MET F 138 27.15 23.99 32.87
CA MET F 138 27.79 23.29 33.97
C MET F 138 26.72 23.13 35.07
N ALA F 139 25.79 24.07 35.12
CA ALA F 139 24.71 24.01 36.09
C ALA F 139 23.83 22.80 35.75
N GLY F 140 23.74 22.50 34.45
CA GLY F 140 22.96 21.36 34.02
C GLY F 140 23.60 20.07 34.48
N VAL F 141 24.93 20.03 34.40
CA VAL F 141 25.69 18.88 34.85
C VAL F 141 25.39 18.68 36.34
N ALA F 142 25.40 19.78 37.09
CA ALA F 142 25.13 19.74 38.53
C ALA F 142 23.75 19.16 38.82
N TRP F 143 22.72 19.66 38.13
CA TRP F 143 21.35 19.18 38.34
C TRP F 143 21.26 17.69 38.00
N LEU F 144 21.83 17.30 36.86
CA LEU F 144 21.79 15.90 36.43
C LEU F 144 22.54 15.00 37.41
N HIS F 145 23.65 15.50 37.94
CA HIS F 145 24.41 14.69 38.89
C HIS F 145 23.62 14.50 40.19
N CYS F 146 22.50 15.19 40.31
CA CYS F 146 21.65 15.06 41.49
C CYS F 146 20.42 14.21 41.16
N LEU F 147 20.26 13.82 39.91
CA LEU F 147 19.10 13.03 39.49
C LEU F 147 19.16 11.57 39.92
N LEU F 148 20.35 10.99 39.92
CA LEU F 148 20.56 9.60 40.33
C LEU F 148 21.88 9.47 41.07
N PRO F 149 22.02 8.43 41.92
CA PRO F 149 23.26 8.22 42.68
C PRO F 149 24.39 7.91 41.70
N LYS F 150 25.59 8.40 41.98
CA LYS F 150 26.75 8.15 41.12
C LYS F 150 26.39 8.28 39.63
N MET F 151 25.78 9.41 39.28
CA MET F 151 25.35 9.65 37.91
C MET F 151 26.44 9.49 36.84
N ASP F 152 27.63 10.04 37.08
CA ASP F 152 28.69 9.92 36.08
C ASP F 152 29.07 8.46 35.83
N SER F 153 28.92 7.61 36.85
CA SER F 153 29.23 6.20 36.69
C SER F 153 28.10 5.51 35.93
N VAL F 154 26.87 5.97 36.15
CA VAL F 154 25.71 5.43 35.45
C VAL F 154 25.91 5.66 33.95
N VAL F 155 26.23 6.89 33.58
CA VAL F 155 26.44 7.23 32.17
C VAL F 155 27.60 6.41 31.61
N TYR F 156 28.71 6.36 32.34
CA TYR F 156 29.86 5.59 31.89
C TYR F 156 29.50 4.13 31.65
N ASP F 157 28.82 3.50 32.61
CA ASP F 157 28.43 2.11 32.49
C ASP F 157 27.47 1.90 31.31
N PHE F 158 26.62 2.88 31.07
CA PHE F 158 25.67 2.78 29.96
C PHE F 158 26.44 2.74 28.64
N LEU F 159 27.42 3.64 28.49
CA LEU F 159 28.24 3.71 27.29
C LEU F 159 28.95 2.38 27.03
N LYS F 160 29.51 1.80 28.08
CA LYS F 160 30.20 0.53 27.94
C LYS F 160 29.24 -0.57 27.50
N CYS F 161 28.02 -0.55 28.05
CA CYS F 161 27.01 -1.54 27.69
C CYS F 161 26.67 -1.39 26.21
N MET F 162 26.52 -0.13 25.75
CA MET F 162 26.19 0.14 24.36
C MET F 162 27.33 -0.22 23.40
N VAL F 163 28.56 0.06 23.83
CA VAL F 163 29.71 -0.25 22.99
C VAL F 163 29.94 -1.76 22.91
N TYR F 164 29.92 -2.43 24.06
CA TYR F 164 30.12 -3.87 24.08
C TYR F 164 29.03 -4.60 23.31
N ASN F 165 27.80 -4.10 23.38
CA ASN F 165 26.69 -4.67 22.64
C ASN F 165 26.62 -6.20 22.81
N ILE F 166 26.64 -6.65 24.07
CA ILE F 166 26.61 -8.08 24.39
C ILE F 166 25.26 -8.75 24.20
N PRO F 167 25.22 -9.91 23.52
CA PRO F 167 23.95 -10.61 23.31
C PRO F 167 23.12 -10.74 24.59
N LYS F 168 21.88 -10.29 24.51
CA LYS F 168 20.93 -10.35 25.61
C LYS F 168 21.32 -9.57 26.86
N LYS F 169 22.28 -8.66 26.71
CA LYS F 169 22.73 -7.82 27.83
C LYS F 169 22.95 -6.42 27.25
N ARG F 170 21.99 -5.99 26.44
CA ARG F 170 22.07 -4.72 25.71
C ARG F 170 21.05 -3.64 26.03
N TYR F 171 20.04 -3.96 26.83
CA TYR F 171 19.02 -2.97 27.16
C TYR F 171 18.88 -2.62 28.64
N TRP F 172 18.75 -1.32 28.90
CA TRP F 172 18.56 -0.82 30.24
C TRP F 172 17.10 -0.40 30.32
N LEU F 173 16.48 -0.63 31.47
CA LEU F 173 15.08 -0.25 31.66
C LEU F 173 14.98 0.87 32.67
N PHE F 174 14.39 2.00 32.25
CA PHE F 174 14.18 3.16 33.11
C PHE F 174 12.72 3.07 33.53
N LYS F 175 12.48 2.93 34.82
CA LYS F 175 11.11 2.81 35.30
C LYS F 175 10.86 3.75 36.46
N GLY F 176 9.67 4.31 36.52
CA GLY F 176 9.34 5.22 37.59
C GLY F 176 8.07 5.98 37.30
N PRO F 177 7.57 6.77 38.26
CA PRO F 177 6.36 7.57 38.12
C PRO F 177 6.56 8.74 37.17
N ILE F 178 5.47 9.44 36.89
CA ILE F 178 5.47 10.60 36.02
C ILE F 178 6.46 11.66 36.54
N ASP F 179 7.16 12.31 35.62
CA ASP F 179 8.13 13.34 35.97
C ASP F 179 9.19 12.92 37.00
N SER F 180 9.87 11.82 36.72
CA SER F 180 10.92 11.34 37.61
C SER F 180 12.29 11.41 36.94
N GLY F 181 12.31 11.83 35.66
CA GLY F 181 13.57 11.97 34.95
C GLY F 181 13.94 10.93 33.91
N LYS F 182 13.04 9.99 33.64
CA LYS F 182 13.28 8.94 32.67
C LYS F 182 13.58 9.46 31.27
N THR F 183 12.66 10.26 30.75
CA THR F 183 12.81 10.83 29.42
C THR F 183 13.97 11.82 29.38
N THR F 184 14.12 12.61 30.44
CA THR F 184 15.19 13.59 30.51
C THR F 184 16.54 12.91 30.28
N LEU F 185 16.79 11.82 31.00
CA LEU F 185 18.05 11.12 30.87
C LEU F 185 18.17 10.35 29.56
N ALA F 186 17.09 9.69 29.17
CA ALA F 186 17.09 8.91 27.94
C ALA F 186 17.35 9.80 26.73
N ALA F 187 16.74 10.98 26.70
CA ALA F 187 16.94 11.91 25.60
C ALA F 187 18.40 12.39 25.56
N ALA F 188 18.99 12.64 26.73
CA ALA F 188 20.37 13.10 26.79
C ALA F 188 21.32 12.01 26.30
N LEU F 189 21.07 10.77 26.72
CA LEU F 189 21.90 9.64 26.31
C LEU F 189 21.74 9.36 24.81
N LEU F 190 20.53 9.57 24.31
CA LEU F 190 20.25 9.35 22.90
C LEU F 190 21.11 10.31 22.09
N GLU F 191 21.11 11.59 22.51
CA GLU F 191 21.89 12.59 21.81
C GLU F 191 23.40 12.37 22.03
N LEU F 192 23.77 11.93 23.22
CA LEU F 192 25.18 11.67 23.51
C LEU F 192 25.77 10.62 22.57
N CYS F 193 25.01 9.56 22.34
CA CYS F 193 25.47 8.46 21.49
C CYS F 193 25.01 8.47 20.03
N GLY F 194 23.92 9.18 19.76
CA GLY F 194 23.39 9.19 18.41
C GLY F 194 22.46 7.99 18.30
N GLY F 195 21.30 8.16 17.68
CA GLY F 195 20.38 7.05 17.56
C GLY F 195 18.98 7.54 17.27
N LYS F 196 17.98 6.73 17.58
CA LYS F 196 16.59 7.10 17.32
C LYS F 196 15.66 6.68 18.45
N ALA F 197 14.56 7.41 18.61
CA ALA F 197 13.56 7.09 19.62
C ALA F 197 12.40 6.45 18.87
N LEU F 198 11.94 5.30 19.33
CA LEU F 198 10.85 4.62 18.63
C LEU F 198 9.60 4.52 19.49
N ASN F 199 8.44 4.62 18.83
CA ASN F 199 7.16 4.52 19.52
C ASN F 199 6.49 3.21 19.14
N VAL F 200 6.37 2.28 20.09
CA VAL F 200 5.73 1.01 19.80
C VAL F 200 4.36 0.89 20.45
N ASN F 201 3.78 2.02 20.82
CA ASN F 201 2.45 2.03 21.45
C ASN F 201 1.37 2.06 20.37
N LEU F 202 1.77 2.41 19.15
CA LEU F 202 0.83 2.45 18.03
C LEU F 202 0.65 1.06 17.46
N PRO F 203 -0.54 0.76 16.90
CA PRO F 203 -0.85 -0.55 16.33
C PRO F 203 0.31 -1.14 15.54
N LEU F 204 0.42 -2.46 15.57
CA LEU F 204 1.49 -3.17 14.88
C LEU F 204 1.38 -3.11 13.36
N ASP F 205 0.35 -2.44 12.85
CA ASP F 205 0.17 -2.31 11.41
C ASP F 205 1.36 -1.54 10.84
N ARG F 206 1.64 -0.39 11.44
CA ARG F 206 2.76 0.45 11.03
C ARG F 206 3.97 0.19 11.93
N LEU F 207 3.91 -0.89 12.69
CA LEU F 207 4.99 -1.25 13.61
C LEU F 207 6.28 -1.50 12.84
N ASN F 208 6.20 -2.31 11.79
CA ASN F 208 7.36 -2.63 10.98
C ASN F 208 8.01 -1.37 10.41
N PHE F 209 7.21 -0.32 10.22
CA PHE F 209 7.72 0.94 9.68
C PHE F 209 8.52 1.72 10.72
N GLU F 210 8.01 1.78 11.95
CA GLU F 210 8.71 2.47 13.02
C GLU F 210 10.04 1.77 13.28
N LEU F 211 10.00 0.44 13.31
CA LEU F 211 11.21 -0.35 13.55
C LEU F 211 12.26 -0.12 12.48
N GLY F 212 11.83 0.11 11.24
CA GLY F 212 12.76 0.36 10.16
C GLY F 212 13.63 1.58 10.40
N VAL F 213 13.14 2.47 11.26
CA VAL F 213 13.88 3.68 11.58
C VAL F 213 15.22 3.36 12.26
N ALA F 214 15.32 2.18 12.85
CA ALA F 214 16.55 1.78 13.55
C ALA F 214 17.70 1.35 12.65
N ILE F 215 17.44 1.26 11.35
CA ILE F 215 18.46 0.84 10.41
C ILE F 215 19.71 1.70 10.53
N ASP F 216 20.85 1.05 10.73
CA ASP F 216 22.15 1.73 10.85
C ASP F 216 22.31 2.65 12.07
N GLN F 217 21.42 2.55 13.04
CA GLN F 217 21.50 3.40 14.24
C GLN F 217 22.37 2.75 15.31
N PHE F 218 23.06 3.58 16.09
CA PHE F 218 23.95 3.09 17.16
C PHE F 218 23.15 2.48 18.31
N LEU F 219 22.05 3.14 18.68
CA LEU F 219 21.19 2.66 19.75
C LEU F 219 19.77 3.15 19.52
N VAL F 220 18.83 2.57 20.24
CA VAL F 220 17.43 2.93 20.13
C VAL F 220 16.79 3.12 21.50
N VAL F 221 15.85 4.04 21.59
CA VAL F 221 15.13 4.28 22.82
C VAL F 221 13.64 4.03 22.58
N PHE F 222 13.08 3.06 23.30
CA PHE F 222 11.66 2.77 23.18
C PHE F 222 11.07 3.61 24.30
N GLU F 223 10.55 4.78 23.92
CA GLU F 223 9.99 5.72 24.90
C GLU F 223 8.57 5.47 25.38
N ASP F 224 8.40 5.60 26.69
CA ASP F 224 7.12 5.46 27.36
C ASP F 224 6.25 4.32 26.85
N VAL F 225 6.73 3.09 27.02
CA VAL F 225 5.99 1.92 26.59
C VAL F 225 4.92 1.61 27.62
N LYS F 226 3.69 1.48 27.15
CA LYS F 226 2.56 1.20 28.02
C LYS F 226 2.25 -0.29 28.09
N GLY F 227 1.95 -0.77 29.29
CA GLY F 227 1.63 -2.16 29.48
C GLY F 227 0.18 -2.36 29.91
N THR F 228 -0.14 -3.57 30.35
CA THR F 228 -1.49 -3.87 30.81
C THR F 228 -1.54 -3.82 32.33
N GLY F 229 -2.74 -3.79 32.88
CA GLY F 229 -2.89 -3.73 34.32
C GLY F 229 -2.50 -2.35 34.79
N GLY F 230 -1.93 -2.27 35.99
CA GLY F 230 -1.53 -0.97 36.52
C GLY F 230 -2.66 0.03 36.54
N GLU F 231 -3.89 -0.47 36.37
CA GLU F 231 -5.07 0.38 36.39
C GLU F 231 -5.34 0.78 37.84
N SER F 232 -4.46 0.31 38.72
CA SER F 232 -4.56 0.59 40.15
C SER F 232 -3.83 1.90 40.45
N ARG F 233 -2.99 2.32 39.51
CA ARG F 233 -2.23 3.55 39.67
C ARG F 233 -2.59 4.59 38.62
N ASP F 234 -3.85 4.55 38.17
CA ASP F 234 -4.35 5.49 37.18
C ASP F 234 -3.50 5.45 35.90
N LEU F 235 -2.92 4.29 35.62
CA LEU F 235 -2.09 4.12 34.42
C LEU F 235 -2.87 3.47 33.28
N PRO F 236 -3.13 4.22 32.21
CA PRO F 236 -3.88 3.71 31.05
C PRO F 236 -3.14 2.52 30.44
N SER F 237 -3.84 1.42 30.23
CA SER F 237 -3.23 0.23 29.64
C SER F 237 -3.00 0.38 28.14
N GLY F 238 -2.00 -0.34 27.62
CA GLY F 238 -1.68 -0.28 26.21
C GLY F 238 -1.01 -1.56 25.72
N GLN F 239 -0.59 -1.57 24.46
CA GLN F 239 0.06 -2.75 23.87
C GLN F 239 1.59 -2.67 23.74
N GLY F 240 2.17 -1.57 24.18
CA GLY F 240 3.61 -1.39 24.09
C GLY F 240 4.42 -2.57 24.61
N ILE F 241 4.13 -3.01 25.84
CA ILE F 241 4.84 -4.13 26.45
C ILE F 241 4.61 -5.43 25.70
N ASN F 242 3.38 -5.66 25.27
CA ASN F 242 3.09 -6.88 24.51
C ASN F 242 3.88 -6.87 23.22
N ASN F 243 3.99 -5.70 22.60
CA ASN F 243 4.74 -5.61 21.36
C ASN F 243 6.22 -5.90 21.57
N LEU F 244 6.79 -5.40 22.67
CA LEU F 244 8.21 -5.65 22.94
C LEU F 244 8.46 -7.13 23.21
N ASP F 245 7.51 -7.79 23.86
CA ASP F 245 7.67 -9.21 24.16
C ASP F 245 7.58 -10.05 22.89
N ASN F 246 7.09 -9.44 21.80
CA ASN F 246 6.99 -10.14 20.52
C ASN F 246 8.25 -9.86 19.69
N LEU F 247 9.10 -8.97 20.21
CA LEU F 247 10.33 -8.58 19.53
C LEU F 247 11.56 -9.06 20.29
N ARG F 248 11.47 -10.24 20.88
CA ARG F 248 12.59 -10.79 21.64
C ARG F 248 13.87 -10.89 20.83
N ASP F 249 13.77 -11.30 19.57
CA ASP F 249 14.97 -11.41 18.74
C ASP F 249 15.60 -10.05 18.42
N TYR F 250 14.80 -8.99 18.58
CA TYR F 250 15.29 -7.64 18.35
C TYR F 250 16.11 -7.20 19.58
N LEU F 251 15.55 -7.36 20.77
CA LEU F 251 16.24 -6.96 22.00
C LEU F 251 17.48 -7.82 22.30
N ASP F 252 17.40 -9.11 21.99
CA ASP F 252 18.53 -10.03 22.23
C ASP F 252 19.78 -9.64 21.46
N GLY F 253 19.62 -9.28 20.19
CA GLY F 253 20.76 -8.91 19.37
C GLY F 253 21.70 -10.08 19.08
N SER F 254 21.15 -11.31 19.03
CA SER F 254 21.96 -12.49 18.73
C SER F 254 21.89 -12.83 17.25
N VAL F 255 20.67 -12.83 16.71
CA VAL F 255 20.48 -13.10 15.28
C VAL F 255 20.09 -11.79 14.61
N LYS F 256 20.38 -11.67 13.33
CA LYS F 256 20.04 -10.48 12.59
C LYS F 256 18.53 -10.50 12.35
N VAL F 257 17.92 -9.33 12.39
CA VAL F 257 16.48 -9.22 12.17
C VAL F 257 16.31 -8.49 10.85
N ASN F 258 15.09 -8.50 10.32
CA ASN F 258 14.84 -7.90 9.02
C ASN F 258 14.04 -6.60 9.08
N LEU F 259 14.75 -5.49 8.90
CA LEU F 259 14.13 -4.18 9.00
C LEU F 259 13.68 -3.63 7.64
N GLU F 260 12.43 -3.18 7.61
CA GLU F 260 11.82 -2.65 6.39
C GLU F 260 11.87 -1.13 6.34
N LYS F 261 12.09 -0.59 5.15
CA LYS F 261 12.17 0.84 4.96
C LYS F 261 11.73 1.21 3.54
N LYS F 262 10.50 1.72 3.42
CA LYS F 262 9.94 2.13 2.13
C LYS F 262 9.42 0.95 1.30
N HIS F 263 8.39 0.28 1.82
CA HIS F 263 7.77 -0.87 1.15
C HIS F 263 8.67 -2.05 0.85
N LEU F 264 9.79 -2.17 1.57
CA LEU F 264 10.70 -3.29 1.35
C LEU F 264 11.75 -3.43 2.45
N ASN F 265 12.00 -4.67 2.87
CA ASN F 265 12.99 -4.94 3.91
C ASN F 265 14.35 -4.54 3.36
N LYS F 266 14.74 -3.29 3.58
CA LYS F 266 16.00 -2.76 3.09
C LYS F 266 17.23 -3.20 3.87
N ARG F 267 17.06 -3.93 4.97
CA ARG F 267 18.23 -4.33 5.73
C ARG F 267 18.08 -5.38 6.82
N THR F 268 18.93 -6.41 6.74
CA THR F 268 18.96 -7.48 7.73
C THR F 268 20.20 -7.18 8.57
N GLN F 269 20.00 -6.94 9.86
CA GLN F 269 21.10 -6.59 10.75
C GLN F 269 20.76 -6.91 12.19
N ILE F 270 21.77 -6.84 13.06
CA ILE F 270 21.57 -7.05 14.49
C ILE F 270 20.84 -5.77 14.91
N PHE F 271 19.70 -5.90 15.60
CA PHE F 271 18.97 -4.70 16.01
C PHE F 271 19.85 -3.95 17.02
N PRO F 272 19.85 -2.61 16.98
CA PRO F 272 20.70 -1.92 17.95
C PRO F 272 20.24 -2.06 19.39
N PRO F 273 21.17 -1.89 20.35
CA PRO F 273 20.90 -1.98 21.78
C PRO F 273 20.24 -0.67 22.18
N GLY F 274 19.95 -0.49 23.46
CA GLY F 274 19.34 0.76 23.86
C GLY F 274 18.65 0.82 25.20
N ILE F 275 17.57 1.60 25.22
CA ILE F 275 16.79 1.85 26.44
C ILE F 275 15.29 1.68 26.21
N VAL F 276 14.59 1.38 27.30
CA VAL F 276 13.14 1.26 27.30
C VAL F 276 12.72 2.10 28.50
N THR F 277 11.80 3.04 28.32
CA THR F 277 11.33 3.84 29.44
C THR F 277 9.86 3.52 29.63
N MET F 278 9.40 3.48 30.88
CA MET F 278 8.01 3.17 31.15
C MET F 278 7.59 3.54 32.57
N ASN F 279 6.28 3.62 32.77
CA ASN F 279 5.73 3.90 34.07
C ASN F 279 5.73 2.56 34.79
N GLU F 280 5.15 2.53 35.98
CA GLU F 280 5.15 1.31 36.77
C GLU F 280 4.16 0.21 36.37
N TYR F 281 4.35 -0.31 35.15
CA TYR F 281 3.50 -1.41 34.66
C TYR F 281 4.27 -2.68 34.96
N SER F 282 3.58 -3.81 34.95
CA SER F 282 4.24 -5.09 35.21
C SER F 282 5.00 -5.53 33.95
N VAL F 283 6.15 -6.17 34.16
CA VAL F 283 6.96 -6.65 33.04
C VAL F 283 7.06 -8.18 33.07
N PRO F 284 6.68 -8.86 31.98
CA PRO F 284 6.73 -10.32 31.89
C PRO F 284 8.18 -10.76 32.10
N LYS F 285 8.38 -11.90 32.74
CA LYS F 285 9.74 -12.36 32.99
C LYS F 285 10.51 -12.59 31.69
N THR F 286 9.82 -12.98 30.62
CA THR F 286 10.49 -13.19 29.35
C THR F 286 11.10 -11.88 28.84
N LEU F 287 10.40 -10.78 29.06
CA LEU F 287 10.89 -9.47 28.64
C LEU F 287 11.93 -8.92 29.62
N GLN F 288 11.72 -9.17 30.91
CA GLN F 288 12.65 -8.68 31.93
C GLN F 288 14.03 -9.27 31.69
N ALA F 289 14.06 -10.46 31.08
CA ALA F 289 15.30 -11.17 30.79
C ALA F 289 16.18 -10.48 29.74
N ARG F 290 15.63 -9.53 29.00
CA ARG F 290 16.40 -8.81 27.97
C ARG F 290 16.99 -7.53 28.56
N PHE F 291 16.57 -7.21 29.78
CA PHE F 291 17.03 -6.01 30.48
C PHE F 291 18.15 -6.33 31.47
N VAL F 292 19.40 -5.95 31.15
CA VAL F 292 20.51 -6.22 32.06
C VAL F 292 20.52 -5.32 33.27
N LYS F 293 19.93 -4.15 33.12
CA LYS F 293 19.89 -3.22 34.24
C LYS F 293 18.59 -2.46 34.25
N GLN F 294 18.04 -2.29 35.46
CA GLN F 294 16.81 -1.53 35.62
C GLN F 294 17.10 -0.41 36.61
N ILE F 295 16.83 0.82 36.18
CA ILE F 295 17.02 1.97 37.02
C ILE F 295 15.65 2.52 37.40
N ASP F 296 15.42 2.65 38.70
CA ASP F 296 14.16 3.16 39.21
C ASP F 296 14.33 4.64 39.51
N PHE F 297 13.57 5.47 38.79
CA PHE F 297 13.65 6.91 38.99
C PHE F 297 12.62 7.35 40.02
N ARG F 298 12.95 8.38 40.78
CA ARG F 298 12.04 8.88 41.79
C ARG F 298 11.98 10.40 41.80
N PRO F 299 10.76 10.96 41.90
CA PRO F 299 10.59 12.40 41.94
C PRO F 299 11.25 12.95 43.20
N LYS F 300 11.83 14.14 43.11
CA LYS F 300 12.46 14.77 44.25
C LYS F 300 12.01 16.22 44.28
N ASP F 301 11.40 16.64 45.38
CA ASP F 301 10.92 18.00 45.53
C ASP F 301 11.98 19.05 45.24
N TYR F 302 13.19 18.85 45.77
CA TYR F 302 14.25 19.82 45.55
C TYR F 302 14.66 19.98 44.09
N LEU F 303 14.60 18.90 43.30
CA LEU F 303 14.96 18.98 41.89
C LEU F 303 13.92 19.85 41.19
N LYS F 304 12.66 19.66 41.57
CA LYS F 304 11.56 20.43 41.01
C LYS F 304 11.69 21.90 41.39
N HIS F 305 11.89 22.17 42.68
CA HIS F 305 12.02 23.53 43.16
C HIS F 305 13.24 24.22 42.55
N CYS F 306 14.33 23.48 42.38
CA CYS F 306 15.51 24.05 41.79
C CYS F 306 15.17 24.57 40.39
N LEU F 307 14.53 23.72 39.58
CA LEU F 307 14.14 24.09 38.22
C LEU F 307 13.24 25.33 38.18
N GLU F 308 12.29 25.41 39.11
CA GLU F 308 11.39 26.55 39.18
C GLU F 308 12.21 27.84 39.31
N ARG F 309 13.40 27.70 39.89
CA ARG F 309 14.28 28.85 40.10
C ARG F 309 15.49 28.83 39.18
N SER F 310 15.45 27.96 38.19
CA SER F 310 16.55 27.84 37.23
C SER F 310 15.95 27.50 35.87
N GLU F 311 14.87 28.19 35.51
CA GLU F 311 14.15 27.98 34.27
C GLU F 311 14.98 27.77 32.99
N PHE F 312 16.15 28.40 32.92
CA PHE F 312 17.00 28.26 31.75
C PHE F 312 17.41 26.81 31.47
N LEU F 313 17.44 25.98 32.51
CA LEU F 313 17.82 24.58 32.32
C LEU F 313 16.81 23.85 31.42
N LEU F 314 15.57 24.31 31.43
CA LEU F 314 14.52 23.70 30.61
C LEU F 314 14.33 24.52 29.33
N GLU F 315 14.25 25.83 29.47
CA GLU F 315 14.06 26.73 28.32
C GLU F 315 15.15 26.55 27.26
N LYS F 316 16.38 26.29 27.71
CA LYS F 316 17.48 26.11 26.77
C LYS F 316 17.77 24.63 26.53
N ARG F 317 16.89 23.76 27.03
CA ARG F 317 17.04 22.31 26.85
C ARG F 317 18.42 21.80 27.24
N ILE F 318 18.89 22.19 28.42
CA ILE F 318 20.19 21.78 28.90
C ILE F 318 20.24 20.44 29.62
N ILE F 319 19.32 20.21 30.56
CA ILE F 319 19.35 18.95 31.29
C ILE F 319 18.97 17.72 30.47
N GLN F 320 18.42 17.92 29.28
CA GLN F 320 18.07 16.80 28.43
C GLN F 320 19.06 16.69 27.28
N SER F 321 20.16 17.44 27.36
CA SER F 321 21.18 17.46 26.31
C SER F 321 22.35 16.50 26.43
N GLY F 322 22.76 15.94 25.29
CA GLY F 322 23.88 15.02 25.27
C GLY F 322 25.16 15.77 25.57
N ILE F 323 25.20 17.07 25.24
CA ILE F 323 26.37 17.88 25.51
C ILE F 323 26.54 18.07 27.04
N ALA F 324 25.44 18.09 27.77
CA ALA F 324 25.52 18.22 29.23
C ALA F 324 26.19 16.96 29.78
N LEU F 325 25.83 15.80 29.24
CA LEU F 325 26.42 14.55 29.71
C LEU F 325 27.89 14.41 29.29
N LEU F 326 28.24 14.95 28.12
CA LEU F 326 29.63 14.87 27.68
C LEU F 326 30.47 15.77 28.58
N LEU F 327 29.90 16.92 28.97
CA LEU F 327 30.60 17.84 29.87
C LEU F 327 30.78 17.15 31.21
N MET F 328 29.79 16.38 31.64
CA MET F 328 29.86 15.66 32.91
C MET F 328 30.98 14.62 32.86
N LEU F 329 31.03 13.85 31.77
CA LEU F 329 32.06 12.84 31.62
C LEU F 329 33.45 13.48 31.63
N ILE F 330 33.57 14.63 30.95
CA ILE F 330 34.83 15.35 30.88
C ILE F 330 35.28 15.80 32.27
N TRP F 331 34.32 16.24 33.07
CA TRP F 331 34.57 16.71 34.42
C TRP F 331 34.88 15.60 35.43
N TYR F 332 34.18 14.47 35.32
CA TYR F 332 34.38 13.36 36.25
C TYR F 332 35.32 12.23 35.88
N ARG F 333 35.33 11.86 34.59
CA ARG F 333 36.12 10.74 34.13
C ARG F 333 37.59 10.93 33.78
N PRO F 334 38.43 9.95 34.17
CA PRO F 334 39.87 9.98 33.91
C PRO F 334 40.12 9.98 32.40
N VAL F 335 41.11 10.73 31.96
CA VAL F 335 41.43 10.82 30.54
C VAL F 335 41.64 9.44 29.92
N ALA F 336 42.20 8.53 30.72
CA ALA F 336 42.49 7.18 30.27
C ALA F 336 41.25 6.38 29.87
N GLU F 337 40.08 6.80 30.34
CA GLU F 337 38.86 6.07 30.01
C GLU F 337 38.37 6.38 28.60
N PHE F 338 38.82 7.48 28.03
CA PHE F 338 38.41 7.86 26.69
C PHE F 338 39.28 7.20 25.64
N ALA F 339 38.71 7.02 24.44
CA ALA F 339 39.44 6.41 23.34
C ALA F 339 40.74 7.17 23.13
N GLN F 340 41.82 6.44 22.87
CA GLN F 340 43.13 7.03 22.67
C GLN F 340 43.13 8.25 21.75
N SER F 341 42.46 8.13 20.61
CA SER F 341 42.42 9.22 19.64
C SER F 341 41.82 10.54 20.08
N ILE F 342 40.88 10.53 21.02
CA ILE F 342 40.25 11.78 21.47
C ILE F 342 40.86 12.34 22.75
N GLN F 343 41.62 11.51 23.46
CA GLN F 343 42.23 11.91 24.71
C GLN F 343 42.84 13.31 24.76
N SER F 344 43.71 13.62 23.80
CA SER F 344 44.33 14.94 23.79
C SER F 344 43.26 16.01 23.72
N ARG F 345 42.20 15.74 22.98
CA ARG F 345 41.12 16.71 22.86
C ARG F 345 40.37 16.81 24.18
N ILE F 346 40.21 15.68 24.86
CA ILE F 346 39.53 15.66 26.16
C ILE F 346 40.32 16.46 27.19
N VAL F 347 41.64 16.31 27.16
CA VAL F 347 42.50 17.03 28.11
C VAL F 347 42.30 18.53 27.97
N GLU F 348 42.23 19.02 26.74
CA GLU F 348 42.03 20.44 26.49
C GLU F 348 40.76 20.91 27.18
N TRP F 349 39.69 20.15 27.03
CA TRP F 349 38.43 20.53 27.66
C TRP F 349 38.49 20.43 29.18
N LYS F 350 39.25 19.47 29.69
CA LYS F 350 39.39 19.34 31.12
C LYS F 350 40.07 20.61 31.63
N GLU F 351 41.07 21.08 30.89
CA GLU F 351 41.79 22.29 31.28
C GLU F 351 40.88 23.51 31.15
N ARG F 352 40.06 23.53 30.10
CA ARG F 352 39.12 24.63 29.89
C ARG F 352 38.11 24.70 31.04
N LEU F 353 37.64 23.54 31.48
CA LEU F 353 36.67 23.47 32.57
C LEU F 353 37.28 23.88 33.90
N ASP F 354 38.47 23.38 34.21
CA ASP F 354 39.13 23.71 35.47
C ASP F 354 39.37 25.20 35.63
N LYS F 355 39.78 25.87 34.55
CA LYS F 355 40.04 27.31 34.65
C LYS F 355 38.75 28.11 34.74
N GLU F 356 37.65 27.53 34.27
CA GLU F 356 36.36 28.19 34.33
C GLU F 356 35.68 27.97 35.67
N PHE F 357 35.85 26.79 36.24
CA PHE F 357 35.22 26.47 37.50
C PHE F 357 36.14 25.76 38.48
N SER F 358 36.19 26.27 39.71
CA SER F 358 36.98 25.66 40.76
C SER F 358 36.07 24.59 41.36
N LEU F 359 36.64 23.62 42.06
CA LEU F 359 35.84 22.56 42.66
C LEU F 359 34.73 23.11 43.56
N SER F 360 35.07 24.10 44.39
CA SER F 360 34.08 24.68 45.29
C SER F 360 32.96 25.40 44.54
N VAL F 361 33.28 25.98 43.39
CA VAL F 361 32.27 26.66 42.58
C VAL F 361 31.24 25.66 42.03
N TYR F 362 31.72 24.51 41.55
CA TYR F 362 30.83 23.48 41.01
C TYR F 362 30.04 22.83 42.15
N GLN F 363 30.72 22.54 43.25
CA GLN F 363 30.08 21.94 44.41
C GLN F 363 28.93 22.82 44.89
N LYS F 364 29.13 24.13 44.79
CA LYS F 364 28.11 25.09 45.21
C LYS F 364 26.85 24.93 44.36
N MET F 365 27.03 24.61 43.08
CA MET F 365 25.90 24.42 42.18
C MET F 365 25.10 23.21 42.62
N LYS F 366 25.80 22.11 42.92
CA LYS F 366 25.13 20.90 43.37
C LYS F 366 24.43 21.14 44.71
N PHE F 367 25.07 21.95 45.55
CA PHE F 367 24.51 22.29 46.86
C PHE F 367 23.17 23.01 46.65
N ASN F 368 23.18 24.03 45.80
CA ASN F 368 21.97 24.79 45.51
C ASN F 368 20.85 23.88 45.01
N VAL F 369 21.20 22.93 44.14
CA VAL F 369 20.20 22.00 43.63
C VAL F 369 19.59 21.22 44.79
N ALA F 370 20.46 20.68 45.63
CA ALA F 370 20.01 19.90 46.80
C ALA F 370 19.12 20.73 47.71
N MET F 371 19.38 22.03 47.78
CA MET F 371 18.59 22.93 48.62
C MET F 371 17.31 23.39 47.94
N GLY F 372 17.15 23.03 46.66
CA GLY F 372 15.97 23.44 45.93
C GLY F 372 15.97 24.92 45.57
N ILE F 373 17.17 25.48 45.42
CA ILE F 373 17.33 26.88 45.09
C ILE F 373 17.93 27.04 43.69
N GLY F 374 17.93 28.26 43.18
CA GLY F 374 18.51 28.52 41.87
C GLY F 374 19.93 28.00 41.83
N VAL F 375 20.22 27.11 40.88
CA VAL F 375 21.54 26.50 40.74
C VAL F 375 22.67 27.49 40.76
N LEU F 376 22.48 28.63 40.11
CA LEU F 376 23.52 29.64 40.06
C LEU F 376 23.34 30.58 41.25
N ASP F 377 24.32 31.45 41.48
CA ASP F 377 24.25 32.38 42.59
C ASP F 377 23.95 31.60 43.88
ZN ZN G . 42.73 1.36 -0.33
MG MG H . 16.15 -17.16 22.63
PG ATP I . 15.07 -17.35 25.73
O1G ATP I . 15.19 -16.89 24.31
O2G ATP I . 14.86 -16.19 26.73
O3G ATP I . 13.87 -18.32 25.80
PB ATP I . 17.18 -19.26 25.18
O1B ATP I . 18.08 -20.14 25.91
O2B ATP I . 17.38 -18.82 23.73
O3B ATP I . 16.32 -18.32 26.15
PA ATP I . 19.58 -17.61 24.63
O1A ATP I . 19.64 -16.14 24.76
O2A ATP I . 20.64 -18.53 24.06
O3A ATP I . 18.52 -18.38 25.57
O5' ATP I . 20.47 -17.57 25.98
C5' ATP I . 21.83 -17.15 25.90
C4' ATP I . 22.40 -16.65 27.21
O4' ATP I . 21.96 -17.41 28.32
C3' ATP I . 23.89 -16.76 27.13
O3' ATP I . 24.40 -15.49 26.75
C2' ATP I . 24.32 -17.26 28.52
O2' ATP I . 24.76 -16.31 29.44
C1' ATP I . 23.09 -18.01 29.00
N9 ATP I . 22.90 -19.49 28.74
C8 ATP I . 22.70 -20.08 27.51
N7 ATP I . 22.57 -21.37 27.70
C5 ATP I . 22.70 -21.70 29.01
C6 ATP I . 22.65 -22.87 29.79
N6 ATP I . 22.40 -24.08 29.34
N1 ATP I . 22.84 -22.78 31.17
C2 ATP I . 23.06 -21.56 31.79
N3 ATP I . 23.10 -20.40 31.05
C4 ATP I . 22.92 -20.47 29.68
ZN ZN J . 28.97 -23.33 -21.45
MG MG K . -0.39 -32.63 3.89
PG ATP L . -0.92 -33.94 6.73
O1G ATP L . -0.66 -32.87 5.70
O2G ATP L . -0.07 -33.79 8.01
O3G ATP L . -2.43 -33.86 7.10
PB ATP L . -1.04 -35.85 4.54
O1B ATP L . -1.10 -37.29 4.36
O2B ATP L . -0.68 -34.84 3.45
O3B ATP L . -0.82 -35.46 6.08
PA ATP L . 1.65 -36.06 3.35
O1A ATP L . 2.79 -35.25 3.83
O2A ATP L . 1.58 -36.93 2.12
O3A ATP L . 0.49 -36.42 4.44
O5' ATP L . 2.45 -37.25 4.07
C5' ATP L . 3.64 -37.74 3.47
C4' ATP L . 4.53 -38.58 4.37
O4' ATP L . 3.79 -39.43 5.23
C3' ATP L . 5.38 -39.43 3.49
O3' ATP L . 6.61 -38.76 3.31
C2' ATP L . 5.46 -40.78 4.24
O2' ATP L . 6.56 -41.00 5.06
C1' ATP L . 4.14 -40.82 4.99
N9 ATP L . 2.87 -41.39 4.37
C8 ATP L . 2.14 -40.82 3.35
N7 ATP L . 1.11 -41.60 3.10
C5 ATP L . 1.10 -42.68 3.90
C6 ATP L . 0.29 -43.81 4.09
N6 ATP L . -0.85 -44.06 3.46
N1 ATP L . 0.63 -44.75 5.06
C2 ATP L . 1.76 -44.59 5.84
N3 ATP L . 2.58 -43.49 5.69
C4 ATP L . 2.25 -42.56 4.73
ZN ZN M . -1.16 -16.59 -39.68
MG MG N . -24.61 -20.45 -7.49
PG ATP O . -25.57 -22.68 -5.45
O1G ATP O . -24.67 -21.65 -6.04
O2G ATP O . -24.81 -23.92 -4.89
O3G ATP O . -26.36 -22.00 -4.31
PB ATP O . -27.30 -22.24 -7.72
O1B ATP O . -28.55 -22.81 -8.22
O2B ATP O . -26.36 -21.35 -8.51
O3B ATP O . -26.78 -23.08 -6.47
PA ATP O . -26.12 -23.57 -10.19
O1A ATP O . -26.84 -22.67 -11.10
O2A ATP O . -24.64 -23.22 -10.09
O3A ATP O . -26.94 -23.46 -8.78
O5' ATP O . -26.38 -25.04 -10.73
C5' ATP O . -25.48 -26.06 -10.43
C4' ATP O . -25.83 -27.37 -11.15
O4' ATP O . -27.01 -28.00 -10.65
C3' ATP O . -26.01 -27.28 -12.65
O3' ATP O . -24.74 -27.34 -13.29
C2' ATP O . -26.95 -28.43 -12.95
O2' ATP O . -26.39 -29.69 -13.16
C1' ATP O . -27.85 -28.42 -11.75
N9 ATP O . -29.09 -27.55 -11.70
C8 ATP O . -29.16 -26.20 -11.92
N7 ATP O . -30.41 -25.83 -11.78
C5 ATP O . -31.20 -26.89 -11.46
C6 ATP O . -32.57 -27.12 -11.18
N6 ATP O . -33.52 -26.20 -11.16
N1 ATP O . -33.00 -28.41 -10.89
C2 ATP O . -32.11 -29.47 -10.85
N3 ATP O . -30.78 -29.27 -11.11
C4 ATP O . -30.34 -28.00 -11.41
ZN ZN P . -17.11 15.22 -36.18
MG MG Q . -32.02 7.02 -0.15
PG ATP R . -34.07 5.10 1.31
O1G ATP R . -32.78 5.50 0.67
O2G ATP R . -34.45 3.62 1.07
O3G ATP R . -33.92 5.34 2.84
PB ATP R . -35.17 7.67 0.50
O1B ATP R . -36.48 8.30 0.52
O2B ATP R . -33.97 8.13 -0.30
O3B ATP R . -35.30 6.13 0.95
PA ATP R . -35.63 7.74 -2.51
O1A ATP R . -35.49 9.22 -2.57
O2A ATP R . -34.42 7.03 -3.09
O3A ATP R . -35.95 7.41 -0.93
O5' ATP R . -36.98 7.40 -3.28
C5' ATP R . -37.01 6.28 -4.13
C4' ATP R . -38.36 6.11 -4.80
O4' ATP R . -39.49 6.12 -3.93
C3' ATP R . -38.64 7.12 -5.89
O3' ATP R . -38.01 6.68 -7.08
C2' ATP R . -40.17 7.18 -5.93
O2' ATP R . -40.83 6.26 -6.75
C1' ATP R . -40.53 6.97 -4.49
N9 ATP R . -40.67 8.14 -3.53
C8 ATP R . -39.72 9.10 -3.25
N7 ATP R . -40.24 9.93 -2.37
C5 ATP R . -41.52 9.58 -2.04
C6 ATP R . -42.56 10.05 -1.18
N6 ATP R . -42.49 11.09 -0.37
N1 ATP R . -43.76 9.36 -1.15
C2 ATP R . -43.98 8.23 -1.91
N3 ATP R . -42.99 7.76 -2.74
C4 ATP R . -41.78 8.42 -2.79
ZN ZN S . -3.10 40.02 -15.42
MG MG T . -15.06 22.37 18.23
PG ATP U . -17.95 22.03 19.78
O1G ATP U . -16.91 21.96 18.71
O2G ATP U . -19.37 21.60 19.30
O3G ATP U . -17.51 21.08 20.92
PB ATP U . -16.68 24.46 20.67
O1B ATP U . -16.96 25.54 21.60
O2B ATP U . -15.61 24.51 19.59
O3B ATP U . -17.94 23.48 20.53
PA ATP U . -17.20 26.58 18.50
O1A ATP U . -15.98 27.35 18.87
O2A ATP U . -17.03 25.83 17.22
O3A ATP U . -17.52 25.64 19.82
O5' ATP U . -18.38 27.63 18.44
C5' ATP U . -19.45 27.39 17.57
C4' ATP U . -20.46 28.53 17.61
O4' ATP U . -21.09 28.73 18.87
C3' ATP U . -19.92 29.88 17.17
O3' ATP U . -19.95 29.96 15.75
C2' ATP U . -20.84 30.86 17.90
O2' ATP U . -22.03 31.19 17.25
C1' ATP U . -21.12 30.14 19.19
N9 ATP U . -20.23 30.31 20.40
C8 ATP U . -18.87 30.04 20.47
N7 ATP U . -18.49 30.32 21.70
C5 ATP U . -19.51 30.76 22.47
C6 ATP U . -19.71 31.19 23.81
N6 ATP U . -18.79 31.24 24.75
N1 ATP U . -20.98 31.60 24.22
C2 ATP U . -22.05 31.58 23.35
N3 ATP U . -21.88 31.16 22.05
C4 ATP U . -20.64 30.76 21.62
ZN ZN V . 27.18 33.24 2.71
MG MG W . 8.82 10.35 29.85
PG ATP X . 6.70 10.78 32.15
O1G ATP X . 7.22 10.75 30.75
O2G ATP X . 5.47 11.68 32.35
O3G ATP X . 6.33 9.33 32.54
PB ATP X . 9.44 10.82 33.00
O1B ATP X . 10.19 10.99 34.24
O2B ATP X . 10.05 10.88 31.61
O3B ATP X . 7.89 11.10 33.22
PA ATP X . 10.58 13.59 32.34
O1A ATP X . 11.98 13.11 32.30
O2A ATP X . 10.03 13.88 30.95
O3A ATP X . 9.76 12.44 33.18
O5' ATP X . 10.57 14.87 33.28
C5' ATP X . 9.67 15.89 33.00
C4' ATP X . 9.86 17.10 33.92
O4' ATP X . 9.69 16.82 35.31
C3' ATP X . 11.20 17.78 33.79
O3' ATP X . 11.17 18.69 32.68
C2' ATP X . 11.39 18.43 35.16
O2' ATP X . 10.81 19.69 35.34
C1' ATP X . 10.76 17.42 36.07
N9 ATP X . 11.55 16.27 36.64
C8 ATP X . 12.29 15.34 35.94
N7 ATP X . 12.82 14.50 36.81
C5 ATP X . 12.47 14.83 38.09
C6 ATP X . 12.70 14.35 39.39
N6 ATP X . 13.40 13.26 39.70
N1 ATP X . 12.13 14.99 40.47
C2 ATP X . 11.33 16.12 40.32
N3 ATP X . 11.09 16.61 39.06
C4 ATP X . 11.65 15.97 37.97
#